data_9FMU
#
_entry.id   9FMU
#
_cell.length_a   1.00
_cell.length_b   1.00
_cell.length_c   1.00
_cell.angle_alpha   90.00
_cell.angle_beta   90.00
_cell.angle_gamma   90.00
#
_symmetry.space_group_name_H-M   'P 1'
#
loop_
_entity.id
_entity.type
_entity.pdbx_description
1 polymer Hemopressin
2 polymer Spinorphin
3 polymer 'Isoform 2 of Haptoglobin'
4 polymer 'Scavenger receptor cysteine-rich type 1 protein M130'
5 non-polymer 'PROTOPORPHYRIN IX CONTAINING FE'
6 non-polymer 2-acetamido-2-deoxy-beta-D-glucopyranose
7 non-polymer 'CALCIUM ION'
#
loop_
_entity_poly.entity_id
_entity_poly.type
_entity_poly.pdbx_seq_one_letter_code
_entity_poly.pdbx_strand_id
1 'polypeptide(L)'
;MVLSPADKTNVKAAWGKVGAHAGEYGAEALERMFLSFPTTKTYFPHFDLSHGSAQVKGHGKKVADALTNAVAHVDDMPNA
LSALSDLHAHKLRVDPVNFKLLSHCLLVTLAAHLPAEFTPAVHASLDKFLASVSTVLTSKYR
;
A
2 'polypeptide(L)'
;MVHLTPEEKSAVTALWGKVNVDEVGGEALGRLLVVYPWTQRFFESFGDLSTPDAVMGNPKVKAHGKKVLGAFSDGLAHLD
NLKGTFATLSELHCDKLHVDPENFRLLGNVLVCVLAHHFGKEFTPPVQAAYQKVVAGVANALAHKYH
;
B
3 'polypeptide(L)'
;MSALGAVIALLLWGQLFAVDSGNDVTDIADDGCPKPPEIAHGYVEHSVRYQCKNYYKLRTEGDGVYTLNNEKQWINKAVG
DKLPECEAVCGKPKNPANPVQRILGGHLDAKGSFPWQAKMVSHHNLTTGATLINEQWLLTTAKNLFLNHSENATAKDIAP
TLTLYVGKKQLVEIEKVVLHPNYSQVDIGLIKLKQKVSVNERVMPICLPSKDYAEVGRVGYVSGWGRNANFKFTDHLKYV
MLPVADQDQCIRHYEGSTVPEKKTPKSPVGVQPILNEHTFCAGMSKYQEDTCYGDAGSAFAVHDLEEDTWYATGILSFDK
SCAVAEYGVYVKVTSIQDWVQKTIAEN
;
C
4 'polypeptide(L)'
;MSKLRMVLLEDSGSADFRRHFVNLSPFTITVVLLLSACFVTSSLGGTDKELRLVDGENKCSGRVEVKVQEEWGTVCNNGW
SMEAVSVICNQLGCPTAIKAPGWANSSAGSGRIWMDHVSCRGNESALWDCKHDGWGKHSNCTHQQDAGVTCSDGSNLEMR
LTRGGNMCSGRIEIKFQGRWGTVCDDNFNIDHASVICRQLECGSAVSFSGSSNFGEGSGPIWFDDLICNGNESALWNCKH
QGWGKHNCDHAEDAGVICSKGADLSLRLVDGVTECSGRLEVRFQGEWGTICDDGWDSYDAAVACKQLGCPTAVTAIGRVN
ASKGFGHIWLDSVSCQGHEPAIWQCKHHEWGKHYCNHNEDAGVTCSDGSDLELRLRGGGSRCAGTVEVEIQRLLGKVCDR
GWGLKEADVVCRQLGCGSALKTSYQVYSKIQATNTWLFLSSCNGNETSLWDCKNWQWGGLTCDHYEEAKITCSAHREPRL
VGGDIPCSGRVEVKHGDTWGSICDSDFSLEAASVLCRELQCGTVVSILGGAHFGEGNGQIWAEEFQCEGHESHLSLCPVA
PRPEGTCSHSRDVGVVCSRYTEIRLVNGKTPCEGRVELKTLGAWGSLCNSHWDIEDAHVLCQQLKCGVALSTPGGARFGK
GNGQIWRHMFHCTGTEQHMGDCPVTALGASLCPSEQVASVICSGNQSQTLSSCNSSSLGPTRPTIPEESAVACIESGQLR
LVNGGGRCAGRVEIYHEGSWGTICDDSWDLSDAHVVCRQLGCGEAINATGSAHFGEGTGPIWLDEMKCNGKESRIWQCHS
HGWGQQNCRHKEDAGVICSEFMSLRLTSEASREACAGRLEVFYNGAWGTVGKSSMSETTVGVVCRQLGCADKGKINPASL
DKAMSIPMWVDNVQCPKGPDTLWQCPSSPWEKRLASPSEETWITCDNKIRLQEGPTSCSGRVEIWHGGSWGTVCDDSWDL
DDAQVVCQQLGCGPALKAFKEAEFGQGTGPIWLNEVKCKGNESSLWDCPARRWGHSECGHKEDAAVNCTDISVQKT
;
D,E
#
loop_
_chem_comp.id
_chem_comp.type
_chem_comp.name
_chem_comp.formula
CA non-polymer 'CALCIUM ION' 'Ca 2'
HEM non-polymer 'PROTOPORPHYRIN IX CONTAINING FE' 'C34 H32 Fe N4 O4'
NAG D-saccharide, beta linking 2-acetamido-2-deoxy-beta-D-glucopyranose 'C8 H15 N O6'
#
# COMPACT_ATOMS: atom_id res chain seq x y z
N VAL A 2 -23.37 29.49 6.82
CA VAL A 2 -23.80 28.56 7.86
C VAL A 2 -22.76 28.32 8.95
N LEU A 3 -22.26 27.09 9.12
CA LEU A 3 -21.06 26.83 9.89
C LEU A 3 -21.20 27.39 11.31
N SER A 4 -21.99 26.66 12.10
CA SER A 4 -22.16 26.99 13.50
C SER A 4 -20.84 26.75 14.26
N PRO A 5 -20.74 27.22 15.50
CA PRO A 5 -19.61 26.81 16.34
C PRO A 5 -19.39 25.31 16.37
N ALA A 6 -20.48 24.56 16.54
CA ALA A 6 -20.41 23.10 16.56
C ALA A 6 -19.69 22.59 15.33
N ASP A 7 -20.19 22.96 14.14
CA ASP A 7 -19.54 22.57 12.90
C ASP A 7 -18.06 22.90 12.93
N LYS A 8 -17.72 24.15 13.24
CA LYS A 8 -16.33 24.59 13.13
C LYS A 8 -15.44 23.72 14.00
N THR A 9 -15.84 23.55 15.27
CA THR A 9 -15.12 22.69 16.19
C THR A 9 -14.93 21.30 15.61
N ASN A 10 -16.04 20.67 15.18
CA ASN A 10 -15.98 19.34 14.61
C ASN A 10 -14.98 19.25 13.46
N VAL A 11 -15.05 20.20 12.51
CA VAL A 11 -14.17 20.15 11.35
C VAL A 11 -12.72 20.28 11.77
N LYS A 12 -12.44 21.17 12.72
CA LYS A 12 -11.07 21.32 13.21
C LYS A 12 -10.59 20.03 13.86
N ALA A 13 -11.39 19.49 14.76
CA ALA A 13 -11.00 18.29 15.49
C ALA A 13 -10.78 17.12 14.55
N ALA A 14 -11.57 17.04 13.47
CA ALA A 14 -11.42 15.93 12.55
C ALA A 14 -10.23 16.14 11.64
N TRP A 15 -9.95 17.38 11.26
CA TRP A 15 -8.88 17.64 10.30
C TRP A 15 -7.52 17.61 10.97
N GLY A 16 -7.49 17.80 12.29
CA GLY A 16 -6.29 17.61 13.07
C GLY A 16 -5.87 16.15 13.07
N LYS A 17 -6.77 15.27 13.51
CA LYS A 17 -6.49 13.84 13.55
C LYS A 17 -6.05 13.27 12.21
N VAL A 18 -6.16 14.04 11.13
CA VAL A 18 -5.65 13.59 9.84
C VAL A 18 -4.16 13.87 9.76
N GLY A 19 -3.75 15.06 10.18
CA GLY A 19 -2.35 15.43 10.29
C GLY A 19 -1.58 15.30 9.00
N ALA A 20 -0.32 14.87 9.13
CA ALA A 20 0.59 14.76 8.00
C ALA A 20 0.12 13.81 6.91
N HIS A 21 -0.89 12.98 7.16
CA HIS A 21 -1.33 12.12 6.08
C HIS A 21 -2.21 12.85 5.08
N ALA A 22 -2.64 14.06 5.43
CA ALA A 22 -3.43 14.90 4.54
C ALA A 22 -2.87 14.97 3.13
N GLY A 23 -1.55 15.12 3.01
CA GLY A 23 -0.95 15.19 1.69
C GLY A 23 -1.21 13.95 0.88
N GLU A 24 -0.96 12.78 1.45
CA GLU A 24 -1.03 11.63 0.56
C GLU A 24 -2.49 11.39 0.22
N TYR A 25 -3.39 11.78 1.12
CA TYR A 25 -4.80 11.64 0.80
C TYR A 25 -5.15 12.60 -0.32
N GLY A 26 -4.67 13.84 -0.21
CA GLY A 26 -4.94 14.79 -1.27
C GLY A 26 -4.59 14.22 -2.64
N ALA A 27 -3.49 13.47 -2.70
CA ALA A 27 -3.11 12.92 -3.99
C ALA A 27 -4.02 11.76 -4.32
N GLU A 28 -4.29 10.92 -3.34
CA GLU A 28 -5.20 9.83 -3.58
C GLU A 28 -6.53 10.42 -4.03
N ALA A 29 -6.94 11.51 -3.38
CA ALA A 29 -8.19 12.13 -3.78
C ALA A 29 -8.12 12.52 -5.25
N LEU A 30 -7.06 13.25 -5.63
CA LEU A 30 -6.93 13.64 -7.02
C LEU A 30 -6.94 12.42 -7.93
N GLU A 31 -6.24 11.35 -7.55
CA GLU A 31 -6.19 10.22 -8.48
C GLU A 31 -7.61 9.72 -8.74
N ARG A 32 -8.38 9.54 -7.66
CA ARG A 32 -9.76 9.10 -7.80
C ARG A 32 -10.49 10.01 -8.77
N MET A 33 -10.27 11.31 -8.63
CA MET A 33 -10.98 12.29 -9.44
C MET A 33 -10.64 12.09 -10.92
N PHE A 34 -9.36 11.86 -11.23
CA PHE A 34 -8.98 11.67 -12.62
C PHE A 34 -9.56 10.38 -13.14
N LEU A 35 -9.78 9.43 -12.26
CA LEU A 35 -10.35 8.15 -12.64
C LEU A 35 -11.85 8.29 -12.76
N SER A 36 -12.47 9.04 -11.85
CA SER A 36 -13.92 9.20 -11.89
C SER A 36 -14.37 10.13 -13.01
N PHE A 37 -13.76 11.31 -13.14
CA PHE A 37 -14.21 12.30 -14.11
C PHE A 37 -13.13 12.69 -15.10
N PRO A 38 -12.89 11.85 -16.12
CA PRO A 38 -11.73 12.06 -17.01
C PRO A 38 -11.66 13.43 -17.64
N THR A 39 -12.75 14.21 -17.63
CA THR A 39 -12.72 15.50 -18.30
C THR A 39 -11.85 16.47 -17.53
N THR A 40 -11.70 16.24 -16.22
CA THR A 40 -10.88 17.15 -15.45
C THR A 40 -9.42 17.02 -15.85
N LYS A 41 -9.07 15.96 -16.59
CA LYS A 41 -7.68 15.80 -16.98
C LYS A 41 -7.32 16.89 -17.97
N THR A 42 -8.32 17.46 -18.63
CA THR A 42 -8.07 18.48 -19.63
C THR A 42 -7.63 19.79 -18.97
N TYR A 43 -7.64 19.83 -17.64
CA TYR A 43 -7.14 20.98 -16.89
C TYR A 43 -5.67 20.85 -16.52
N PHE A 44 -5.09 19.65 -16.67
CA PHE A 44 -3.72 19.36 -16.25
C PHE A 44 -2.94 18.80 -17.44
N PRO A 45 -2.75 19.60 -18.51
CA PRO A 45 -2.19 19.02 -19.74
C PRO A 45 -0.80 18.44 -19.52
N HIS A 46 0.10 19.19 -18.90
CA HIS A 46 1.51 18.83 -18.90
C HIS A 46 1.87 17.91 -17.74
N PHE A 47 0.93 17.70 -16.81
CA PHE A 47 1.15 16.79 -15.69
C PHE A 47 1.20 15.34 -16.14
N ASP A 48 2.08 14.56 -15.51
CA ASP A 48 1.98 13.11 -15.58
C ASP A 48 0.86 12.65 -14.66
N LEU A 49 -0.17 12.02 -15.24
CA LEU A 49 -1.38 11.69 -14.48
C LEU A 49 -1.38 10.25 -13.97
N SER A 50 -0.31 9.49 -14.19
CA SER A 50 -0.31 8.08 -13.87
C SER A 50 -0.35 7.88 -12.36
N HIS A 51 -0.28 6.63 -11.94
CA HIS A 51 -0.45 6.30 -10.53
C HIS A 51 0.72 6.84 -9.72
N GLY A 52 0.38 7.55 -8.64
CA GLY A 52 1.38 8.07 -7.72
C GLY A 52 2.42 8.98 -8.34
N SER A 53 2.08 9.62 -9.47
CA SER A 53 2.98 10.56 -10.12
C SER A 53 3.44 11.63 -9.13
N ALA A 54 4.74 11.91 -9.13
CA ALA A 54 5.29 12.94 -8.27
C ALA A 54 4.59 14.29 -8.44
N GLN A 55 4.24 14.66 -9.67
CA GLN A 55 3.57 15.95 -9.88
C GLN A 55 2.20 15.96 -9.21
N VAL A 56 1.41 14.91 -9.44
CA VAL A 56 0.15 14.74 -8.71
C VAL A 56 0.40 14.74 -7.22
N LYS A 57 1.39 13.98 -6.75
CA LYS A 57 1.58 13.81 -5.31
C LYS A 57 1.92 15.14 -4.66
N GLY A 58 2.71 15.96 -5.34
CA GLY A 58 3.10 17.23 -4.76
C GLY A 58 1.96 18.23 -4.81
N HIS A 59 1.30 18.35 -5.97
CA HIS A 59 0.14 19.23 -6.01
C HIS A 59 -0.85 18.84 -4.90
N GLY A 60 -1.02 17.53 -4.68
CA GLY A 60 -1.86 17.09 -3.59
C GLY A 60 -1.33 17.52 -2.23
N LYS A 61 -0.01 17.59 -2.10
CA LYS A 61 0.55 18.04 -0.82
C LYS A 61 0.25 19.51 -0.64
N LYS A 62 0.16 20.23 -1.76
CA LYS A 62 -0.15 21.64 -1.73
C LYS A 62 -1.60 21.84 -1.32
N VAL A 63 -2.51 21.15 -2.01
CA VAL A 63 -3.91 21.31 -1.63
C VAL A 63 -4.10 20.92 -0.17
N ALA A 64 -3.42 19.86 0.28
CA ALA A 64 -3.46 19.51 1.70
C ALA A 64 -3.01 20.65 2.60
N ASP A 65 -1.90 21.32 2.27
CA ASP A 65 -1.39 22.24 3.28
C ASP A 65 -2.23 23.50 3.26
N ALA A 66 -2.64 23.92 2.06
CA ALA A 66 -3.65 24.97 1.90
C ALA A 66 -4.85 24.69 2.78
N LEU A 67 -5.39 23.47 2.72
CA LEU A 67 -6.56 23.13 3.52
C LEU A 67 -6.25 23.24 5.01
N THR A 68 -5.10 22.72 5.43
CA THR A 68 -4.77 22.81 6.85
C THR A 68 -4.69 24.26 7.27
N ASN A 69 -4.13 25.10 6.39
CA ASN A 69 -4.02 26.53 6.65
C ASN A 69 -5.41 27.10 6.86
N ALA A 70 -6.32 26.75 5.94
CA ALA A 70 -7.69 27.21 5.98
C ALA A 70 -8.33 26.89 7.31
N VAL A 71 -8.11 25.66 7.80
CA VAL A 71 -8.76 25.26 9.04
C VAL A 71 -8.06 25.88 10.24
N ALA A 72 -6.80 26.27 10.10
CA ALA A 72 -6.09 26.92 11.19
C ALA A 72 -6.75 28.25 11.57
N HIS A 73 -7.00 29.11 10.58
CA HIS A 73 -7.93 30.22 10.71
C HIS A 73 -9.10 30.07 9.73
N VAL A 74 -10.18 29.47 10.23
CA VAL A 74 -11.36 29.17 9.42
C VAL A 74 -12.37 30.31 9.42
N ASP A 75 -12.26 31.23 10.37
CA ASP A 75 -13.26 32.28 10.52
C ASP A 75 -13.09 33.41 9.51
N ASP A 76 -11.94 33.50 8.84
CA ASP A 76 -11.82 34.29 7.61
C ASP A 76 -11.10 33.45 6.56
N MET A 77 -11.87 32.84 5.66
CA MET A 77 -11.33 32.14 4.49
C MET A 77 -10.88 33.03 3.34
N PRO A 78 -11.61 34.09 2.97
CA PRO A 78 -11.24 34.81 1.75
C PRO A 78 -9.91 35.55 1.79
N ASN A 79 -9.51 36.11 2.94
CA ASN A 79 -8.15 36.64 3.01
C ASN A 79 -7.09 35.56 2.80
N ALA A 80 -7.18 34.46 3.55
CA ALA A 80 -6.23 33.37 3.41
C ALA A 80 -6.16 32.83 1.99
N LEU A 81 -7.31 32.61 1.36
CA LEU A 81 -7.33 31.97 0.05
C LEU A 81 -7.35 32.93 -1.12
N SER A 82 -7.24 34.23 -0.87
CA SER A 82 -7.37 35.22 -1.93
C SER A 82 -6.47 34.91 -3.12
N ALA A 83 -5.19 34.67 -2.88
CA ALA A 83 -4.30 34.39 -4.00
C ALA A 83 -4.69 33.11 -4.73
N LEU A 84 -5.32 32.16 -4.03
CA LEU A 84 -5.76 31.00 -4.77
C LEU A 84 -7.07 31.31 -5.47
N SER A 85 -7.85 32.23 -4.89
CA SER A 85 -9.06 32.70 -5.56
C SER A 85 -8.66 33.14 -6.96
N ASP A 86 -7.69 34.06 -7.03
CA ASP A 86 -7.39 34.67 -8.31
C ASP A 86 -6.68 33.66 -9.19
N LEU A 87 -5.96 32.72 -8.59
CA LEU A 87 -5.13 31.82 -9.38
C LEU A 87 -6.03 30.87 -10.17
N HIS A 88 -7.01 30.27 -9.49
CA HIS A 88 -7.90 29.35 -10.18
C HIS A 88 -9.00 30.08 -10.93
N ALA A 89 -9.56 31.12 -10.31
CA ALA A 89 -10.67 31.87 -10.88
C ALA A 89 -10.33 32.51 -12.22
N HIS A 90 -9.30 33.36 -12.24
CA HIS A 90 -9.06 34.23 -13.39
C HIS A 90 -8.13 33.56 -14.39
N LYS A 91 -6.89 33.29 -13.97
CA LYS A 91 -5.88 32.77 -14.88
C LYS A 91 -6.31 31.43 -15.46
N LEU A 92 -6.59 30.46 -14.59
CA LEU A 92 -6.89 29.10 -15.00
C LEU A 92 -8.33 28.91 -15.47
N ARG A 93 -9.26 29.79 -15.09
CA ARG A 93 -10.68 29.65 -15.39
C ARG A 93 -11.18 28.21 -15.24
N VAL A 94 -11.28 27.74 -14.01
CA VAL A 94 -11.72 26.40 -13.69
C VAL A 94 -13.23 26.36 -13.46
N ASP A 95 -13.93 25.52 -14.21
CA ASP A 95 -15.39 25.39 -14.17
C ASP A 95 -15.90 24.91 -12.82
N PRO A 96 -16.71 25.71 -12.12
CA PRO A 96 -17.13 25.41 -10.74
C PRO A 96 -17.65 24.02 -10.40
N VAL A 97 -18.06 23.20 -11.38
CA VAL A 97 -18.46 21.83 -11.04
C VAL A 97 -17.29 21.02 -10.51
N ASN A 98 -16.07 21.40 -10.90
CA ASN A 98 -14.95 20.53 -10.59
C ASN A 98 -14.61 20.59 -9.11
N PHE A 99 -14.76 21.77 -8.49
CA PHE A 99 -14.50 21.83 -7.06
C PHE A 99 -15.42 20.89 -6.30
N LYS A 100 -16.67 20.76 -6.73
CA LYS A 100 -17.58 19.89 -6.01
C LYS A 100 -17.27 18.44 -6.28
N LEU A 101 -16.74 18.16 -7.47
CA LEU A 101 -16.22 16.83 -7.75
C LEU A 101 -15.09 16.48 -6.79
N LEU A 102 -14.02 17.26 -6.82
CA LEU A 102 -12.88 16.95 -5.97
C LEU A 102 -13.28 16.95 -4.50
N SER A 103 -14.19 17.84 -4.11
CA SER A 103 -14.71 17.86 -2.75
C SER A 103 -15.27 16.50 -2.36
N HIS A 104 -16.03 15.90 -3.26
CA HIS A 104 -16.71 14.66 -2.91
C HIS A 104 -15.75 13.49 -2.93
N CYS A 105 -14.92 13.40 -3.98
CA CYS A 105 -13.82 12.46 -3.95
C CYS A 105 -12.98 12.56 -2.68
N LEU A 106 -12.68 13.79 -2.23
CA LEU A 106 -11.97 13.98 -0.96
C LEU A 106 -12.77 13.50 0.24
N LEU A 107 -14.09 13.44 0.12
CA LEU A 107 -14.86 12.94 1.24
C LEU A 107 -14.84 11.42 1.24
N VAL A 108 -14.95 10.84 0.06
CA VAL A 108 -14.82 9.40 -0.07
C VAL A 108 -13.46 8.96 0.45
N THR A 109 -12.40 9.66 0.04
CA THR A 109 -11.05 9.30 0.46
C THR A 109 -10.91 9.34 1.98
N LEU A 110 -11.31 10.46 2.61
CA LEU A 110 -11.20 10.48 4.07
C LEU A 110 -12.07 9.42 4.71
N ALA A 111 -13.22 9.11 4.12
CA ALA A 111 -14.06 8.08 4.72
C ALA A 111 -13.32 6.75 4.70
N ALA A 112 -12.90 6.33 3.50
CA ALA A 112 -12.23 5.06 3.32
C ALA A 112 -11.04 4.89 4.25
N HIS A 113 -10.17 5.91 4.30
CA HIS A 113 -8.94 5.71 5.05
C HIS A 113 -9.09 5.94 6.55
N LEU A 114 -10.16 6.60 7.00
CA LEU A 114 -10.29 6.98 8.41
C LEU A 114 -11.68 6.63 8.95
N PRO A 115 -12.08 5.36 8.84
CA PRO A 115 -13.45 4.94 9.21
C PRO A 115 -13.99 5.42 10.55
N ALA A 116 -13.17 5.42 11.60
CA ALA A 116 -13.66 5.63 12.96
C ALA A 116 -14.11 7.05 13.24
N GLU A 117 -13.58 8.04 12.55
CA GLU A 117 -13.91 9.44 12.82
C GLU A 117 -15.05 9.98 11.98
N PHE A 118 -15.54 9.21 11.01
CA PHE A 118 -16.46 9.65 9.97
C PHE A 118 -17.94 9.59 10.39
N THR A 119 -18.24 9.60 11.69
CA THR A 119 -19.59 9.72 12.23
C THR A 119 -20.40 10.81 11.51
N PRO A 120 -21.72 10.65 11.37
CA PRO A 120 -22.52 11.61 10.59
C PRO A 120 -22.30 13.08 10.87
N ALA A 121 -22.27 13.50 12.14
CA ALA A 121 -22.05 14.91 12.45
C ALA A 121 -20.82 15.46 11.71
N VAL A 122 -19.75 14.66 11.63
CA VAL A 122 -18.57 15.21 10.97
C VAL A 122 -18.78 15.19 9.47
N HIS A 123 -19.40 14.14 8.92
CA HIS A 123 -19.60 14.10 7.48
C HIS A 123 -20.36 15.35 7.04
N ALA A 124 -21.32 15.75 7.88
CA ALA A 124 -22.12 16.96 7.72
C ALA A 124 -21.24 18.19 7.69
N SER A 125 -20.60 18.48 8.83
CA SER A 125 -19.86 19.74 8.90
C SER A 125 -18.64 19.73 8.00
N LEU A 126 -18.15 18.57 7.59
CA LEU A 126 -17.05 18.52 6.64
C LEU A 126 -17.54 18.90 5.26
N ASP A 127 -18.76 18.46 4.92
CA ASP A 127 -19.28 18.77 3.60
C ASP A 127 -19.62 20.24 3.53
N LYS A 128 -20.19 20.77 4.61
CA LYS A 128 -20.44 22.21 4.69
C LYS A 128 -19.13 22.99 4.54
N PHE A 129 -18.09 22.57 5.27
CA PHE A 129 -16.79 23.24 5.23
C PHE A 129 -16.21 23.29 3.82
N LEU A 130 -16.17 22.13 3.14
CA LEU A 130 -15.68 22.11 1.77
C LEU A 130 -16.61 22.85 0.82
N ALA A 131 -17.90 22.93 1.14
CA ALA A 131 -18.76 23.81 0.37
C ALA A 131 -18.23 25.23 0.47
N SER A 132 -18.25 25.77 1.68
CA SER A 132 -17.82 27.14 1.95
C SER A 132 -16.49 27.47 1.27
N VAL A 133 -15.54 26.54 1.29
CA VAL A 133 -14.28 26.83 0.60
C VAL A 133 -14.50 26.85 -0.91
N SER A 134 -15.13 25.81 -1.47
CA SER A 134 -15.18 25.76 -2.92
C SER A 134 -15.94 26.97 -3.44
N THR A 135 -16.84 27.51 -2.61
CA THR A 135 -17.53 28.74 -2.94
C THR A 135 -16.54 29.87 -2.99
N VAL A 136 -15.77 30.05 -1.91
CA VAL A 136 -14.93 31.23 -1.81
C VAL A 136 -14.00 31.26 -3.01
N LEU A 137 -13.60 30.07 -3.49
CA LEU A 137 -12.78 29.98 -4.69
C LEU A 137 -13.58 30.32 -5.94
N THR A 138 -14.85 29.94 -5.99
CA THR A 138 -15.64 30.17 -7.20
C THR A 138 -16.16 31.60 -7.34
N SER A 139 -16.38 32.31 -6.24
CA SER A 139 -17.15 33.55 -6.33
C SER A 139 -16.47 34.63 -7.17
N LYS A 140 -15.21 34.48 -7.54
CA LYS A 140 -14.57 35.41 -8.44
C LYS A 140 -14.57 34.93 -9.88
N TYR A 141 -15.28 33.85 -10.17
CA TYR A 141 -15.48 33.38 -11.54
C TYR A 141 -16.16 34.43 -12.39
N ARG A 142 -15.88 34.37 -13.69
CA ARG A 142 -16.53 35.23 -14.68
C ARG A 142 -16.27 34.67 -16.06
N VAL B 2 -22.10 4.46 -21.58
CA VAL B 2 -21.53 3.40 -22.40
C VAL B 2 -21.68 2.08 -21.63
N HIS B 3 -21.45 0.96 -22.32
CA HIS B 3 -21.51 -0.33 -21.66
C HIS B 3 -20.39 -0.49 -20.65
N LEU B 4 -20.69 -1.20 -19.56
CA LEU B 4 -19.72 -1.49 -18.52
C LEU B 4 -18.84 -2.68 -18.89
N THR B 5 -17.52 -2.47 -18.80
CA THR B 5 -16.58 -3.55 -19.05
C THR B 5 -16.84 -4.68 -18.05
N PRO B 6 -16.73 -5.94 -18.47
CA PRO B 6 -17.02 -7.07 -17.56
C PRO B 6 -16.35 -7.09 -16.20
N GLU B 7 -15.08 -6.71 -16.04
CA GLU B 7 -14.53 -6.78 -14.70
C GLU B 7 -14.98 -5.65 -13.77
N GLU B 8 -15.50 -4.56 -14.33
CA GLU B 8 -16.14 -3.56 -13.47
C GLU B 8 -17.46 -4.09 -12.94
N LYS B 9 -18.35 -4.52 -13.83
CA LYS B 9 -19.64 -5.03 -13.36
C LYS B 9 -19.43 -6.23 -12.45
N SER B 10 -18.39 -7.02 -12.69
CA SER B 10 -18.16 -8.21 -11.87
C SER B 10 -17.69 -7.82 -10.47
N ALA B 11 -16.75 -6.88 -10.37
CA ALA B 11 -16.30 -6.42 -9.06
C ALA B 11 -17.43 -5.72 -8.33
N VAL B 12 -18.29 -5.02 -9.07
CA VAL B 12 -19.44 -4.35 -8.47
C VAL B 12 -20.39 -5.38 -7.90
N THR B 13 -20.81 -6.34 -8.72
CA THR B 13 -21.82 -7.29 -8.25
C THR B 13 -21.27 -8.10 -7.09
N ALA B 14 -20.02 -8.57 -7.20
CA ALA B 14 -19.46 -9.38 -6.12
C ALA B 14 -19.38 -8.57 -4.83
N LEU B 15 -19.13 -7.26 -4.95
CA LEU B 15 -19.10 -6.45 -3.74
C LEU B 15 -20.50 -6.27 -3.21
N TRP B 16 -21.46 -6.02 -4.10
CA TRP B 16 -22.82 -5.80 -3.62
C TRP B 16 -23.31 -7.07 -2.96
N GLY B 17 -22.80 -8.22 -3.42
CA GLY B 17 -23.06 -9.46 -2.75
C GLY B 17 -22.58 -9.39 -1.32
N LYS B 18 -21.37 -8.83 -1.14
CA LYS B 18 -20.85 -8.81 0.21
C LYS B 18 -21.49 -7.69 1.03
N VAL B 19 -22.28 -6.83 0.39
CA VAL B 19 -22.87 -5.67 1.04
C VAL B 19 -24.04 -6.11 1.91
N ASN B 20 -23.99 -5.79 3.20
CA ASN B 20 -25.08 -6.16 4.08
C ASN B 20 -26.29 -5.33 3.69
N VAL B 21 -27.37 -6.01 3.27
CA VAL B 21 -28.51 -5.33 2.68
C VAL B 21 -29.57 -4.86 3.67
N ASP B 22 -29.42 -5.16 4.97
CA ASP B 22 -30.41 -4.68 5.92
C ASP B 22 -30.05 -3.40 6.69
N GLU B 23 -28.84 -2.86 6.53
CA GLU B 23 -28.53 -1.68 7.35
C GLU B 23 -28.07 -0.50 6.49
N VAL B 24 -27.03 -0.70 5.68
CA VAL B 24 -26.36 0.35 4.92
C VAL B 24 -27.31 1.32 4.24
N GLY B 25 -28.30 0.81 3.49
CA GLY B 25 -29.19 1.70 2.77
C GLY B 25 -29.89 2.69 3.69
N GLY B 26 -30.32 2.22 4.87
CA GLY B 26 -31.05 3.11 5.74
C GLY B 26 -30.14 4.14 6.36
N GLU B 27 -28.87 3.78 6.54
CA GLU B 27 -27.93 4.74 7.11
C GLU B 27 -27.56 5.77 6.06
N ALA B 28 -27.45 5.34 4.81
CA ALA B 28 -27.18 6.28 3.73
C ALA B 28 -28.34 7.25 3.59
N LEU B 29 -29.56 6.74 3.75
CA LEU B 29 -30.72 7.60 3.56
C LEU B 29 -30.74 8.62 4.68
N GLY B 30 -30.66 8.16 5.93
CA GLY B 30 -30.71 9.09 7.05
C GLY B 30 -29.52 10.02 7.06
N ARG B 31 -28.47 9.66 6.33
CA ARG B 31 -27.31 10.52 6.25
C ARG B 31 -27.60 11.64 5.27
N LEU B 32 -28.18 11.29 4.12
CA LEU B 32 -28.73 12.30 3.23
C LEU B 32 -29.62 13.28 4.01
N LEU B 33 -30.53 12.74 4.81
CA LEU B 33 -31.36 13.57 5.70
C LEU B 33 -30.54 14.50 6.59
N VAL B 34 -29.40 14.02 7.09
CA VAL B 34 -28.70 14.85 8.07
C VAL B 34 -27.84 15.92 7.37
N VAL B 35 -27.12 15.56 6.31
CA VAL B 35 -26.22 16.50 5.65
C VAL B 35 -26.98 17.54 4.84
N TYR B 36 -28.05 17.15 4.15
CA TYR B 36 -28.85 18.09 3.37
C TYR B 36 -30.30 18.11 3.88
N PRO B 37 -30.52 18.73 5.04
CA PRO B 37 -31.79 18.57 5.76
C PRO B 37 -33.04 18.89 4.96
N TRP B 38 -32.95 19.51 3.79
CA TRP B 38 -34.17 19.90 3.11
C TRP B 38 -34.89 18.71 2.51
N THR B 39 -34.22 17.57 2.39
CA THR B 39 -34.94 16.43 1.88
C THR B 39 -35.92 15.91 2.91
N GLN B 40 -35.74 16.26 4.19
CA GLN B 40 -36.72 15.81 5.18
C GLN B 40 -38.12 16.16 4.72
N ARG B 41 -38.27 17.23 3.93
CA ARG B 41 -39.62 17.65 3.55
C ARG B 41 -40.40 16.52 2.89
N PHE B 42 -39.71 15.69 2.12
CA PHE B 42 -40.43 14.65 1.40
C PHE B 42 -40.77 13.51 2.32
N PHE B 43 -39.99 13.33 3.36
CA PHE B 43 -40.13 12.23 4.28
C PHE B 43 -40.76 12.72 5.56
N GLU B 44 -41.14 14.01 5.62
CA GLU B 44 -41.50 14.58 6.93
C GLU B 44 -42.72 13.92 7.58
N SER B 45 -43.44 13.05 6.87
CA SER B 45 -44.48 12.26 7.52
C SER B 45 -43.94 11.33 8.60
N PHE B 46 -42.62 11.08 8.61
CA PHE B 46 -42.06 10.13 9.55
C PHE B 46 -42.15 10.65 10.99
N GLY B 47 -41.78 11.90 11.19
CA GLY B 47 -41.67 12.47 12.52
C GLY B 47 -40.57 13.52 12.53
N ASP B 48 -39.98 13.72 13.70
CA ASP B 48 -38.84 14.63 13.82
C ASP B 48 -37.62 14.05 13.12
N LEU B 49 -37.12 14.75 12.10
CA LEU B 49 -35.87 14.37 11.48
C LEU B 49 -34.75 15.34 11.86
N SER B 50 -34.40 15.43 13.14
CA SER B 50 -33.53 16.50 13.61
C SER B 50 -32.21 15.98 14.17
N THR B 51 -32.24 15.17 15.21
CA THR B 51 -31.03 14.59 15.76
C THR B 51 -30.57 13.40 14.92
N PRO B 52 -29.29 13.03 15.02
CA PRO B 52 -28.85 11.82 14.31
C PRO B 52 -29.40 10.55 14.93
N ASP B 53 -29.67 10.56 16.22
CA ASP B 53 -30.18 9.35 16.85
C ASP B 53 -31.62 9.08 16.41
N ALA B 54 -32.44 10.13 16.36
CA ALA B 54 -33.81 9.99 15.87
C ALA B 54 -33.84 9.45 14.44
N VAL B 55 -33.10 10.11 13.53
CA VAL B 55 -33.05 9.65 12.14
C VAL B 55 -32.62 8.18 12.08
N MET B 56 -31.50 7.84 12.71
CA MET B 56 -30.99 6.47 12.62
C MET B 56 -31.95 5.45 13.23
N GLY B 57 -32.66 5.81 14.31
CA GLY B 57 -33.60 4.88 14.91
C GLY B 57 -34.94 4.66 14.22
N ASN B 58 -35.53 5.71 13.65
CA ASN B 58 -36.90 5.64 13.16
C ASN B 58 -37.11 4.51 12.15
N PRO B 59 -37.95 3.52 12.46
CA PRO B 59 -38.01 2.31 11.61
C PRO B 59 -38.45 2.59 10.17
N LYS B 60 -39.10 3.71 9.91
CA LYS B 60 -39.55 3.97 8.54
C LYS B 60 -38.43 4.50 7.68
N VAL B 61 -37.35 4.98 8.29
CA VAL B 61 -36.23 5.48 7.51
C VAL B 61 -35.53 4.28 6.90
N LYS B 62 -35.24 3.27 7.71
CA LYS B 62 -34.55 2.12 7.19
C LYS B 62 -35.50 1.31 6.31
N ALA B 63 -36.80 1.33 6.63
CA ALA B 63 -37.75 0.62 5.77
C ALA B 63 -37.70 1.18 4.36
N HIS B 64 -37.67 2.51 4.24
CA HIS B 64 -37.58 3.06 2.91
C HIS B 64 -36.20 2.79 2.31
N GLY B 65 -35.14 3.13 3.03
CA GLY B 65 -33.82 2.87 2.47
C GLY B 65 -33.69 1.44 1.97
N LYS B 66 -34.21 0.48 2.72
CA LYS B 66 -34.11 -0.92 2.31
C LYS B 66 -34.78 -1.12 0.95
N LYS B 67 -36.04 -0.68 0.85
CA LYS B 67 -36.74 -0.84 -0.43
C LYS B 67 -36.01 -0.15 -1.57
N VAL B 68 -35.39 1.01 -1.31
CA VAL B 68 -34.68 1.71 -2.38
C VAL B 68 -33.41 0.95 -2.74
N LEU B 69 -32.67 0.47 -1.74
CA LEU B 69 -31.46 -0.30 -2.04
C LEU B 69 -31.82 -1.54 -2.84
N GLY B 70 -32.93 -2.20 -2.51
CA GLY B 70 -33.37 -3.31 -3.35
C GLY B 70 -33.56 -2.85 -4.78
N ALA B 71 -34.37 -1.81 -4.98
CA ALA B 71 -34.57 -1.24 -6.31
C ALA B 71 -33.24 -1.03 -7.02
N PHE B 72 -32.23 -0.57 -6.28
CA PHE B 72 -30.90 -0.42 -6.84
C PHE B 72 -30.29 -1.77 -7.17
N SER B 73 -30.56 -2.80 -6.35
CA SER B 73 -30.03 -4.10 -6.70
C SER B 73 -30.59 -4.49 -8.06
N ASP B 74 -31.86 -4.13 -8.31
CA ASP B 74 -32.50 -4.46 -9.57
C ASP B 74 -31.82 -3.68 -10.68
N GLY B 75 -31.31 -2.50 -10.32
CA GLY B 75 -30.61 -1.68 -11.29
C GLY B 75 -29.33 -2.38 -11.71
N LEU B 76 -28.52 -2.74 -10.71
CA LEU B 76 -27.26 -3.44 -10.95
C LEU B 76 -27.50 -4.73 -11.69
N ALA B 77 -28.70 -5.29 -11.52
CA ALA B 77 -29.11 -6.51 -12.21
C ALA B 77 -29.13 -6.28 -13.72
N HIS B 78 -29.91 -5.30 -14.17
CA HIS B 78 -29.98 -4.95 -15.58
C HIS B 78 -29.47 -3.54 -15.78
N LEU B 79 -28.21 -3.44 -16.22
CA LEU B 79 -27.57 -2.13 -16.32
C LEU B 79 -27.70 -1.48 -17.68
N ASP B 80 -28.10 -2.20 -18.68
CA ASP B 80 -28.31 -1.52 -19.95
C ASP B 80 -29.69 -0.90 -20.11
N ASN B 81 -30.75 -1.60 -19.69
CA ASN B 81 -32.08 -1.00 -19.62
C ASN B 81 -32.57 -0.65 -18.21
N LEU B 82 -32.19 0.51 -17.71
CA LEU B 82 -32.61 1.04 -16.41
C LEU B 82 -33.93 1.80 -16.49
N LYS B 83 -34.11 2.57 -17.56
CA LYS B 83 -35.30 3.39 -17.75
C LYS B 83 -36.58 2.56 -17.58
N GLY B 84 -36.72 1.48 -18.34
CA GLY B 84 -37.96 0.75 -18.28
C GLY B 84 -38.20 0.14 -16.91
N THR B 85 -37.15 -0.44 -16.32
CA THR B 85 -37.28 -1.09 -15.02
C THR B 85 -37.74 -0.11 -13.94
N PHE B 86 -37.20 1.10 -13.93
CA PHE B 86 -37.54 2.12 -12.95
C PHE B 86 -38.61 3.10 -13.42
N ALA B 87 -39.15 2.91 -14.62
CA ALA B 87 -40.11 3.86 -15.18
C ALA B 87 -41.24 4.16 -14.21
N THR B 88 -41.81 3.13 -13.59
CA THR B 88 -42.88 3.38 -12.64
C THR B 88 -42.34 4.01 -11.36
N LEU B 89 -41.28 3.45 -10.77
CA LEU B 89 -40.74 4.11 -9.58
C LEU B 89 -40.39 5.56 -9.88
N SER B 90 -39.86 5.82 -11.08
CA SER B 90 -39.54 7.18 -11.47
C SER B 90 -40.79 8.03 -11.48
N GLU B 91 -41.91 7.41 -11.85
CA GLU B 91 -43.17 8.14 -11.87
C GLU B 91 -43.63 8.42 -10.45
N LEU B 92 -43.46 7.45 -9.55
CA LEU B 92 -43.92 7.61 -8.18
C LEU B 92 -43.22 8.80 -7.53
N HIS B 93 -41.89 8.83 -7.67
CA HIS B 93 -41.12 9.87 -7.01
C HIS B 93 -41.21 11.19 -7.77
N CYS B 94 -41.10 11.14 -9.09
CA CYS B 94 -41.05 12.31 -9.95
C CYS B 94 -42.42 12.91 -10.21
N ASP B 95 -43.39 12.07 -10.58
CA ASP B 95 -44.70 12.60 -10.98
C ASP B 95 -45.58 12.93 -9.79
N LYS B 96 -45.63 12.08 -8.77
CA LYS B 96 -46.46 12.31 -7.60
C LYS B 96 -45.77 13.17 -6.54
N LEU B 97 -44.51 12.87 -6.25
CA LEU B 97 -43.79 13.53 -5.16
C LEU B 97 -43.10 14.80 -5.64
N HIS B 98 -42.56 14.77 -6.85
CA HIS B 98 -41.78 15.86 -7.43
C HIS B 98 -40.48 16.13 -6.68
N VAL B 99 -39.78 15.05 -6.32
CA VAL B 99 -38.41 15.15 -5.85
C VAL B 99 -37.53 15.63 -7.01
N ASP B 100 -36.64 16.58 -6.73
CA ASP B 100 -35.70 17.00 -7.76
C ASP B 100 -34.63 15.95 -8.03
N PRO B 101 -34.49 15.48 -9.27
CA PRO B 101 -33.63 14.32 -9.56
C PRO B 101 -32.18 14.48 -9.15
N GLU B 102 -31.71 15.70 -8.88
CA GLU B 102 -30.34 15.90 -8.47
C GLU B 102 -30.09 15.36 -7.07
N ASN B 103 -31.12 15.27 -6.27
CA ASN B 103 -30.90 14.76 -4.93
C ASN B 103 -30.73 13.25 -4.97
N PHE B 104 -31.05 12.65 -6.12
CA PHE B 104 -30.76 11.24 -6.30
C PHE B 104 -29.26 11.06 -6.29
N ARG B 105 -28.56 11.94 -7.01
CA ARG B 105 -27.14 11.78 -7.07
C ARG B 105 -26.55 12.13 -5.72
N LEU B 106 -27.07 13.19 -5.09
CA LEU B 106 -26.63 13.48 -3.74
C LEU B 106 -26.75 12.25 -2.85
N LEU B 107 -27.88 11.54 -2.95
CA LEU B 107 -27.99 10.34 -2.13
C LEU B 107 -27.05 9.28 -2.66
N GLY B 108 -26.99 9.12 -3.97
CA GLY B 108 -26.06 8.15 -4.50
C GLY B 108 -24.65 8.45 -4.08
N ASN B 109 -24.29 9.73 -4.02
CA ASN B 109 -22.94 10.03 -3.56
C ASN B 109 -22.78 9.73 -2.09
N VAL B 110 -23.77 10.10 -1.26
CA VAL B 110 -23.61 9.76 0.14
C VAL B 110 -23.64 8.26 0.28
N LEU B 111 -24.36 7.59 -0.63
CA LEU B 111 -24.36 6.14 -0.63
C LEU B 111 -22.95 5.60 -0.85
N VAL B 112 -22.29 6.00 -1.94
CA VAL B 112 -20.94 5.51 -2.12
C VAL B 112 -20.06 5.81 -0.91
N CYS B 113 -20.30 6.96 -0.25
CA CYS B 113 -19.61 7.24 1.00
C CYS B 113 -19.90 6.20 2.07
N VAL B 114 -21.17 5.90 2.34
CA VAL B 114 -21.45 4.88 3.34
C VAL B 114 -20.88 3.55 2.86
N LEU B 115 -21.01 3.25 1.56
CA LEU B 115 -20.32 2.11 1.00
C LEU B 115 -18.84 2.11 1.34
N ALA B 116 -18.16 3.22 1.05
CA ALA B 116 -16.74 3.29 1.37
C ALA B 116 -16.52 3.16 2.86
N HIS B 117 -17.48 3.66 3.64
CA HIS B 117 -17.36 3.61 5.09
C HIS B 117 -17.28 2.17 5.56
N HIS B 118 -18.14 1.33 5.03
CA HIS B 118 -18.09 -0.05 5.48
C HIS B 118 -16.88 -0.77 4.92
N PHE B 119 -16.56 -0.55 3.63
CA PHE B 119 -15.53 -1.40 3.03
C PHE B 119 -14.10 -0.87 3.07
N GLY B 120 -13.85 0.26 3.71
CA GLY B 120 -12.46 0.67 3.93
C GLY B 120 -11.56 0.56 2.72
N LYS B 121 -10.33 0.13 2.97
CA LYS B 121 -9.32 0.00 1.92
C LYS B 121 -9.73 -0.94 0.79
N GLU B 122 -10.65 -1.88 1.02
CA GLU B 122 -10.97 -2.80 -0.07
C GLU B 122 -11.82 -2.14 -1.14
N PHE B 123 -12.40 -0.97 -0.83
CA PHE B 123 -13.11 -0.17 -1.81
C PHE B 123 -12.11 0.81 -2.43
N THR B 124 -11.58 0.42 -3.59
CA THR B 124 -10.43 0.94 -4.31
C THR B 124 -10.88 1.95 -5.37
N PRO B 125 -10.00 2.85 -5.80
CA PRO B 125 -10.38 3.86 -6.80
C PRO B 125 -11.04 3.29 -8.05
N PRO B 126 -10.58 2.16 -8.60
CA PRO B 126 -11.36 1.59 -9.72
C PRO B 126 -12.75 1.14 -9.32
N VAL B 127 -12.90 0.58 -8.13
CA VAL B 127 -14.21 0.11 -7.71
C VAL B 127 -15.14 1.29 -7.48
N GLN B 128 -14.64 2.34 -6.83
CA GLN B 128 -15.42 3.56 -6.72
C GLN B 128 -15.83 4.10 -8.09
N ALA B 129 -14.87 4.31 -8.99
CA ALA B 129 -15.21 4.80 -10.32
C ALA B 129 -16.28 3.95 -11.02
N ALA B 130 -16.27 2.65 -10.78
CA ALA B 130 -17.34 1.81 -11.32
C ALA B 130 -18.66 2.04 -10.60
N TYR B 131 -18.64 2.11 -9.27
CA TYR B 131 -19.92 2.30 -8.61
C TYR B 131 -20.47 3.69 -8.93
N GLN B 132 -19.58 4.66 -9.13
CA GLN B 132 -20.04 5.97 -9.54
C GLN B 132 -20.74 5.88 -10.88
N LYS B 133 -20.15 5.13 -11.82
CA LYS B 133 -20.80 4.93 -13.11
C LYS B 133 -22.18 4.30 -12.96
N VAL B 134 -22.31 3.37 -12.02
CA VAL B 134 -23.58 2.67 -11.86
C VAL B 134 -24.61 3.62 -11.28
N VAL B 135 -24.28 4.28 -10.16
CA VAL B 135 -25.25 5.12 -9.50
C VAL B 135 -25.52 6.35 -10.35
N ALA B 136 -24.66 6.63 -11.32
CA ALA B 136 -24.93 7.68 -12.29
C ALA B 136 -26.04 7.19 -13.22
N GLY B 137 -25.75 6.13 -13.97
CA GLY B 137 -26.75 5.60 -14.88
C GLY B 137 -28.10 5.46 -14.20
N VAL B 138 -28.09 5.04 -12.94
CA VAL B 138 -29.31 4.96 -12.13
C VAL B 138 -29.95 6.33 -11.98
N ALA B 139 -29.17 7.32 -11.53
CA ALA B 139 -29.72 8.64 -11.31
C ALA B 139 -30.35 9.20 -12.58
N ASN B 140 -29.70 8.97 -13.72
CA ASN B 140 -30.26 9.41 -15.00
C ASN B 140 -31.56 8.70 -15.33
N ALA B 141 -31.55 7.37 -15.36
CA ALA B 141 -32.79 6.66 -15.67
C ALA B 141 -33.91 7.08 -14.72
N LEU B 142 -33.58 7.26 -13.45
CA LEU B 142 -34.56 7.67 -12.46
C LEU B 142 -35.04 9.09 -12.74
N ALA B 143 -34.23 9.88 -13.45
CA ALA B 143 -34.53 11.26 -13.76
C ALA B 143 -35.16 11.41 -15.14
N HIS B 144 -35.41 10.29 -15.80
CA HIS B 144 -35.83 10.30 -17.20
C HIS B 144 -37.21 10.95 -17.38
N LYS B 145 -38.11 10.82 -16.41
CA LYS B 145 -39.42 11.43 -16.56
C LYS B 145 -39.30 12.94 -16.38
N TYR B 146 -40.30 13.68 -16.87
CA TYR B 146 -40.33 15.15 -16.69
C TYR B 146 -39.11 15.82 -17.32
N HIS B 147 -39.06 15.73 -18.65
CA HIS B 147 -38.11 16.52 -19.42
C HIS B 147 -38.66 17.93 -19.62
N VAL C 89 -51.59 42.48 -18.25
CA VAL C 89 -52.40 42.08 -17.10
C VAL C 89 -51.44 41.79 -15.97
N CYS C 90 -51.78 42.24 -14.76
CA CYS C 90 -50.87 41.99 -13.65
C CYS C 90 -51.33 40.82 -12.81
N GLY C 91 -50.36 40.10 -12.27
CA GLY C 91 -50.58 39.16 -11.19
C GLY C 91 -51.58 38.03 -11.29
N LYS C 92 -51.78 37.36 -12.42
CA LYS C 92 -52.71 36.23 -12.41
C LYS C 92 -52.19 34.91 -12.94
N PRO C 93 -51.21 34.31 -12.26
CA PRO C 93 -50.62 33.06 -12.75
C PRO C 93 -51.71 32.00 -12.88
N LYS C 94 -51.64 31.21 -13.95
CA LYS C 94 -52.63 30.15 -14.11
C LYS C 94 -52.59 29.16 -12.96
N ASN C 95 -51.40 28.73 -12.55
CA ASN C 95 -51.22 27.79 -11.45
C ASN C 95 -50.37 28.45 -10.37
N PRO C 96 -50.97 29.21 -9.47
CA PRO C 96 -50.17 29.91 -8.46
C PRO C 96 -49.52 28.92 -7.50
N ALA C 97 -48.38 29.34 -6.96
CA ALA C 97 -47.64 28.52 -6.01
C ALA C 97 -48.41 28.35 -4.72
N ASN C 98 -48.21 27.21 -4.06
CA ASN C 98 -48.87 26.94 -2.78
C ASN C 98 -48.45 27.96 -1.73
N ILE C 103 -29.97 28.51 -5.91
CA ILE C 103 -30.96 27.58 -5.39
C ILE C 103 -30.44 26.16 -5.46
N LEU C 104 -30.44 25.49 -4.31
CA LEU C 104 -30.08 24.08 -4.23
C LEU C 104 -31.02 23.32 -3.30
N GLY C 105 -32.28 23.74 -3.23
CA GLY C 105 -33.23 23.09 -2.34
C GLY C 105 -34.34 22.33 -3.04
N GLY C 106 -35.56 22.48 -2.55
CA GLY C 106 -36.74 21.86 -3.10
C GLY C 106 -37.63 22.85 -3.84
N HIS C 107 -38.93 22.51 -3.91
CA HIS C 107 -39.92 23.31 -4.61
C HIS C 107 -39.57 23.45 -6.09
N LEU C 108 -39.70 22.32 -6.77
CA LEU C 108 -39.62 22.27 -8.22
C LEU C 108 -40.82 22.97 -8.85
N ASP C 109 -40.54 23.88 -9.78
CA ASP C 109 -41.58 24.50 -10.60
C ASP C 109 -42.13 23.47 -11.59
N ALA C 110 -43.00 22.59 -11.09
CA ALA C 110 -43.47 21.49 -11.91
C ALA C 110 -44.54 21.95 -12.89
N LYS C 111 -45.45 22.81 -12.42
CA LYS C 111 -46.57 23.32 -13.21
C LYS C 111 -46.23 24.56 -14.02
N GLY C 112 -45.02 25.08 -13.90
CA GLY C 112 -44.70 26.33 -14.58
C GLY C 112 -45.46 27.49 -13.97
N SER C 113 -45.16 27.78 -12.70
CA SER C 113 -45.93 28.72 -11.90
C SER C 113 -45.31 30.11 -11.86
N PHE C 114 -44.22 30.33 -12.59
CA PHE C 114 -43.52 31.61 -12.60
C PHE C 114 -43.31 31.99 -14.06
N PRO C 115 -44.39 32.34 -14.76
CA PRO C 115 -44.30 32.62 -16.20
C PRO C 115 -43.55 33.90 -16.54
N TRP C 116 -43.12 34.69 -15.58
CA TRP C 116 -42.36 35.88 -15.92
C TRP C 116 -40.86 35.66 -15.94
N GLN C 117 -40.39 34.49 -15.53
CA GLN C 117 -38.97 34.20 -15.52
C GLN C 117 -38.46 33.89 -16.92
N ALA C 118 -37.37 34.54 -17.31
CA ALA C 118 -36.70 34.29 -18.56
C ALA C 118 -35.28 33.82 -18.25
N LYS C 119 -34.69 33.07 -19.17
CA LYS C 119 -33.34 32.55 -19.02
C LYS C 119 -32.43 33.12 -20.10
N MET C 120 -31.48 33.95 -19.68
CA MET C 120 -30.50 34.52 -20.58
C MET C 120 -29.20 33.73 -20.48
N VAL C 121 -28.56 33.50 -21.62
CA VAL C 121 -27.28 32.82 -21.67
C VAL C 121 -26.26 33.76 -22.30
N SER C 122 -25.09 33.84 -21.68
CA SER C 122 -23.98 34.65 -22.14
C SER C 122 -23.17 33.94 -23.23
N HIS C 123 -22.29 34.72 -23.86
CA HIS C 123 -21.45 34.21 -24.93
C HIS C 123 -20.61 33.02 -24.49
N HIS C 124 -20.18 33.00 -23.23
CA HIS C 124 -19.40 31.89 -22.69
C HIS C 124 -20.25 30.90 -21.90
N ASN C 125 -21.49 30.68 -22.35
CA ASN C 125 -22.33 29.57 -21.88
C ASN C 125 -22.57 29.63 -20.37
N LEU C 126 -23.10 30.76 -19.92
CA LEU C 126 -23.56 30.88 -18.55
C LEU C 126 -25.03 31.29 -18.55
N THR C 127 -25.82 30.63 -17.71
CA THR C 127 -27.25 30.85 -17.64
C THR C 127 -27.55 31.74 -16.44
N THR C 128 -28.31 32.81 -16.67
CA THR C 128 -28.77 33.67 -15.61
C THR C 128 -30.27 33.97 -15.84
N GLY C 129 -30.86 34.76 -14.96
CA GLY C 129 -32.28 35.07 -14.97
C GLY C 129 -32.67 36.44 -15.46
N ALA C 130 -33.96 36.60 -15.79
CA ALA C 130 -34.54 37.87 -16.18
C ALA C 130 -36.03 37.86 -15.89
N THR C 131 -36.61 39.06 -15.80
CA THR C 131 -37.98 39.25 -15.33
C THR C 131 -38.77 40.07 -16.32
N LEU C 132 -39.86 39.48 -16.82
CA LEU C 132 -40.70 40.12 -17.81
C LEU C 132 -41.48 41.25 -17.13
N ILE C 133 -41.33 42.47 -17.63
CA ILE C 133 -41.96 43.62 -17.00
C ILE C 133 -43.06 44.24 -17.87
N ASN C 134 -43.09 43.96 -19.16
CA ASN C 134 -44.29 44.15 -19.96
C ASN C 134 -44.17 43.25 -21.19
N GLU C 135 -45.05 43.45 -22.16
CA GLU C 135 -45.10 42.55 -23.28
C GLU C 135 -43.85 42.65 -24.15
N GLN C 136 -43.06 43.71 -23.98
CA GLN C 136 -41.87 43.96 -24.78
C GLN C 136 -40.61 44.24 -23.97
N TRP C 137 -40.71 44.35 -22.65
CA TRP C 137 -39.58 44.75 -21.84
C TRP C 137 -39.34 43.78 -20.69
N LEU C 138 -38.07 43.59 -20.36
CA LEU C 138 -37.68 42.75 -19.24
C LEU C 138 -36.67 43.52 -18.41
N LEU C 139 -36.70 43.27 -17.11
CA LEU C 139 -35.71 43.78 -16.18
C LEU C 139 -34.63 42.75 -15.86
N THR C 140 -33.40 43.22 -15.70
CA THR C 140 -32.29 42.39 -15.26
C THR C 140 -31.28 43.31 -14.58
N THR C 141 -30.14 42.78 -14.18
CA THR C 141 -29.13 43.62 -13.54
C THR C 141 -28.02 43.95 -14.53
N ALA C 142 -27.37 45.09 -14.29
CA ALA C 142 -26.25 45.48 -15.14
C ALA C 142 -25.11 44.48 -15.05
N LYS C 143 -24.84 43.96 -13.86
CA LYS C 143 -23.74 43.00 -13.70
C LYS C 143 -23.97 41.74 -14.52
N ASN C 144 -25.21 41.23 -14.52
CA ASN C 144 -25.51 40.07 -15.35
C ASN C 144 -25.19 40.37 -16.81
N LEU C 145 -25.58 41.56 -17.26
CA LEU C 145 -25.37 41.97 -18.65
C LEU C 145 -23.90 42.22 -18.93
N PHE C 146 -23.12 42.53 -17.91
CA PHE C 146 -21.70 42.80 -18.05
C PHE C 146 -20.85 41.55 -17.90
N LEU C 147 -21.49 40.39 -17.81
CA LEU C 147 -20.77 39.13 -17.78
C LEU C 147 -20.03 38.92 -19.10
N ASN C 148 -18.88 38.23 -19.02
CA ASN C 148 -18.05 37.95 -20.19
C ASN C 148 -17.65 39.24 -20.89
N HIS C 149 -17.37 40.27 -20.11
CA HIS C 149 -17.07 41.58 -20.66
C HIS C 149 -16.10 42.32 -19.74
N SER C 150 -15.47 43.34 -20.30
CA SER C 150 -14.65 44.26 -19.54
C SER C 150 -15.52 45.24 -18.76
N GLU C 151 -14.95 45.76 -17.67
CA GLU C 151 -15.66 46.77 -16.88
C GLU C 151 -15.94 48.04 -17.70
N ASN C 152 -15.16 48.30 -18.73
CA ASN C 152 -15.40 49.42 -19.64
C ASN C 152 -15.96 48.83 -20.94
N ALA C 153 -17.28 48.66 -20.97
CA ALA C 153 -17.98 48.14 -22.14
C ALA C 153 -19.19 49.01 -22.43
N THR C 154 -19.56 49.09 -23.70
CA THR C 154 -20.70 49.89 -24.09
C THR C 154 -21.90 49.00 -24.41
N ALA C 155 -22.96 49.61 -24.95
CA ALA C 155 -24.17 48.89 -25.30
C ALA C 155 -23.99 48.04 -26.56
N LYS C 156 -23.37 48.61 -27.59
CA LYS C 156 -23.16 47.84 -28.82
C LYS C 156 -22.15 46.72 -28.65
N ASP C 157 -21.27 46.78 -27.66
CA ASP C 157 -20.43 45.62 -27.40
C ASP C 157 -21.24 44.46 -26.82
N ILE C 158 -22.07 44.78 -25.83
CA ILE C 158 -22.75 43.73 -25.07
C ILE C 158 -23.90 43.12 -25.86
N ALA C 159 -24.66 43.95 -26.58
CA ALA C 159 -25.91 43.50 -27.20
C ALA C 159 -25.79 42.26 -28.07
N PRO C 160 -24.82 42.14 -28.99
CA PRO C 160 -24.78 40.94 -29.85
C PRO C 160 -24.31 39.67 -29.15
N THR C 161 -23.73 39.76 -27.97
CA THR C 161 -23.20 38.58 -27.30
C THR C 161 -24.22 37.85 -26.43
N LEU C 162 -25.47 38.29 -26.39
CA LEU C 162 -26.45 37.67 -25.51
C LEU C 162 -27.33 36.70 -26.28
N THR C 163 -27.90 35.75 -25.53
CA THR C 163 -28.90 34.80 -26.01
C THR C 163 -30.03 34.78 -25.00
N LEU C 164 -31.27 34.75 -25.46
CA LEU C 164 -32.39 34.92 -24.54
C LEU C 164 -33.52 33.95 -24.84
N TYR C 165 -34.02 33.31 -23.78
CA TYR C 165 -35.07 32.32 -23.83
C TYR C 165 -36.19 32.77 -22.91
N VAL C 166 -37.42 32.56 -23.33
CA VAL C 166 -38.60 32.77 -22.51
C VAL C 166 -39.38 31.45 -22.44
N GLY C 167 -40.31 31.38 -21.48
CA GLY C 167 -41.15 30.20 -21.35
C GLY C 167 -40.34 28.94 -21.21
N LYS C 168 -40.59 27.95 -22.07
CA LYS C 168 -39.87 26.69 -21.97
C LYS C 168 -38.69 26.60 -22.93
N LYS C 169 -38.93 26.68 -24.24
CA LYS C 169 -37.83 26.66 -25.19
C LYS C 169 -38.04 27.65 -26.33
N GLN C 170 -38.69 28.78 -26.05
CA GLN C 170 -39.04 29.72 -27.11
C GLN C 170 -37.93 30.77 -27.22
N LEU C 171 -37.22 30.78 -28.35
CA LEU C 171 -36.16 31.75 -28.53
C LEU C 171 -36.77 33.12 -28.74
N VAL C 172 -36.20 34.13 -28.10
CA VAL C 172 -36.63 35.51 -28.30
C VAL C 172 -35.43 36.40 -28.58
N GLU C 173 -35.52 37.21 -29.62
CA GLU C 173 -34.42 38.10 -30.02
C GLU C 173 -34.39 39.30 -29.07
N ILE C 174 -33.71 40.38 -29.46
CA ILE C 174 -33.59 41.58 -28.64
C ILE C 174 -33.57 42.82 -29.52
N GLU C 175 -34.37 43.83 -29.18
CA GLU C 175 -34.28 45.07 -29.95
C GLU C 175 -33.16 45.96 -29.44
N LYS C 176 -33.17 46.29 -28.15
CA LYS C 176 -32.10 47.12 -27.60
C LYS C 176 -32.06 46.94 -26.09
N VAL C 177 -31.06 47.57 -25.46
CA VAL C 177 -30.87 47.52 -24.02
C VAL C 177 -30.64 48.93 -23.52
N VAL C 178 -31.21 49.27 -22.36
CA VAL C 178 -31.00 50.56 -21.72
C VAL C 178 -30.54 50.36 -20.28
N LEU C 179 -29.25 50.59 -20.06
CA LEU C 179 -28.63 50.55 -18.74
C LEU C 179 -29.02 51.76 -17.90
N HIS C 180 -29.15 51.54 -16.59
CA HIS C 180 -29.37 52.63 -15.67
C HIS C 180 -28.16 53.56 -15.67
N PRO C 181 -28.35 54.88 -15.76
CA PRO C 181 -27.21 55.80 -15.80
C PRO C 181 -26.22 55.62 -14.66
N ASN C 182 -26.67 55.11 -13.52
CA ASN C 182 -25.81 54.80 -12.39
C ASN C 182 -25.73 53.28 -12.23
N TYR C 183 -24.52 52.75 -12.06
CA TYR C 183 -24.39 51.34 -11.78
C TYR C 183 -23.64 51.02 -10.50
N SER C 184 -23.09 52.00 -9.79
CA SER C 184 -22.52 51.66 -8.50
C SER C 184 -23.57 51.45 -7.43
N GLN C 185 -24.76 51.98 -7.62
CA GLN C 185 -25.84 51.79 -6.65
C GLN C 185 -27.08 51.11 -7.18
N VAL C 186 -27.39 51.21 -8.48
CA VAL C 186 -28.57 50.54 -9.03
C VAL C 186 -28.15 49.52 -10.08
N ASP C 187 -27.90 48.28 -9.64
CA ASP C 187 -27.39 47.27 -10.57
C ASP C 187 -28.51 46.82 -11.49
N ILE C 188 -28.89 47.62 -12.47
CA ILE C 188 -30.10 47.35 -13.25
C ILE C 188 -29.98 47.75 -14.71
N GLY C 189 -30.48 46.88 -15.59
CA GLY C 189 -30.68 47.23 -16.98
C GLY C 189 -32.05 46.76 -17.43
N LEU C 190 -32.60 47.47 -18.42
CA LEU C 190 -33.81 47.05 -19.11
C LEU C 190 -33.53 46.59 -20.53
N ILE C 191 -34.14 45.49 -20.93
CA ILE C 191 -34.06 45.00 -22.31
C ILE C 191 -35.41 45.25 -22.99
N LYS C 192 -35.37 45.82 -24.19
CA LYS C 192 -36.54 46.04 -25.02
C LYS C 192 -36.51 45.08 -26.20
N LEU C 193 -37.64 44.43 -26.43
CA LEU C 193 -37.82 43.48 -27.53
C LEU C 193 -38.30 44.13 -28.81
N LYS C 194 -37.94 43.49 -29.94
CA LYS C 194 -38.34 44.01 -31.25
C LYS C 194 -39.84 43.91 -31.46
N GLN C 195 -40.44 42.79 -31.05
CA GLN C 195 -41.87 42.60 -31.15
C GLN C 195 -42.46 42.20 -29.81
N LYS C 196 -43.78 42.37 -29.70
CA LYS C 196 -44.51 41.95 -28.52
C LYS C 196 -44.52 40.42 -28.43
N VAL C 197 -44.22 39.90 -27.25
CA VAL C 197 -44.34 38.48 -26.98
C VAL C 197 -45.81 38.13 -26.87
N SER C 198 -46.18 36.96 -27.37
CA SER C 198 -47.53 36.45 -27.15
C SER C 198 -47.72 36.05 -25.69
N VAL C 199 -48.83 36.48 -25.11
CA VAL C 199 -49.14 36.23 -23.71
C VAL C 199 -50.05 35.02 -23.60
N ASN C 200 -49.74 34.11 -22.68
CA ASN C 200 -50.56 32.92 -22.52
C ASN C 200 -50.35 32.36 -21.11
N GLU C 201 -50.71 31.08 -20.93
CA GLU C 201 -50.60 30.42 -19.63
C GLU C 201 -49.16 30.30 -19.16
N ARG C 202 -48.21 30.20 -20.09
CA ARG C 202 -46.82 29.93 -19.73
C ARG C 202 -45.93 31.15 -19.71
N VAL C 203 -46.33 32.25 -20.35
CA VAL C 203 -45.50 33.44 -20.42
C VAL C 203 -46.37 34.65 -20.08
N MET C 204 -46.08 35.30 -18.95
CA MET C 204 -46.87 36.44 -18.53
C MET C 204 -46.02 37.24 -17.56
N PRO C 205 -45.98 38.56 -17.69
CA PRO C 205 -45.16 39.38 -16.79
C PRO C 205 -45.75 39.46 -15.39
N ILE C 206 -44.89 39.71 -14.45
CA ILE C 206 -45.36 39.96 -13.10
C ILE C 206 -45.68 41.44 -13.00
N CYS C 207 -46.60 41.79 -12.11
CA CYS C 207 -47.01 43.18 -11.97
C CYS C 207 -46.01 43.98 -11.12
N LEU C 208 -45.87 45.25 -11.46
CA LEU C 208 -45.10 46.20 -10.65
C LEU C 208 -45.95 46.79 -9.55
N PRO C 209 -45.44 46.83 -8.33
CA PRO C 209 -46.25 47.16 -7.17
C PRO C 209 -46.46 48.65 -6.99
N SER C 210 -47.60 48.99 -6.39
CA SER C 210 -47.87 50.38 -6.00
C SER C 210 -47.64 50.61 -4.52
N LYS C 211 -47.63 49.55 -3.72
CA LYS C 211 -47.32 49.57 -2.30
C LYS C 211 -45.88 49.13 -2.04
N ASP C 212 -45.40 49.47 -0.85
CA ASP C 212 -44.12 48.96 -0.36
C ASP C 212 -44.41 47.72 0.46
N TYR C 213 -44.07 46.56 -0.11
CA TYR C 213 -44.32 45.28 0.52
C TYR C 213 -43.13 44.75 1.30
N ALA C 214 -42.03 45.50 1.35
CA ALA C 214 -40.78 45.01 1.94
C ALA C 214 -40.77 45.26 3.45
N GLU C 215 -41.75 44.68 4.12
CA GLU C 215 -41.81 44.73 5.57
C GLU C 215 -41.16 43.48 6.16
N VAL C 216 -40.40 43.68 7.23
CA VAL C 216 -39.66 42.59 7.86
C VAL C 216 -40.57 41.44 8.25
N GLY C 217 -40.19 40.23 7.85
CA GLY C 217 -40.91 39.00 8.07
C GLY C 217 -41.69 38.47 6.88
N ARG C 218 -42.12 39.32 5.96
CA ARG C 218 -42.85 38.84 4.79
C ARG C 218 -42.02 37.86 3.97
N VAL C 219 -42.60 36.70 3.69
CA VAL C 219 -41.92 35.64 2.97
C VAL C 219 -42.28 35.73 1.49
N GLY C 220 -41.27 35.94 0.65
CA GLY C 220 -41.50 35.93 -0.79
C GLY C 220 -40.93 34.72 -1.50
N TYR C 221 -41.36 34.49 -2.74
CA TYR C 221 -40.87 33.41 -3.57
C TYR C 221 -39.89 33.93 -4.62
N VAL C 222 -38.71 33.31 -4.69
CA VAL C 222 -37.72 33.55 -5.74
C VAL C 222 -37.57 32.27 -6.57
N SER C 223 -37.89 32.36 -7.85
CA SER C 223 -37.66 31.30 -8.82
C SER C 223 -36.37 31.54 -9.59
N GLY C 224 -35.70 30.45 -9.96
CA GLY C 224 -34.41 30.56 -10.62
C GLY C 224 -33.95 29.33 -11.37
N TRP C 225 -33.09 29.61 -12.35
CA TRP C 225 -32.43 28.70 -13.27
C TRP C 225 -30.97 28.45 -12.88
N GLY C 226 -30.53 28.94 -11.74
CA GLY C 226 -29.15 28.88 -11.33
C GLY C 226 -28.61 27.51 -10.97
N ARG C 227 -27.37 27.52 -10.48
CA ARG C 227 -26.63 26.32 -10.16
C ARG C 227 -27.16 25.65 -8.91
N ASN C 228 -27.10 24.32 -8.90
CA ASN C 228 -27.58 23.52 -7.79
C ASN C 228 -26.46 23.16 -6.80
N ALA C 229 -26.71 22.13 -5.98
CA ALA C 229 -25.76 21.68 -4.97
C ALA C 229 -24.49 21.14 -5.60
N ASN C 230 -24.57 20.61 -6.81
CA ASN C 230 -23.39 20.13 -7.52
C ASN C 230 -22.70 21.23 -8.29
N PHE C 231 -23.11 22.48 -8.08
CA PHE C 231 -22.58 23.64 -8.78
C PHE C 231 -22.67 23.46 -10.28
N LYS C 232 -23.77 22.84 -10.73
CA LYS C 232 -24.09 22.72 -12.13
C LYS C 232 -25.40 23.45 -12.38
N PHE C 233 -25.51 24.07 -13.56
CA PHE C 233 -26.75 24.73 -13.93
C PHE C 233 -27.89 23.72 -13.86
N THR C 234 -28.97 24.11 -13.18
CA THR C 234 -30.06 23.17 -12.91
C THR C 234 -30.75 22.75 -14.21
N ASP C 235 -31.22 21.50 -14.22
CA ASP C 235 -31.87 20.97 -15.40
C ASP C 235 -33.32 21.45 -15.51
N HIS C 236 -33.97 21.69 -14.39
CA HIS C 236 -35.34 22.17 -14.38
C HIS C 236 -35.43 23.45 -13.55
N LEU C 237 -36.42 24.27 -13.86
CA LEU C 237 -36.60 25.51 -13.12
C LEU C 237 -37.02 25.19 -11.69
N LYS C 238 -36.47 25.92 -10.72
CA LYS C 238 -36.87 25.68 -9.34
C LYS C 238 -37.20 26.99 -8.66
N TYR C 239 -37.79 26.91 -7.47
CA TYR C 239 -38.04 28.12 -6.70
C TYR C 239 -37.86 27.80 -5.22
N VAL C 240 -37.56 28.83 -4.44
CA VAL C 240 -37.51 28.75 -3.00
C VAL C 240 -38.31 29.90 -2.38
N MET C 241 -38.77 29.69 -1.14
CA MET C 241 -39.41 30.72 -0.33
C MET C 241 -38.48 31.25 0.78
N LEU C 242 -38.20 32.56 0.74
CA LEU C 242 -37.30 33.18 1.70
C LEU C 242 -37.98 34.34 2.41
N PRO C 243 -37.68 34.56 3.67
CA PRO C 243 -38.22 35.73 4.37
C PRO C 243 -37.26 36.91 4.28
N VAL C 244 -37.86 38.10 4.24
CA VAL C 244 -37.07 39.33 4.31
C VAL C 244 -36.43 39.45 5.68
N ALA C 245 -35.14 39.79 5.69
CA ALA C 245 -34.36 39.89 6.90
C ALA C 245 -34.17 41.35 7.30
N ASP C 246 -33.75 41.55 8.54
CA ASP C 246 -33.48 42.89 9.05
C ASP C 246 -32.31 43.53 8.31
N GLN C 247 -32.54 44.74 7.81
CA GLN C 247 -31.55 45.41 6.97
C GLN C 247 -30.26 45.65 7.75
N ASP C 248 -30.37 46.03 9.01
CA ASP C 248 -29.19 46.30 9.82
C ASP C 248 -28.44 45.02 10.13
N GLN C 249 -29.16 43.93 10.43
CA GLN C 249 -28.49 42.65 10.61
C GLN C 249 -27.68 42.30 9.38
N CYS C 250 -28.23 42.56 8.19
CA CYS C 250 -27.52 42.28 6.94
C CYS C 250 -26.27 43.14 6.83
N ILE C 251 -26.42 44.42 7.14
CA ILE C 251 -25.29 45.34 7.05
C ILE C 251 -24.19 44.85 7.97
N ARG C 252 -24.55 44.36 9.15
CA ARG C 252 -23.54 43.88 10.08
C ARG C 252 -22.95 42.56 9.60
N HIS C 253 -23.75 41.72 8.93
CA HIS C 253 -23.25 40.44 8.45
C HIS C 253 -22.23 40.61 7.35
N TYR C 254 -22.24 41.75 6.67
CA TYR C 254 -21.33 41.95 5.55
C TYR C 254 -20.23 42.96 5.87
N GLU C 255 -20.57 44.00 6.60
CA GLU C 255 -19.68 45.12 6.87
C GLU C 255 -19.52 45.17 8.38
N GLY C 256 -18.29 45.40 8.82
CA GLY C 256 -17.97 45.55 10.23
C GLY C 256 -19.00 46.29 11.08
N SER C 257 -19.32 47.51 10.67
CA SER C 257 -20.26 48.37 11.38
C SER C 257 -21.19 49.03 10.39
N THR C 258 -22.32 49.52 10.91
CA THR C 258 -23.22 50.31 10.08
C THR C 258 -22.72 51.73 9.90
N VAL C 259 -21.78 52.17 10.73
CA VAL C 259 -21.22 53.52 10.66
C VAL C 259 -20.19 53.56 9.52
N PRO C 260 -20.38 54.44 8.55
CA PRO C 260 -19.48 54.48 7.38
C PRO C 260 -17.98 54.47 7.61
N GLU C 261 -17.44 55.37 8.43
CA GLU C 261 -15.98 55.39 8.54
C GLU C 261 -15.39 54.23 9.34
N LYS C 262 -16.19 53.30 9.84
CA LYS C 262 -15.67 52.17 10.59
C LYS C 262 -15.78 50.87 9.80
N LYS C 263 -16.32 50.93 8.58
CA LYS C 263 -16.60 49.74 7.81
C LYS C 263 -15.34 49.15 7.20
N THR C 264 -15.29 47.82 7.14
CA THR C 264 -14.24 47.09 6.47
C THR C 264 -14.88 45.84 5.87
N PRO C 265 -14.46 45.45 4.68
CA PRO C 265 -15.05 44.25 4.06
C PRO C 265 -14.80 43.01 4.89
N LYS C 266 -15.89 42.36 5.30
CA LYS C 266 -15.83 41.17 6.14
C LYS C 266 -16.73 40.09 5.56
N SER C 267 -16.94 40.15 4.26
CA SER C 267 -17.80 39.24 3.54
C SER C 267 -17.19 37.85 3.51
N PRO C 268 -17.84 36.82 4.05
CA PRO C 268 -17.27 35.47 3.96
C PRO C 268 -17.05 35.04 2.52
N VAL C 269 -17.54 35.84 1.57
CA VAL C 269 -17.40 35.60 0.14
C VAL C 269 -16.56 36.75 -0.37
N GLY C 270 -15.48 36.42 -1.09
CA GLY C 270 -14.63 37.38 -1.75
C GLY C 270 -15.25 38.63 -2.36
N VAL C 271 -16.22 38.46 -3.24
CA VAL C 271 -16.91 39.60 -3.85
C VAL C 271 -17.86 40.24 -2.85
N GLN C 272 -17.82 41.58 -2.78
CA GLN C 272 -18.62 42.37 -1.85
C GLN C 272 -19.95 42.73 -2.51
N PRO C 273 -21.07 42.58 -1.82
CA PRO C 273 -22.34 43.07 -2.36
C PRO C 273 -22.44 44.58 -2.29
N ILE C 274 -23.34 45.12 -3.10
CA ILE C 274 -23.69 46.55 -3.06
C ILE C 274 -24.81 46.78 -2.07
N LEU C 275 -24.54 47.56 -1.02
CA LEU C 275 -25.51 47.86 0.02
C LEU C 275 -25.68 49.36 0.13
N ASN C 276 -26.93 49.82 0.04
CA ASN C 276 -27.26 51.24 0.22
C ASN C 276 -28.77 51.34 0.43
N GLU C 277 -29.28 52.57 0.32
CA GLU C 277 -30.70 52.82 0.58
C GLU C 277 -31.58 52.28 -0.52
N HIS C 278 -31.01 51.95 -1.67
CA HIS C 278 -31.79 51.46 -2.80
C HIS C 278 -32.01 49.97 -2.70
N THR C 279 -31.46 49.33 -1.67
CA THR C 279 -31.46 47.89 -1.54
C THR C 279 -32.07 47.50 -0.21
N PHE C 280 -32.51 46.25 -0.14
CA PHE C 280 -32.90 45.63 1.11
C PHE C 280 -32.36 44.21 1.10
N CYS C 281 -32.40 43.57 2.26
CA CYS C 281 -31.84 42.25 2.43
C CYS C 281 -32.93 41.27 2.82
N ALA C 282 -32.61 39.99 2.68
CA ALA C 282 -33.56 38.95 3.00
C ALA C 282 -32.80 37.68 3.33
N GLY C 283 -33.17 37.09 4.45
CA GLY C 283 -32.56 35.88 4.92
C GLY C 283 -32.88 34.71 4.03
N MET C 284 -32.18 33.62 4.30
CA MET C 284 -32.31 32.45 3.47
C MET C 284 -33.50 31.65 4.01
N SER C 285 -33.75 30.45 3.50
CA SER C 285 -34.82 29.64 4.05
C SER C 285 -34.55 29.18 5.48
N LYS C 286 -35.48 28.37 5.99
CA LYS C 286 -35.33 27.76 7.29
C LYS C 286 -35.00 26.28 7.22
N TYR C 287 -35.32 25.59 6.13
CA TYR C 287 -34.74 24.29 5.85
C TYR C 287 -33.40 24.38 5.13
N GLN C 288 -32.69 25.51 5.26
CA GLN C 288 -31.31 25.69 4.81
C GLN C 288 -31.19 25.79 3.28
N GLU C 289 -32.12 26.50 2.64
CA GLU C 289 -32.06 26.70 1.20
C GLU C 289 -31.78 28.17 0.90
N ASP C 290 -31.08 28.44 -0.20
CA ASP C 290 -30.61 29.79 -0.49
C ASP C 290 -30.41 29.86 -2.00
N THR C 291 -30.06 31.05 -2.49
CA THR C 291 -29.68 31.31 -3.87
C THR C 291 -28.17 31.22 -4.06
N CYS C 292 -27.76 30.94 -5.29
CA CYS C 292 -26.34 30.73 -5.67
C CYS C 292 -26.18 31.21 -7.12
N TYR C 293 -25.01 30.92 -7.69
CA TYR C 293 -24.58 31.44 -8.99
C TYR C 293 -25.62 31.27 -10.09
N GLY C 294 -26.07 32.40 -10.66
CA GLY C 294 -27.00 32.36 -11.77
C GLY C 294 -28.41 32.76 -11.43
N ASP C 295 -28.71 32.98 -10.16
CA ASP C 295 -30.05 33.37 -9.75
C ASP C 295 -30.34 34.85 -9.97
N ALA C 296 -29.32 35.67 -10.16
CA ALA C 296 -29.52 37.10 -10.35
C ALA C 296 -30.39 37.35 -11.57
N GLY C 297 -31.22 38.39 -11.48
CA GLY C 297 -32.17 38.69 -12.53
C GLY C 297 -33.55 38.18 -12.27
N SER C 298 -33.73 37.30 -11.29
CA SER C 298 -35.04 36.79 -10.92
C SER C 298 -35.78 37.80 -10.05
N ALA C 299 -37.10 37.65 -10.01
CA ALA C 299 -37.96 38.54 -9.25
C ALA C 299 -38.12 38.00 -7.83
N PHE C 300 -38.00 38.88 -6.85
CA PHE C 300 -38.55 38.63 -5.52
C PHE C 300 -40.06 38.83 -5.60
N ALA C 301 -40.77 37.74 -5.84
CA ALA C 301 -42.21 37.79 -6.04
C ALA C 301 -42.98 37.66 -4.73
N VAL C 302 -43.87 38.61 -4.48
CA VAL C 302 -44.76 38.57 -3.31
C VAL C 302 -46.17 38.24 -3.79
N HIS C 303 -46.81 37.28 -3.15
CA HIS C 303 -48.19 36.94 -3.49
C HIS C 303 -49.11 37.70 -2.55
N ASP C 304 -49.82 38.71 -3.08
CA ASP C 304 -50.76 39.49 -2.28
C ASP C 304 -52.09 38.76 -2.22
N LEU C 305 -52.39 38.17 -1.06
CA LEU C 305 -53.61 37.38 -0.89
C LEU C 305 -54.91 38.17 -0.86
N GLU C 306 -54.89 39.46 -0.51
CA GLU C 306 -56.15 40.22 -0.49
C GLU C 306 -56.68 40.40 -1.92
N GLU C 307 -55.79 40.65 -2.86
CA GLU C 307 -56.17 40.86 -4.25
C GLU C 307 -55.83 39.67 -5.13
N ASP C 308 -55.10 38.69 -4.60
CA ASP C 308 -54.56 37.58 -5.39
C ASP C 308 -53.72 38.07 -6.57
N THR C 309 -52.67 38.81 -6.25
CA THR C 309 -51.85 39.37 -7.31
C THR C 309 -50.38 39.23 -6.94
N TRP C 310 -49.54 38.88 -7.90
CA TRP C 310 -48.12 38.71 -7.64
C TRP C 310 -47.35 39.95 -8.07
N TYR C 311 -46.45 40.40 -7.22
CA TYR C 311 -45.74 41.66 -7.43
C TYR C 311 -44.24 41.45 -7.34
N ALA C 312 -43.50 42.07 -8.26
CA ALA C 312 -42.04 42.06 -8.20
C ALA C 312 -41.55 43.11 -7.22
N THR C 313 -41.23 42.71 -5.99
CA THR C 313 -40.78 43.67 -5.00
C THR C 313 -39.29 43.92 -5.06
N GLY C 314 -38.51 42.91 -5.43
CA GLY C 314 -37.07 43.08 -5.56
C GLY C 314 -36.55 42.30 -6.74
N ILE C 315 -35.36 42.68 -7.17
CA ILE C 315 -34.58 41.94 -8.16
C ILE C 315 -33.29 41.52 -7.50
N LEU C 316 -33.04 40.21 -7.46
CA LEU C 316 -31.84 39.71 -6.82
C LEU C 316 -30.62 40.26 -7.57
N SER C 317 -29.77 40.98 -6.85
CA SER C 317 -28.57 41.62 -7.39
C SER C 317 -27.30 40.85 -7.09
N PHE C 318 -27.05 40.57 -5.83
CA PHE C 318 -25.86 39.84 -5.39
C PHE C 318 -26.25 38.37 -5.36
N ASP C 319 -25.76 37.64 -6.34
CA ASP C 319 -26.09 36.24 -6.55
C ASP C 319 -24.91 35.33 -6.27
N LYS C 320 -24.13 35.66 -5.24
CA LYS C 320 -22.96 34.87 -4.99
C LYS C 320 -23.11 34.13 -3.68
N SER C 321 -24.27 34.29 -3.03
CA SER C 321 -24.54 33.57 -1.80
C SER C 321 -24.59 32.12 -2.22
N CYS C 322 -24.19 31.21 -1.36
CA CYS C 322 -24.37 29.78 -1.63
C CYS C 322 -24.68 29.05 -0.34
N ALA C 323 -25.62 29.59 0.44
CA ALA C 323 -25.96 29.02 1.74
C ALA C 323 -24.75 28.98 2.65
N VAL C 324 -23.77 29.80 2.30
CA VAL C 324 -22.57 29.99 3.08
C VAL C 324 -22.59 31.36 3.76
N ALA C 325 -22.83 32.43 3.00
CA ALA C 325 -23.22 33.67 3.65
C ALA C 325 -24.69 33.59 4.05
N GLU C 326 -25.18 34.62 4.74
CA GLU C 326 -26.50 34.52 5.35
C GLU C 326 -27.66 35.13 4.56
N TYR C 327 -27.46 36.28 3.92
CA TYR C 327 -28.59 36.98 3.31
C TYR C 327 -28.36 37.30 1.84
N GLY C 328 -29.40 37.09 1.02
CA GLY C 328 -29.43 37.70 -0.29
C GLY C 328 -29.85 39.17 -0.24
N VAL C 329 -29.33 39.95 -1.18
CA VAL C 329 -29.65 41.38 -1.25
C VAL C 329 -30.41 41.67 -2.54
N TYR C 330 -31.47 42.46 -2.44
CA TYR C 330 -32.39 42.75 -3.52
C TYR C 330 -32.49 44.27 -3.70
N VAL C 331 -32.67 44.70 -4.93
CA VAL C 331 -32.93 46.11 -5.22
C VAL C 331 -34.41 46.43 -5.02
N LYS C 332 -34.68 47.49 -4.28
CA LYS C 332 -36.05 47.95 -4.08
C LYS C 332 -36.62 48.49 -5.39
N VAL C 333 -37.75 47.93 -5.81
CA VAL C 333 -38.35 48.34 -7.08
C VAL C 333 -38.97 49.73 -6.97
N THR C 334 -39.49 50.07 -5.79
CA THR C 334 -40.09 51.38 -5.60
C THR C 334 -39.11 52.51 -5.87
N SER C 335 -37.82 52.26 -5.68
CA SER C 335 -36.81 53.31 -5.83
C SER C 335 -36.34 53.48 -7.26
N ILE C 336 -36.82 52.65 -8.19
CA ILE C 336 -36.48 52.77 -9.59
C ILE C 336 -37.71 52.88 -10.47
N GLN C 337 -38.92 52.93 -9.89
CA GLN C 337 -40.14 52.96 -10.67
C GLN C 337 -40.13 54.11 -11.67
N ASP C 338 -39.77 55.31 -11.20
CA ASP C 338 -39.78 56.48 -12.06
C ASP C 338 -38.83 56.31 -13.24
N TRP C 339 -37.62 55.81 -12.97
CA TRP C 339 -36.66 55.60 -14.04
C TRP C 339 -37.20 54.59 -15.05
N VAL C 340 -37.91 53.59 -14.55
CA VAL C 340 -38.47 52.56 -15.43
C VAL C 340 -39.54 53.14 -16.31
N GLN C 341 -40.49 53.86 -15.71
CA GLN C 341 -41.54 54.52 -16.47
C GLN C 341 -40.94 55.45 -17.53
N LYS C 342 -39.87 56.16 -17.19
CA LYS C 342 -39.28 57.08 -18.14
C LYS C 342 -38.68 56.31 -19.31
N THR C 343 -37.91 55.26 -19.00
CA THR C 343 -37.28 54.46 -20.03
C THR C 343 -38.33 53.83 -20.95
N ILE C 344 -39.45 53.42 -20.36
CA ILE C 344 -40.51 52.79 -21.15
C ILE C 344 -41.14 53.83 -22.07
N ALA C 345 -41.37 55.04 -21.55
CA ALA C 345 -41.95 56.08 -22.37
C ALA C 345 -41.04 56.41 -23.55
N GLU C 346 -39.73 56.43 -23.30
CA GLU C 346 -38.74 56.77 -24.32
C GLU C 346 -38.48 55.57 -25.21
N GLY D 154 -27.25 63.82 39.34
CA GLY D 154 -28.34 63.56 40.25
C GLY D 154 -28.48 62.09 40.61
N SER D 155 -29.67 61.70 41.06
CA SER D 155 -29.97 60.33 41.45
C SER D 155 -30.84 59.62 40.41
N ASN D 156 -30.75 60.06 39.16
CA ASN D 156 -31.51 59.51 38.05
C ASN D 156 -30.67 58.57 37.19
N LEU D 157 -29.49 58.22 37.68
CA LEU D 157 -28.53 57.35 37.00
C LEU D 157 -28.50 56.01 37.70
N GLU D 158 -28.89 54.96 36.98
CA GLU D 158 -28.82 53.59 37.50
C GLU D 158 -27.95 52.72 36.60
N MET D 159 -27.25 51.77 37.22
CA MET D 159 -26.45 50.79 36.49
C MET D 159 -26.90 49.38 36.81
N ARG D 160 -26.89 48.53 35.78
CA ARG D 160 -27.09 47.10 35.98
C ARG D 160 -26.29 46.32 34.94
N LEU D 161 -25.99 45.07 35.28
CA LEU D 161 -25.49 44.09 34.32
C LEU D 161 -26.58 43.12 33.90
N THR D 162 -26.75 42.93 32.59
CA THR D 162 -27.82 42.10 32.06
C THR D 162 -27.25 40.93 31.28
N ARG D 163 -27.90 39.77 31.41
CA ARG D 163 -27.60 38.53 30.68
C ARG D 163 -26.26 37.89 31.03
N GLY D 164 -25.54 38.36 32.05
CA GLY D 164 -24.32 37.66 32.42
C GLY D 164 -24.44 36.60 33.49
N GLY D 165 -25.62 36.01 33.64
CA GLY D 165 -25.82 34.93 34.58
C GLY D 165 -25.84 35.30 36.05
N ASN D 166 -25.25 36.44 36.42
CA ASN D 166 -25.35 36.93 37.78
C ASN D 166 -25.33 38.47 37.75
N MET D 167 -25.53 39.07 38.93
CA MET D 167 -25.60 40.53 39.02
C MET D 167 -24.26 41.21 38.82
N CYS D 168 -23.16 40.45 38.80
CA CYS D 168 -21.81 41.00 38.68
C CYS D 168 -21.18 40.66 37.34
N SER D 169 -21.98 40.19 36.40
CA SER D 169 -21.53 39.94 35.04
C SER D 169 -22.66 40.25 34.07
N GLY D 170 -22.33 40.87 32.96
CA GLY D 170 -23.31 41.13 31.92
C GLY D 170 -23.00 42.37 31.13
N ARG D 171 -23.86 42.60 30.14
CA ARG D 171 -23.89 43.85 29.40
C ARG D 171 -24.26 45.02 30.31
N ILE D 172 -23.59 46.13 30.09
CA ILE D 172 -23.80 47.38 30.84
C ILE D 172 -25.09 48.02 30.38
N GLU D 173 -26.03 48.21 31.31
CA GLU D 173 -27.24 48.99 31.06
C GLU D 173 -27.29 50.14 32.04
N ILE D 174 -27.56 51.35 31.53
CA ILE D 174 -27.67 52.56 32.31
C ILE D 174 -29.09 53.09 32.17
N LYS D 175 -29.73 53.34 33.30
CA LYS D 175 -31.02 54.01 33.32
C LYS D 175 -30.79 55.51 33.45
N PHE D 176 -31.26 56.26 32.45
CA PHE D 176 -31.24 57.71 32.45
C PHE D 176 -32.62 58.21 32.04
N GLN D 177 -33.18 59.11 32.83
CA GLN D 177 -34.53 59.64 32.63
C GLN D 177 -35.53 58.50 32.44
N GLY D 178 -35.36 57.44 33.20
CA GLY D 178 -36.27 56.31 33.13
C GLY D 178 -36.09 55.38 31.94
N ARG D 179 -35.17 55.66 31.04
CA ARG D 179 -34.90 54.79 29.90
C ARG D 179 -33.55 54.09 30.08
N TRP D 180 -33.56 52.77 29.94
CA TRP D 180 -32.31 52.01 29.86
C TRP D 180 -31.65 52.16 28.49
N GLY D 181 -30.32 52.22 28.49
CA GLY D 181 -29.55 52.23 27.26
C GLY D 181 -28.17 51.70 27.55
N THR D 182 -27.36 51.54 26.50
CA THR D 182 -26.11 50.83 26.65
C THR D 182 -24.93 51.77 26.42
N VAL D 183 -23.73 51.21 26.52
CA VAL D 183 -22.49 51.94 26.27
C VAL D 183 -21.67 51.14 25.27
N CYS D 184 -21.11 51.82 24.27
CA CYS D 184 -20.25 51.15 23.31
C CYS D 184 -18.87 50.86 23.92
N ASP D 185 -18.24 49.79 23.42
CA ASP D 185 -16.90 49.39 23.85
C ASP D 185 -15.77 50.06 23.09
N ASP D 186 -16.07 50.88 22.08
CA ASP D 186 -15.03 51.69 21.46
C ASP D 186 -14.33 52.53 22.53
N ASN D 187 -13.00 52.40 22.58
CA ASN D 187 -12.18 53.04 23.61
C ASN D 187 -12.67 52.67 25.00
N PHE D 188 -12.56 51.38 25.30
CA PHE D 188 -12.97 50.80 26.57
C PHE D 188 -11.81 49.99 27.13
N ASN D 189 -11.63 50.03 28.45
CA ASN D 189 -10.46 49.44 29.06
C ASN D 189 -10.77 49.03 30.50
N ILE D 190 -9.74 48.52 31.17
CA ILE D 190 -9.88 47.95 32.51
C ILE D 190 -10.27 49.01 33.54
N ASP D 191 -9.96 50.28 33.27
CA ASP D 191 -10.36 51.33 34.22
C ASP D 191 -11.86 51.53 34.23
N HIS D 192 -12.50 51.46 33.06
CA HIS D 192 -13.95 51.49 33.00
C HIS D 192 -14.57 50.33 33.78
N ALA D 193 -14.07 49.11 33.55
CA ALA D 193 -14.55 47.97 34.31
C ALA D 193 -14.30 48.13 35.80
N SER D 194 -13.17 48.74 36.17
CA SER D 194 -12.88 48.95 37.59
C SER D 194 -13.88 49.90 38.22
N VAL D 195 -14.26 50.94 37.49
CA VAL D 195 -15.32 51.84 37.95
C VAL D 195 -16.63 51.09 38.12
N ILE D 196 -16.98 50.25 37.15
CA ILE D 196 -18.24 49.53 37.22
C ILE D 196 -18.24 48.55 38.39
N CYS D 197 -17.18 47.78 38.52
CA CYS D 197 -17.06 46.78 39.58
C CYS D 197 -17.04 47.42 40.97
N ARG D 198 -16.43 48.60 41.10
CA ARG D 198 -16.53 49.33 42.36
C ARG D 198 -17.95 49.80 42.61
N GLN D 199 -18.62 50.34 41.60
CA GLN D 199 -19.97 50.85 41.77
C GLN D 199 -20.94 49.75 42.19
N LEU D 200 -20.78 48.55 41.65
CA LEU D 200 -21.65 47.46 42.04
C LEU D 200 -21.18 46.71 43.28
N GLU D 201 -20.10 47.15 43.94
CA GLU D 201 -19.53 46.42 45.07
C GLU D 201 -19.21 44.98 44.68
N CYS D 202 -18.95 44.77 43.39
CA CYS D 202 -18.74 43.43 42.84
C CYS D 202 -17.28 42.99 42.89
N GLY D 203 -16.41 43.74 43.56
CA GLY D 203 -15.02 43.36 43.65
C GLY D 203 -14.15 43.93 42.55
N SER D 204 -13.13 43.19 42.15
CA SER D 204 -12.25 43.63 41.08
C SER D 204 -12.84 43.29 39.72
N ALA D 205 -12.44 44.07 38.72
CA ALA D 205 -12.73 43.73 37.34
C ALA D 205 -12.02 42.46 36.92
N VAL D 206 -12.70 41.65 36.11
CA VAL D 206 -12.13 40.43 35.55
C VAL D 206 -12.07 40.50 34.03
N SER D 207 -13.17 40.88 33.39
CA SER D 207 -13.15 40.88 31.93
C SER D 207 -14.00 42.01 31.41
N PHE D 208 -13.63 42.50 30.23
CA PHE D 208 -14.47 43.35 29.40
C PHE D 208 -14.59 42.69 28.04
N SER D 209 -15.74 42.87 27.40
CA SER D 209 -15.94 42.27 26.09
C SER D 209 -16.91 43.09 25.27
N GLY D 210 -16.80 42.97 23.96
CA GLY D 210 -17.78 43.48 23.04
C GLY D 210 -19.08 42.70 23.13
N SER D 211 -19.98 43.03 22.20
CA SER D 211 -21.33 42.46 22.22
C SER D 211 -21.32 40.95 22.04
N SER D 212 -20.22 40.40 21.54
CA SER D 212 -20.14 38.98 21.23
C SER D 212 -20.50 38.10 22.43
N ASN D 213 -20.20 38.55 23.65
CA ASN D 213 -20.40 37.69 24.80
C ASN D 213 -21.79 37.86 25.41
N PHE D 214 -22.38 39.04 25.30
CA PHE D 214 -23.67 39.31 25.90
C PHE D 214 -24.77 39.59 24.89
N GLY D 215 -24.46 39.54 23.59
CA GLY D 215 -25.40 39.97 22.58
C GLY D 215 -25.53 41.49 22.49
N GLU D 216 -26.11 41.92 21.38
CA GLU D 216 -26.42 43.33 21.19
C GLU D 216 -27.44 43.82 22.21
N GLY D 217 -27.24 45.05 22.66
CA GLY D 217 -28.22 45.75 23.48
C GLY D 217 -29.29 46.38 22.61
N SER D 218 -30.02 47.30 23.21
CA SER D 218 -31.05 48.04 22.47
C SER D 218 -31.25 49.40 23.09
N GLY D 219 -31.54 50.38 22.24
CA GLY D 219 -31.85 51.72 22.68
C GLY D 219 -30.77 52.72 22.37
N PRO D 220 -30.67 53.76 23.18
CA PRO D 220 -29.59 54.73 23.03
C PRO D 220 -28.25 54.23 23.52
N ILE D 221 -27.20 54.68 22.83
CA ILE D 221 -25.84 54.63 23.36
C ILE D 221 -25.58 55.94 24.09
N TRP D 222 -25.34 55.84 25.40
CA TRP D 222 -25.26 57.04 26.22
C TRP D 222 -23.88 57.71 26.16
N PHE D 223 -22.82 56.92 26.07
CA PHE D 223 -21.46 57.45 26.15
C PHE D 223 -20.55 56.80 25.11
N ASP D 224 -19.58 57.57 24.62
CA ASP D 224 -18.65 57.05 23.63
C ASP D 224 -17.30 57.76 23.68
N ASP D 225 -16.28 57.01 23.27
CA ASP D 225 -14.86 57.41 23.29
C ASP D 225 -14.49 58.08 24.61
N LEU D 226 -14.90 57.46 25.71
CA LEU D 226 -14.51 57.96 27.02
C LEU D 226 -13.01 57.86 27.26
N ILE D 227 -12.42 58.84 27.95
CA ILE D 227 -11.02 58.73 28.39
C ILE D 227 -10.96 59.06 29.88
N CYS D 228 -11.04 58.04 30.72
CA CYS D 228 -10.83 58.05 32.16
C CYS D 228 -9.53 57.36 32.54
N ASN D 229 -8.93 57.83 33.63
CA ASN D 229 -7.83 57.15 34.28
C ASN D 229 -8.27 56.09 35.28
N GLY D 230 -9.56 55.99 35.58
CA GLY D 230 -10.03 55.03 36.55
C GLY D 230 -10.12 55.54 37.97
N ASN D 231 -9.74 56.79 38.23
CA ASN D 231 -9.81 57.32 39.57
C ASN D 231 -10.98 58.30 39.61
N GLU D 232 -12.18 57.78 39.35
CA GLU D 232 -13.40 58.54 39.31
C GLU D 232 -14.45 57.87 40.19
N SER D 233 -15.26 58.70 40.85
CA SER D 233 -16.29 58.19 41.74
C SER D 233 -17.44 57.54 40.98
N ALA D 234 -17.63 57.89 39.71
CA ALA D 234 -18.67 57.27 38.92
C ALA D 234 -18.32 57.30 37.43
N LEU D 235 -18.89 56.34 36.69
CA LEU D 235 -18.58 56.20 35.27
C LEU D 235 -18.94 57.46 34.51
N TRP D 236 -20.04 58.12 34.87
CA TRP D 236 -20.37 59.37 34.21
C TRP D 236 -19.44 60.49 34.59
N ASN D 237 -18.49 60.22 35.49
CA ASN D 237 -17.39 61.13 35.77
C ASN D 237 -16.19 60.84 34.90
N CYS D 238 -16.21 59.72 34.17
CA CYS D 238 -15.21 59.48 33.14
C CYS D 238 -15.42 60.53 32.05
N LYS D 239 -14.34 60.86 31.33
CA LYS D 239 -14.44 61.84 30.26
C LYS D 239 -15.33 61.35 29.12
N HIS D 240 -16.25 62.18 28.67
CA HIS D 240 -17.19 61.78 27.63
C HIS D 240 -17.53 62.98 26.77
N GLN D 241 -17.95 62.70 25.54
CA GLN D 241 -18.31 63.76 24.60
C GLN D 241 -19.69 64.36 24.86
N GLY D 242 -20.47 63.79 25.76
CA GLY D 242 -21.78 64.31 26.08
C GLY D 242 -22.86 63.27 25.86
N TRP D 243 -24.01 63.42 26.51
CA TRP D 243 -25.05 62.41 26.40
C TRP D 243 -25.58 62.34 24.98
N GLY D 244 -25.62 61.11 24.44
CA GLY D 244 -26.17 60.86 23.13
C GLY D 244 -25.25 61.22 21.99
N LYS D 245 -23.99 61.54 22.28
CA LYS D 245 -22.96 61.73 21.26
C LYS D 245 -22.17 60.44 21.14
N HIS D 246 -22.30 59.77 20.00
CA HIS D 246 -21.53 58.55 19.80
C HIS D 246 -21.32 58.32 18.31
N ASN D 247 -20.30 57.52 18.00
CA ASN D 247 -20.11 56.94 16.69
C ASN D 247 -20.40 55.44 16.65
N CYS D 248 -20.71 54.83 17.79
CA CYS D 248 -20.84 53.37 17.85
C CYS D 248 -22.23 52.90 17.39
N ASP D 249 -22.29 51.63 17.00
CA ASP D 249 -23.52 50.87 16.83
C ASP D 249 -23.72 49.91 18.00
N HIS D 250 -24.84 49.20 18.01
CA HIS D 250 -25.16 48.30 19.10
C HIS D 250 -24.32 47.02 19.11
N ALA D 251 -23.58 46.74 18.05
CA ALA D 251 -22.60 45.65 18.06
C ALA D 251 -21.38 45.92 18.90
N GLU D 252 -21.17 47.16 19.34
CA GLU D 252 -20.03 47.50 20.18
C GLU D 252 -20.43 47.74 21.64
N ASP D 253 -21.59 47.28 22.06
CA ASP D 253 -21.99 47.45 23.46
C ASP D 253 -21.08 46.62 24.37
N ALA D 254 -20.34 47.32 25.22
CA ALA D 254 -19.45 46.71 26.19
C ALA D 254 -20.18 45.99 27.32
N GLY D 255 -19.59 44.86 27.75
CA GLY D 255 -20.06 44.16 28.93
C GLY D 255 -18.85 43.82 29.78
N VAL D 256 -19.13 43.54 31.07
CA VAL D 256 -18.06 43.24 32.01
C VAL D 256 -18.43 42.07 32.92
N ILE D 257 -17.42 41.37 33.42
CA ILE D 257 -17.59 40.42 34.51
C ILE D 257 -16.63 40.79 35.63
N CYS D 258 -17.16 40.94 36.84
CA CYS D 258 -16.40 41.24 38.04
C CYS D 258 -16.16 39.98 38.87
N SER D 259 -15.15 40.07 39.74
CA SER D 259 -14.70 38.91 40.52
C SER D 259 -15.78 38.30 41.40
N LYS D 260 -16.68 39.12 41.96
CA LYS D 260 -17.76 38.53 42.74
C LYS D 260 -18.81 37.82 41.90
N GLY D 261 -18.83 38.05 40.59
CA GLY D 261 -19.79 37.38 39.73
C GLY D 261 -19.10 36.31 38.93
N ALA D 262 -17.79 36.25 39.07
CA ALA D 262 -16.94 35.35 38.31
C ALA D 262 -16.55 34.12 39.11
N ASP D 263 -15.97 34.30 40.30
CA ASP D 263 -15.51 33.19 41.13
C ASP D 263 -14.50 32.31 40.39
N LEU D 264 -13.21 32.59 40.54
CA LEU D 264 -12.18 31.85 39.84
C LEU D 264 -11.34 31.09 40.84
N SER D 265 -11.03 29.85 40.48
CA SER D 265 -10.06 29.07 41.23
C SER D 265 -9.34 28.11 40.29
N LEU D 266 -8.09 27.81 40.60
CA LEU D 266 -7.28 26.87 39.84
C LEU D 266 -6.93 25.66 40.72
N ARG D 267 -7.02 24.47 40.12
CA ARG D 267 -6.60 23.24 40.76
C ARG D 267 -5.97 22.32 39.73
N LEU D 268 -5.19 21.37 40.22
CA LEU D 268 -4.74 20.25 39.43
C LEU D 268 -5.59 19.02 39.71
N VAL D 269 -5.89 18.26 38.67
CA VAL D 269 -6.69 17.06 38.76
C VAL D 269 -5.97 15.91 38.08
N ASP D 270 -6.09 14.72 38.68
CA ASP D 270 -5.53 13.48 38.17
C ASP D 270 -4.02 13.54 37.98
N GLY D 271 -3.34 14.34 38.80
CA GLY D 271 -1.90 14.36 38.76
C GLY D 271 -1.29 13.11 39.39
N VAL D 272 -0.02 12.88 39.07
CA VAL D 272 0.75 11.93 39.86
C VAL D 272 1.09 12.54 41.22
N THR D 273 1.25 13.86 41.28
CA THR D 273 1.47 14.59 42.53
C THR D 273 0.55 15.80 42.55
N GLU D 274 0.51 16.46 43.71
CA GLU D 274 -0.19 17.74 43.83
C GLU D 274 0.39 18.85 42.96
N CYS D 275 1.57 18.66 42.37
CA CYS D 275 2.17 19.69 41.52
C CYS D 275 2.28 19.23 40.07
N SER D 276 1.53 18.19 39.69
CA SER D 276 1.31 17.85 38.30
C SER D 276 -0.15 17.50 38.09
N GLY D 277 -0.58 17.57 36.83
CA GLY D 277 -1.89 17.13 36.43
C GLY D 277 -2.54 18.08 35.44
N ARG D 278 -3.80 17.76 35.13
CA ARG D 278 -4.64 18.61 34.30
C ARG D 278 -5.10 19.84 35.07
N LEU D 279 -5.07 21.00 34.41
CA LEU D 279 -5.46 22.25 35.04
C LEU D 279 -6.96 22.43 34.90
N GLU D 280 -7.65 22.62 36.02
CA GLU D 280 -9.08 22.91 36.01
C GLU D 280 -9.34 24.22 36.72
N VAL D 281 -10.19 25.04 36.12
CA VAL D 281 -10.61 26.30 36.71
C VAL D 281 -12.07 26.18 37.12
N ARG D 282 -12.36 26.53 38.36
CA ARG D 282 -13.73 26.74 38.79
C ARG D 282 -14.12 28.16 38.44
N PHE D 283 -15.22 28.29 37.70
CA PHE D 283 -15.81 29.56 37.31
C PHE D 283 -17.31 29.54 37.58
N GLN D 284 -17.77 30.49 38.37
CA GLN D 284 -19.18 30.63 38.72
C GLN D 284 -19.78 29.32 39.21
N GLY D 285 -18.97 28.52 39.90
CA GLY D 285 -19.40 27.28 40.50
C GLY D 285 -19.12 26.02 39.70
N GLU D 286 -18.82 26.14 38.40
CA GLU D 286 -18.58 24.96 37.59
C GLU D 286 -17.10 24.84 37.25
N TRP D 287 -16.59 23.61 37.25
CA TRP D 287 -15.22 23.37 36.85
C TRP D 287 -15.12 23.12 35.36
N GLY D 288 -14.09 23.66 34.72
CA GLY D 288 -13.80 23.31 33.34
C GLY D 288 -12.33 23.40 33.03
N THR D 289 -11.96 22.90 31.86
CA THR D 289 -10.56 22.82 31.48
C THR D 289 -10.18 24.01 30.59
N ILE D 290 -8.89 24.05 30.24
CA ILE D 290 -8.37 25.00 29.27
C ILE D 290 -7.76 24.21 28.13
N CYS D 291 -7.97 24.67 26.90
CA CYS D 291 -7.32 24.03 25.77
C CYS D 291 -5.86 24.46 25.70
N ASP D 292 -5.02 23.54 25.22
CA ASP D 292 -3.58 23.75 25.10
C ASP D 292 -3.16 24.46 23.82
N ASP D 293 -4.10 24.90 22.99
CA ASP D 293 -3.75 25.74 21.87
C ASP D 293 -2.99 26.97 22.38
N GLY D 294 -1.73 27.09 21.98
CA GLY D 294 -0.82 28.14 22.40
C GLY D 294 -0.29 28.03 23.81
N TRP D 295 -0.61 26.96 24.53
CA TRP D 295 -0.21 26.80 25.93
C TRP D 295 1.31 26.66 26.00
N ASP D 296 1.97 27.58 26.71
CA ASP D 296 3.43 27.57 26.70
C ASP D 296 3.99 27.55 28.12
N SER D 297 5.31 27.65 28.19
CA SER D 297 6.05 27.60 29.45
C SER D 297 5.82 28.81 30.33
N TYR D 298 5.44 29.94 29.77
CA TYR D 298 5.09 31.09 30.61
C TYR D 298 3.77 30.83 31.34
N ASP D 299 2.82 30.21 30.66
CA ASP D 299 1.56 29.84 31.30
C ASP D 299 1.80 28.81 32.39
N ALA D 300 2.59 27.77 32.09
CA ALA D 300 2.95 26.78 33.10
C ALA D 300 3.66 27.42 34.29
N ALA D 301 4.56 28.37 34.03
CA ALA D 301 5.25 29.04 35.13
C ALA D 301 4.28 29.83 36.00
N VAL D 302 3.34 30.53 35.38
CA VAL D 302 2.31 31.24 36.14
C VAL D 302 1.47 30.26 36.96
N ALA D 303 1.06 29.15 36.35
CA ALA D 303 0.28 28.14 37.08
C ALA D 303 1.06 27.59 38.27
N CYS D 304 2.30 27.19 38.06
CA CYS D 304 3.13 26.67 39.14
C CYS D 304 3.26 27.70 40.26
N LYS D 305 3.51 28.95 39.89
CA LYS D 305 3.60 30.02 40.90
C LYS D 305 2.30 30.15 41.67
N GLN D 306 1.15 30.12 40.98
CA GLN D 306 -0.12 30.26 41.67
C GLN D 306 -0.38 29.10 42.62
N LEU D 307 0.02 27.88 42.25
CA LEU D 307 -0.12 26.77 43.17
C LEU D 307 0.90 26.75 44.28
N GLY D 308 1.90 27.63 44.26
CA GLY D 308 2.95 27.51 45.25
C GLY D 308 3.86 26.32 45.03
N CYS D 309 3.90 25.79 43.83
CA CYS D 309 4.75 24.68 43.43
C CYS D 309 6.11 25.16 42.97
N PRO D 310 7.12 24.29 43.00
CA PRO D 310 8.44 24.67 42.48
C PRO D 310 8.36 25.04 41.01
N THR D 311 9.10 26.09 40.63
CA THR D 311 9.08 26.60 39.27
C THR D 311 10.44 26.45 38.58
N ALA D 312 11.33 25.64 39.14
CA ALA D 312 12.63 25.44 38.52
C ALA D 312 12.49 24.72 37.19
N VAL D 313 11.58 23.75 37.11
CA VAL D 313 11.29 23.01 35.88
C VAL D 313 9.79 22.91 35.73
N THR D 314 9.27 23.31 34.58
CA THR D 314 7.83 23.36 34.33
C THR D 314 7.54 22.67 33.01
N ALA D 315 6.82 21.56 33.05
CA ALA D 315 6.37 20.87 31.86
C ALA D 315 4.91 21.19 31.56
N ILE D 316 4.58 21.22 30.28
CA ILE D 316 3.22 21.20 29.80
C ILE D 316 2.73 19.76 29.63
N GLY D 317 1.41 19.61 29.56
CA GLY D 317 0.77 18.36 29.19
C GLY D 317 0.12 17.64 30.36
N ARG D 318 -0.63 16.61 29.98
CA ARG D 318 -1.50 15.79 30.83
C ARG D 318 -0.87 14.40 30.98
N VAL D 319 -0.30 14.14 32.14
CA VAL D 319 0.24 12.82 32.42
C VAL D 319 -0.80 11.98 33.16
N ASN D 320 -1.20 10.87 32.51
CA ASN D 320 -2.23 9.87 32.83
C ASN D 320 -3.59 10.52 33.08
N ALA D 321 -3.66 11.84 32.92
CA ALA D 321 -4.91 12.58 33.13
C ALA D 321 -5.84 12.45 31.93
N SER D 322 -7.10 12.13 32.22
CA SER D 322 -8.16 11.98 31.24
C SER D 322 -8.47 13.30 30.54
N LYS D 323 -9.33 13.21 29.53
CA LYS D 323 -9.94 14.40 28.94
C LYS D 323 -11.01 14.98 29.86
N GLY D 324 -11.02 16.31 29.94
CA GLY D 324 -12.03 17.03 30.68
C GLY D 324 -13.41 16.90 30.07
N PHE D 325 -14.37 17.54 30.73
CA PHE D 325 -15.74 17.61 30.23
C PHE D 325 -16.35 18.97 30.56
N GLY D 326 -17.35 19.33 29.76
CA GLY D 326 -18.10 20.57 29.99
C GLY D 326 -17.45 21.76 29.30
N HIS D 327 -17.30 22.85 30.04
CA HIS D 327 -16.83 24.11 29.45
C HIS D 327 -15.32 24.13 29.31
N ILE D 328 -14.86 24.74 28.23
CA ILE D 328 -13.49 25.22 28.11
C ILE D 328 -13.53 26.73 28.24
N TRP D 329 -12.99 27.25 29.35
CA TRP D 329 -13.17 28.65 29.70
C TRP D 329 -12.14 29.59 29.07
N LEU D 330 -10.88 29.18 28.97
CA LEU D 330 -9.84 30.02 28.42
C LEU D 330 -9.17 29.38 27.21
N ASP D 331 -8.83 30.19 26.21
CA ASP D 331 -8.13 29.62 25.07
C ASP D 331 -7.02 30.55 24.59
N SER D 332 -5.93 29.93 24.15
CA SER D 332 -4.73 30.60 23.63
C SER D 332 -4.26 31.70 24.59
N VAL D 333 -4.22 31.41 25.88
CA VAL D 333 -3.65 32.38 26.81
C VAL D 333 -2.17 32.56 26.54
N SER D 334 -1.73 33.80 26.36
CA SER D 334 -0.30 34.04 26.18
C SER D 334 0.07 35.34 26.89
N CYS D 335 0.56 35.22 28.11
CA CYS D 335 0.98 36.40 28.86
C CYS D 335 2.48 36.65 28.69
N GLN D 336 3.05 37.51 29.55
CA GLN D 336 4.50 37.67 29.66
C GLN D 336 5.15 36.83 30.75
N GLY D 337 4.38 36.13 31.58
CA GLY D 337 4.98 35.29 32.61
C GLY D 337 5.14 35.92 33.98
N HIS D 338 4.86 37.21 34.13
CA HIS D 338 5.03 37.89 35.42
C HIS D 338 3.70 38.05 36.12
N GLU D 339 2.61 37.85 35.38
CA GLU D 339 1.26 37.98 35.88
C GLU D 339 1.04 37.04 37.07
N PRO D 340 0.30 37.48 38.08
CA PRO D 340 0.09 36.62 39.26
C PRO D 340 -0.96 35.53 39.07
N ALA D 341 -1.81 35.61 38.05
CA ALA D 341 -2.79 34.55 37.86
C ALA D 341 -3.13 34.43 36.38
N ILE D 342 -3.52 33.20 35.99
CA ILE D 342 -3.75 32.90 34.59
C ILE D 342 -4.87 33.75 34.02
N TRP D 343 -5.90 34.00 34.82
CA TRP D 343 -6.96 34.88 34.35
C TRP D 343 -6.56 36.35 34.39
N GLN D 344 -5.32 36.66 34.75
CA GLN D 344 -4.81 38.00 34.58
C GLN D 344 -3.89 38.13 33.37
N CYS D 345 -3.56 37.02 32.72
CA CYS D 345 -2.88 37.09 31.42
C CYS D 345 -3.87 37.54 30.34
N LYS D 346 -3.32 37.93 29.20
CA LYS D 346 -4.14 38.21 28.02
C LYS D 346 -4.78 36.92 27.50
N HIS D 347 -6.04 37.03 27.08
CA HIS D 347 -6.79 35.88 26.58
C HIS D 347 -7.89 36.35 25.64
N HIS D 348 -8.41 35.41 24.86
CA HIS D 348 -9.58 35.66 24.05
C HIS D 348 -10.83 35.89 24.91
N GLU D 349 -11.91 36.31 24.24
CA GLU D 349 -13.20 36.49 24.88
C GLU D 349 -13.66 35.26 25.64
N TRP D 350 -14.24 35.52 26.81
CA TRP D 350 -14.71 34.46 27.69
C TRP D 350 -15.80 33.62 27.05
N GLY D 351 -15.62 32.30 27.09
CA GLY D 351 -16.57 31.37 26.51
C GLY D 351 -16.56 31.23 25.01
N LYS D 352 -15.75 31.98 24.30
CA LYS D 352 -15.66 31.85 22.85
C LYS D 352 -14.43 31.04 22.50
N HIS D 353 -14.64 29.82 22.01
CA HIS D 353 -13.52 28.96 21.68
C HIS D 353 -13.96 27.98 20.61
N TYR D 354 -12.97 27.40 19.92
CA TYR D 354 -13.17 26.25 19.06
C TYR D 354 -12.61 24.95 19.61
N CYS D 355 -12.00 24.95 20.79
CA CYS D 355 -11.34 23.75 21.24
C CYS D 355 -12.36 22.70 21.67
N ASN D 356 -11.95 21.44 21.60
CA ASN D 356 -12.68 20.33 22.20
C ASN D 356 -11.88 19.74 23.37
N HIS D 357 -12.58 18.94 24.18
CA HIS D 357 -12.00 18.33 25.38
C HIS D 357 -10.92 17.30 25.09
N ASN D 358 -10.53 17.02 23.85
CA ASN D 358 -9.29 16.26 23.70
C ASN D 358 -8.07 17.13 23.92
N GLU D 359 -8.20 18.44 23.76
CA GLU D 359 -7.11 19.39 23.94
C GLU D 359 -7.31 20.01 25.32
N ASP D 360 -6.55 19.54 26.30
CA ASP D 360 -6.57 20.14 27.63
C ASP D 360 -5.15 20.38 28.11
N ALA D 361 -4.88 21.62 28.50
CA ALA D 361 -3.58 21.98 29.06
C ALA D 361 -3.36 21.27 30.39
N GLY D 362 -2.10 20.92 30.64
CA GLY D 362 -1.70 20.35 31.90
C GLY D 362 -0.31 20.85 32.24
N VAL D 363 0.05 20.70 33.52
CA VAL D 363 1.39 21.12 33.93
C VAL D 363 1.98 20.06 34.85
N THR D 364 3.31 19.99 34.86
CA THR D 364 4.09 19.31 35.89
C THR D 364 5.17 20.21 36.44
N CYS D 365 5.12 20.52 37.73
CA CYS D 365 6.09 21.42 38.33
C CYS D 365 7.08 20.56 39.12
N SER D 366 8.36 20.74 38.84
CA SER D 366 9.42 19.91 39.40
C SER D 366 10.64 20.75 39.75
N ASP D 367 11.40 20.27 40.72
CA ASP D 367 12.68 20.84 41.09
C ASP D 367 13.85 20.25 40.31
N GLY D 368 13.61 19.30 39.39
CA GLY D 368 14.68 18.67 38.65
C GLY D 368 15.26 17.42 39.29
N SER D 369 14.92 17.13 40.54
CA SER D 369 15.53 16.01 41.24
C SER D 369 14.94 14.67 40.81
N ASP D 370 13.79 14.68 40.13
CA ASP D 370 13.10 13.47 39.74
C ASP D 370 13.17 13.18 38.24
N LEU D 371 13.42 14.18 37.41
CA LEU D 371 13.61 13.95 35.98
C LEU D 371 14.82 13.04 35.76
N GLU D 372 14.57 11.85 35.22
CA GLU D 372 15.62 10.94 34.80
C GLU D 372 15.58 10.65 33.30
N LEU D 373 16.78 10.46 32.74
CA LEU D 373 16.99 10.08 31.35
C LEU D 373 17.95 8.91 31.26
N ARG D 374 17.58 7.91 30.46
CA ARG D 374 18.48 6.78 30.26
C ARG D 374 18.21 6.17 28.88
N LEU D 375 19.22 5.50 28.36
CA LEU D 375 19.11 4.65 27.17
C LEU D 375 19.00 3.18 27.56
N ARG D 376 18.05 2.47 26.96
CA ARG D 376 17.91 1.04 27.19
C ARG D 376 17.96 0.27 25.87
N GLY D 377 18.56 -0.91 25.95
CA GLY D 377 18.51 -1.89 24.90
C GLY D 377 19.54 -1.71 23.81
N GLY D 378 20.47 -0.78 23.97
CA GLY D 378 21.50 -0.68 22.96
C GLY D 378 22.80 -1.28 23.42
N GLY D 379 22.74 -2.13 24.45
CA GLY D 379 23.90 -2.81 24.94
C GLY D 379 24.80 -1.99 25.84
N SER D 380 24.70 -0.67 25.80
CA SER D 380 25.41 0.21 26.71
C SER D 380 24.52 1.38 27.11
N ARG D 381 25.01 2.15 28.09
CA ARG D 381 24.35 3.38 28.50
C ARG D 381 24.37 4.47 27.43
N CYS D 382 25.11 4.27 26.34
CA CYS D 382 25.25 5.30 25.31
C CYS D 382 24.63 4.89 23.98
N ALA D 383 23.87 3.80 23.95
CA ALA D 383 23.06 3.47 22.78
C ALA D 383 21.78 2.79 23.22
N GLY D 384 20.71 3.05 22.48
CA GLY D 384 19.45 2.39 22.75
C GLY D 384 18.27 3.30 22.50
N THR D 385 17.10 2.81 22.92
CA THR D 385 15.90 3.62 22.97
C THR D 385 16.03 4.66 24.08
N VAL D 386 15.61 5.88 23.77
CA VAL D 386 15.59 6.96 24.76
C VAL D 386 14.37 6.78 25.64
N GLU D 387 14.59 6.36 26.89
CA GLU D 387 13.54 6.28 27.89
C GLU D 387 13.70 7.44 28.87
N VAL D 388 12.56 7.99 29.26
CA VAL D 388 12.51 9.08 30.21
C VAL D 388 11.67 8.62 31.38
N GLU D 389 12.01 9.09 32.57
CA GLU D 389 11.18 8.89 33.75
C GLU D 389 10.91 10.26 34.33
N ILE D 390 9.65 10.64 34.35
CA ILE D 390 9.23 11.95 34.81
C ILE D 390 8.15 11.72 35.86
N GLN D 391 8.38 12.24 37.06
CA GLN D 391 7.48 11.98 38.18
C GLN D 391 7.25 10.49 38.39
N ARG D 392 8.33 9.71 38.22
CA ARG D 392 8.33 8.25 38.30
C ARG D 392 7.50 7.56 37.22
N LEU D 393 7.09 8.27 36.17
CA LEU D 393 6.44 7.65 35.04
C LEU D 393 7.41 7.49 33.88
N LEU D 394 7.60 6.24 33.44
CA LEU D 394 8.42 5.95 32.29
C LEU D 394 7.66 6.26 31.00
N GLY D 395 8.36 6.86 30.04
CA GLY D 395 7.85 7.02 28.70
C GLY D 395 8.97 7.13 27.68
N LYS D 396 8.56 7.34 26.42
CA LYS D 396 9.48 7.41 25.30
C LYS D 396 9.26 8.68 24.50
N VAL D 397 10.30 9.15 23.84
CA VAL D 397 10.23 10.29 22.94
C VAL D 397 9.71 9.85 21.57
N CYS D 398 8.70 10.56 21.05
CA CYS D 398 8.23 10.32 19.69
C CYS D 398 9.25 10.94 18.73
N ASP D 399 9.46 10.28 17.59
CA ASP D 399 10.43 10.71 16.59
C ASP D 399 9.95 11.88 15.73
N ARG D 400 8.69 12.28 15.84
CA ARG D 400 8.20 13.47 15.16
C ARG D 400 8.94 14.71 15.63
N GLY D 401 9.71 15.31 14.73
CA GLY D 401 10.58 16.42 15.05
C GLY D 401 11.92 15.99 15.60
N TRP D 402 12.18 14.70 15.66
CA TRP D 402 13.43 14.13 16.18
C TRP D 402 14.46 14.11 15.06
N GLY D 403 15.51 14.91 15.20
CA GLY D 403 16.58 14.90 14.23
C GLY D 403 17.91 14.60 14.88
N LEU D 404 19.00 14.72 14.13
CA LEU D 404 20.31 14.53 14.75
C LEU D 404 20.62 15.61 15.76
N LYS D 405 20.03 16.80 15.60
CA LYS D 405 20.26 17.88 16.56
C LYS D 405 19.64 17.56 17.91
N GLU D 406 18.38 17.11 17.93
CA GLU D 406 17.75 16.69 19.18
C GLU D 406 18.48 15.50 19.80
N ALA D 407 18.83 14.53 18.96
CA ALA D 407 19.57 13.38 19.45
C ALA D 407 20.91 13.80 20.05
N ASP D 408 21.56 14.79 19.43
CA ASP D 408 22.84 15.25 19.94
C ASP D 408 22.66 15.95 21.29
N VAL D 409 21.56 16.68 21.46
CA VAL D 409 21.24 17.25 22.77
C VAL D 409 21.08 16.15 23.81
N VAL D 410 20.36 15.10 23.46
CA VAL D 410 20.19 13.97 24.38
C VAL D 410 21.53 13.31 24.70
N CYS D 411 22.33 13.05 23.66
CA CYS D 411 23.64 12.43 23.84
C CYS D 411 24.53 13.28 24.75
N ARG D 412 24.47 14.60 24.58
CA ARG D 412 25.25 15.49 25.43
C ARG D 412 24.77 15.43 26.86
N GLN D 413 23.45 15.45 27.08
CA GLN D 413 22.93 15.37 28.44
C GLN D 413 23.40 14.10 29.15
N LEU D 414 23.49 12.98 28.43
CA LEU D 414 23.99 11.77 29.07
C LEU D 414 25.51 11.69 29.08
N GLY D 415 26.21 12.70 28.57
CA GLY D 415 27.67 12.64 28.48
C GLY D 415 28.22 11.53 27.62
N CYS D 416 27.54 11.21 26.53
CA CYS D 416 27.93 10.15 25.62
C CYS D 416 28.56 10.68 24.35
N GLY D 417 28.89 11.98 24.32
CA GLY D 417 29.45 12.63 23.15
C GLY D 417 28.36 13.00 22.17
N SER D 418 28.56 12.78 20.87
CA SER D 418 27.53 13.16 19.92
C SER D 418 26.74 11.97 19.43
N ALA D 419 25.51 12.23 19.02
CA ALA D 419 24.68 11.22 18.36
C ALA D 419 25.16 10.96 16.94
N LEU D 420 25.45 9.70 16.61
CA LEU D 420 25.86 9.42 15.24
C LEU D 420 24.74 8.89 14.36
N LYS D 421 23.85 8.04 14.87
CA LYS D 421 22.83 7.51 13.96
C LYS D 421 21.56 7.18 14.74
N THR D 422 20.41 7.52 14.16
CA THR D 422 19.13 6.93 14.55
C THR D 422 19.03 5.41 14.47
N SER D 423 20.12 4.74 14.08
CA SER D 423 20.19 3.28 14.00
C SER D 423 19.48 2.62 15.19
N TYR D 424 18.80 1.50 14.92
CA TYR D 424 18.46 0.62 16.02
C TYR D 424 19.42 -0.56 16.10
N GLN D 425 19.65 -1.02 17.34
CA GLN D 425 20.50 -2.15 17.63
C GLN D 425 19.65 -3.24 18.28
N VAL D 426 19.58 -4.40 17.66
CA VAL D 426 18.75 -5.48 18.20
C VAL D 426 19.36 -6.04 19.48
N TYR D 427 18.83 -5.67 20.65
CA TYR D 427 19.43 -6.24 21.86
C TYR D 427 18.48 -6.60 23.00
N SER D 428 17.59 -5.69 23.40
CA SER D 428 16.48 -6.02 24.30
C SER D 428 15.15 -5.62 23.69
N LYS D 429 14.18 -6.52 23.74
CA LYS D 429 12.83 -6.21 23.28
C LYS D 429 12.06 -5.73 24.50
N ILE D 430 11.87 -4.42 24.62
CA ILE D 430 11.32 -3.80 25.82
C ILE D 430 9.83 -3.54 25.63
N GLN D 431 9.08 -3.73 26.73
CA GLN D 431 7.66 -3.36 26.79
C GLN D 431 7.38 -1.95 26.28
N ALA D 432 6.42 -1.85 25.35
CA ALA D 432 5.97 -0.56 24.87
C ALA D 432 5.50 0.30 26.03
N THR D 433 6.14 1.45 26.22
CA THR D 433 5.54 2.57 26.95
C THR D 433 4.49 3.31 26.14
N ASN D 434 3.31 3.47 26.75
CA ASN D 434 2.13 4.09 26.14
C ASN D 434 2.18 5.61 26.15
N THR D 435 3.23 6.18 26.74
CA THR D 435 3.39 7.61 26.95
C THR D 435 4.54 8.14 26.10
N TRP D 436 4.28 9.20 25.35
CA TRP D 436 5.22 9.75 24.38
C TRP D 436 5.51 11.22 24.69
N LEU D 437 6.78 11.59 24.48
CA LEU D 437 7.27 12.96 24.49
C LEU D 437 7.44 13.50 23.08
N PHE D 438 6.81 14.65 22.82
CA PHE D 438 6.92 15.41 21.59
C PHE D 438 7.78 16.67 21.79
N LEU D 439 8.73 16.87 20.87
CA LEU D 439 9.59 18.04 20.85
C LEU D 439 9.16 18.96 19.71
N SER D 440 9.66 20.19 19.73
CA SER D 440 9.30 21.17 18.70
C SER D 440 10.51 21.94 18.17
N SER D 441 11.54 21.24 17.70
CA SER D 441 12.61 21.90 16.93
C SER D 441 13.32 22.97 17.74
N CYS D 442 14.13 22.54 18.69
CA CYS D 442 15.11 23.38 19.38
C CYS D 442 16.53 23.04 18.92
N ASN D 443 17.40 24.04 19.06
CA ASN D 443 18.48 24.33 18.12
C ASN D 443 19.60 23.29 18.17
N GLY D 444 19.79 22.60 19.28
CA GLY D 444 20.88 21.66 19.40
C GLY D 444 22.06 22.15 20.20
N ASN D 445 22.11 23.43 20.57
CA ASN D 445 23.22 23.92 21.36
C ASN D 445 22.85 23.93 22.84
N GLU D 446 21.64 23.48 23.17
CA GLU D 446 21.14 23.40 24.53
C GLU D 446 21.97 22.39 25.32
N THR D 447 22.08 22.62 26.63
CA THR D 447 22.81 21.66 27.46
C THR D 447 21.95 20.47 27.87
N SER D 448 20.64 20.63 27.97
CA SER D 448 19.78 19.53 28.38
C SER D 448 18.52 19.55 27.54
N LEU D 449 17.95 18.36 27.30
CA LEU D 449 16.64 18.30 26.68
C LEU D 449 15.61 19.09 27.47
N TRP D 450 15.74 19.16 28.80
CA TRP D 450 14.78 19.95 29.54
C TRP D 450 14.98 21.43 29.29
N ASP D 451 16.15 21.82 28.78
CA ASP D 451 16.40 23.21 28.44
C ASP D 451 15.82 23.53 27.07
N CYS D 452 15.41 22.52 26.32
CA CYS D 452 14.71 22.74 25.07
C CYS D 452 13.35 23.37 25.32
N LYS D 453 12.96 24.30 24.46
CA LYS D 453 11.73 25.03 24.69
C LYS D 453 10.53 24.21 24.24
N ASN D 454 9.42 24.42 24.95
CA ASN D 454 8.06 24.02 24.55
C ASN D 454 7.94 22.52 24.32
N TRP D 455 8.73 21.72 25.02
CA TRP D 455 8.55 20.28 24.95
C TRP D 455 7.27 19.87 25.65
N GLN D 456 6.55 18.92 25.06
CA GLN D 456 5.28 18.44 25.58
C GLN D 456 5.43 17.06 26.17
N TRP D 457 4.97 16.91 27.40
CA TRP D 457 4.96 15.63 28.11
C TRP D 457 3.54 15.09 28.16
N GLY D 458 3.33 14.00 27.44
CA GLY D 458 2.08 13.30 27.25
C GLY D 458 1.01 14.12 26.56
N GLY D 459 -0.19 13.57 26.62
CA GLY D 459 -1.37 14.11 25.97
C GLY D 459 -1.62 13.87 24.50
N LEU D 460 -0.59 13.71 23.67
CA LEU D 460 -0.86 13.43 22.26
C LEU D 460 -0.43 12.03 21.88
N THR D 461 -1.18 11.46 20.93
CA THR D 461 -0.87 10.19 20.28
C THR D 461 -0.16 10.44 18.96
N CYS D 462 0.97 9.77 18.71
CA CYS D 462 1.48 9.76 17.35
C CYS D 462 1.42 8.35 16.78
N ASP D 463 1.01 8.24 15.51
CA ASP D 463 0.91 6.95 14.82
C ASP D 463 2.18 6.30 14.28
N HIS D 464 2.48 6.68 13.02
CA HIS D 464 3.61 6.21 12.22
C HIS D 464 4.94 6.61 12.81
N TYR D 465 4.92 7.52 13.76
CA TYR D 465 6.10 7.94 14.50
C TYR D 465 6.24 7.10 15.76
N GLU D 466 6.91 5.96 15.62
CA GLU D 466 7.20 5.06 16.73
C GLU D 466 8.53 5.41 17.42
N GLU D 467 9.02 4.45 18.20
CA GLU D 467 10.28 4.43 18.94
C GLU D 467 11.43 5.16 18.27
N ALA D 468 12.02 6.10 18.99
CA ALA D 468 13.25 6.78 18.58
C ALA D 468 14.40 6.15 19.36
N LYS D 469 15.38 5.59 18.64
CA LYS D 469 16.60 5.06 19.21
C LYS D 469 17.81 5.76 18.61
N ILE D 470 18.90 5.81 19.40
CA ILE D 470 20.12 6.49 19.00
C ILE D 470 21.31 5.60 19.31
N THR D 471 22.31 5.67 18.43
CA THR D 471 23.68 5.26 18.72
C THR D 471 24.65 6.41 18.60
N CYS D 472 25.28 6.76 19.72
CA CYS D 472 26.32 7.77 19.82
C CYS D 472 27.68 7.11 19.64
N SER D 473 28.69 7.94 19.39
CA SER D 473 30.03 7.42 19.18
C SER D 473 30.54 6.70 20.41
N ALA D 474 30.07 7.11 21.60
CA ALA D 474 30.55 6.48 22.82
C ALA D 474 29.93 5.11 23.04
N HIS D 475 29.21 4.55 22.06
CA HIS D 475 28.74 3.18 22.21
C HIS D 475 29.91 2.23 22.33
N ARG D 476 30.86 2.34 21.41
CA ARG D 476 32.14 1.64 21.49
C ARG D 476 33.25 2.61 21.12
N GLU D 477 34.19 2.83 22.04
CA GLU D 477 35.29 3.75 21.80
C GLU D 477 36.58 2.95 21.74
N PRO D 478 37.28 2.94 20.61
CA PRO D 478 38.57 2.26 20.55
C PRO D 478 39.71 3.11 21.10
N ARG D 479 40.78 2.41 21.47
CA ARG D 479 42.10 2.98 21.65
C ARG D 479 43.14 1.89 21.40
N LEU D 480 44.36 2.33 21.12
CA LEU D 480 45.53 1.46 21.03
C LEU D 480 46.42 1.69 22.24
N VAL D 481 46.80 0.60 22.90
CA VAL D 481 47.59 0.65 24.12
C VAL D 481 48.85 -0.17 23.95
N GLY D 482 49.97 0.36 24.43
CA GLY D 482 51.22 -0.38 24.54
C GLY D 482 52.06 -0.43 23.29
N GLY D 483 51.69 0.27 22.23
CA GLY D 483 52.57 0.43 21.10
C GLY D 483 53.52 1.62 21.25
N ASP D 484 54.57 1.61 20.42
CA ASP D 484 55.56 2.66 20.47
C ASP D 484 55.05 3.97 19.87
N ILE D 485 53.99 3.91 19.07
CA ILE D 485 53.37 5.11 18.51
C ILE D 485 51.87 4.96 18.78
N PRO D 486 51.12 6.07 18.90
CA PRO D 486 49.68 5.94 19.20
C PRO D 486 48.88 5.17 18.16
N CYS D 487 49.33 5.10 16.91
CA CYS D 487 48.61 4.35 15.90
C CYS D 487 49.06 2.90 15.79
N SER D 488 49.69 2.37 16.84
CA SER D 488 50.09 0.97 16.90
C SER D 488 49.87 0.48 18.32
N GLY D 489 49.33 -0.72 18.47
CA GLY D 489 49.19 -1.26 19.81
C GLY D 489 48.12 -2.33 19.87
N ARG D 490 47.97 -2.88 21.08
CA ARG D 490 46.81 -3.70 21.36
C ARG D 490 45.55 -2.86 21.30
N VAL D 491 44.53 -3.39 20.63
CA VAL D 491 43.24 -2.72 20.56
C VAL D 491 42.46 -2.99 21.84
N GLU D 492 42.06 -1.92 22.52
CA GLU D 492 41.09 -2.03 23.60
C GLU D 492 39.91 -1.13 23.24
N VAL D 493 38.71 -1.65 23.41
CA VAL D 493 37.49 -0.89 23.17
C VAL D 493 36.71 -0.77 24.46
N LYS D 494 36.32 0.46 24.78
CA LYS D 494 35.41 0.70 25.89
C LYS D 494 34.00 0.52 25.33
N HIS D 495 33.29 -0.44 25.88
CA HIS D 495 31.88 -0.67 25.56
C HIS D 495 31.10 -0.52 26.85
N GLY D 496 30.20 0.46 26.87
CA GLY D 496 29.65 0.93 28.14
C GLY D 496 30.71 1.73 28.86
N ASP D 497 30.97 1.39 30.12
CA ASP D 497 32.01 2.07 30.89
C ASP D 497 33.25 1.22 31.10
N THR D 498 33.31 0.04 30.52
CA THR D 498 34.42 -0.90 30.72
C THR D 498 35.24 -1.03 29.43
N TRP D 499 36.56 -0.95 29.58
CA TRP D 499 37.47 -1.28 28.49
C TRP D 499 37.67 -2.79 28.42
N GLY D 500 37.70 -3.33 27.21
CA GLY D 500 38.05 -4.71 27.00
C GLY D 500 38.91 -4.94 25.78
N SER D 501 39.71 -6.00 25.87
CA SER D 501 40.47 -6.50 24.74
C SER D 501 39.53 -7.23 23.78
N ILE D 502 39.99 -7.40 22.55
CA ILE D 502 39.30 -8.20 21.55
C ILE D 502 40.13 -9.44 21.24
N CYS D 503 39.44 -10.57 21.08
CA CYS D 503 40.08 -11.81 20.69
C CYS D 503 40.56 -11.74 19.25
N ASP D 504 41.67 -12.43 18.99
CA ASP D 504 42.26 -12.48 17.65
C ASP D 504 41.34 -13.14 16.62
N SER D 505 40.43 -14.01 17.04
CA SER D 505 39.44 -14.54 16.11
C SER D 505 38.31 -13.56 15.79
N ASP D 506 38.10 -12.54 16.61
CA ASP D 506 36.91 -11.70 16.47
C ASP D 506 37.20 -10.32 15.86
N PHE D 507 38.37 -10.11 15.25
CA PHE D 507 38.74 -8.77 14.81
C PHE D 507 39.39 -8.84 13.44
N SER D 508 38.63 -8.45 12.40
CA SER D 508 39.13 -8.58 11.04
C SER D 508 40.03 -7.41 10.66
N LEU D 509 40.63 -7.52 9.47
CA LEU D 509 41.40 -6.42 8.88
C LEU D 509 40.54 -5.22 8.56
N GLU D 510 39.33 -5.45 8.06
CA GLU D 510 38.41 -4.35 7.77
C GLU D 510 37.99 -3.60 9.01
N ALA D 511 37.67 -4.33 10.09
CA ALA D 511 37.35 -3.68 11.34
C ALA D 511 38.51 -2.88 11.92
N ALA D 512 39.73 -3.40 11.85
CA ALA D 512 40.87 -2.60 12.29
C ALA D 512 41.09 -1.37 11.42
N SER D 513 40.87 -1.48 10.12
CA SER D 513 40.97 -0.31 9.25
C SER D 513 39.94 0.76 9.58
N VAL D 514 38.67 0.36 9.72
CA VAL D 514 37.63 1.29 10.13
C VAL D 514 37.92 1.89 11.50
N LEU D 515 38.32 1.07 12.47
CA LEU D 515 38.61 1.59 13.79
C LEU D 515 39.72 2.63 13.79
N CYS D 516 40.87 2.34 13.18
CA CYS D 516 41.94 3.35 13.17
C CYS D 516 41.54 4.57 12.33
N ARG D 517 40.69 4.38 11.32
CA ARG D 517 40.22 5.52 10.54
C ARG D 517 39.34 6.40 11.41
N GLU D 518 38.44 5.80 12.17
CA GLU D 518 37.62 6.61 13.07
C GLU D 518 38.58 7.34 14.00
N LEU D 519 39.59 6.62 14.50
CA LEU D 519 40.67 7.18 15.30
C LEU D 519 41.63 8.00 14.46
N GLN D 520 41.36 8.11 13.15
CA GLN D 520 42.19 8.79 12.14
C GLN D 520 43.65 8.31 12.07
N CYS D 521 43.87 7.00 12.21
CA CYS D 521 45.23 6.47 12.14
C CYS D 521 45.56 5.82 10.80
N GLY D 522 44.67 5.93 9.81
CA GLY D 522 44.90 5.49 8.43
C GLY D 522 44.56 4.06 8.04
N THR D 523 45.44 3.40 7.30
CA THR D 523 45.18 2.04 6.85
C THR D 523 45.94 1.04 7.73
N VAL D 524 45.37 -0.17 7.83
CA VAL D 524 45.98 -1.28 8.53
C VAL D 524 47.23 -1.80 7.81
N VAL D 525 48.33 -1.92 8.55
CA VAL D 525 49.55 -2.49 8.02
C VAL D 525 49.69 -3.96 8.43
N SER D 526 49.43 -4.28 9.69
CA SER D 526 49.51 -5.68 10.11
C SER D 526 48.65 -5.90 11.35
N ILE D 527 48.15 -7.12 11.45
CA ILE D 527 47.53 -7.64 12.66
C ILE D 527 48.47 -8.67 13.30
N LEU D 528 48.62 -8.57 14.62
CA LEU D 528 49.59 -9.34 15.38
C LEU D 528 48.85 -9.97 16.54
N GLY D 529 48.78 -11.29 16.56
CA GLY D 529 48.20 -12.02 17.66
C GLY D 529 49.18 -12.25 18.81
N GLY D 530 48.71 -13.03 19.77
CA GLY D 530 49.58 -13.51 20.83
C GLY D 530 50.06 -12.46 21.79
N ALA D 531 49.24 -11.43 22.05
CA ALA D 531 49.58 -10.35 22.98
C ALA D 531 50.89 -9.66 22.61
N HIS D 532 51.11 -9.46 21.31
CA HIS D 532 52.37 -8.92 20.82
C HIS D 532 52.73 -7.60 21.49
N PHE D 533 51.72 -6.81 21.84
CA PHE D 533 51.89 -5.55 22.54
C PHE D 533 51.68 -5.65 24.05
N GLY D 534 51.84 -6.83 24.63
CA GLY D 534 51.51 -7.06 26.02
C GLY D 534 50.08 -7.52 26.25
N GLU D 535 49.90 -8.19 27.39
CA GLU D 535 48.60 -8.67 27.82
C GLU D 535 47.65 -7.53 28.17
N GLY D 536 46.40 -7.66 27.76
CA GLY D 536 45.36 -6.77 28.26
C GLY D 536 45.04 -7.08 29.71
N ASN D 537 44.10 -6.31 30.27
CA ASN D 537 43.67 -6.57 31.63
C ASN D 537 42.16 -6.53 31.80
N GLY D 538 41.63 -7.50 32.54
CA GLY D 538 40.23 -7.52 32.91
C GLY D 538 39.38 -8.37 31.97
N GLN D 539 38.29 -7.77 31.48
CA GLN D 539 37.27 -8.47 30.72
C GLN D 539 37.66 -8.50 29.24
N ILE D 540 37.36 -9.61 28.59
CA ILE D 540 37.45 -9.73 27.13
C ILE D 540 36.06 -9.79 26.53
N TRP D 541 35.82 -8.91 25.55
CA TRP D 541 34.55 -8.89 24.82
C TRP D 541 34.37 -10.16 24.00
N ALA D 542 33.21 -10.78 24.16
CA ALA D 542 32.78 -11.98 23.44
C ALA D 542 31.96 -11.66 22.20
N GLU D 543 32.32 -10.64 21.43
CA GLU D 543 31.51 -10.25 20.29
C GLU D 543 32.41 -10.08 19.07
N GLU D 544 31.98 -10.64 17.94
CA GLU D 544 32.66 -10.47 16.65
C GLU D 544 32.02 -9.34 15.87
N PHE D 545 32.83 -8.42 15.35
CA PHE D 545 32.31 -7.37 14.50
C PHE D 545 32.24 -7.93 13.09
N GLN D 546 31.05 -8.27 12.59
CA GLN D 546 31.11 -8.79 11.22
C GLN D 546 30.84 -7.70 10.20
N CYS D 547 31.61 -6.63 10.33
CA CYS D 547 31.59 -5.49 9.44
C CYS D 547 32.28 -5.76 8.11
N GLU D 548 31.75 -5.09 7.06
CA GLU D 548 32.38 -5.03 5.75
C GLU D 548 33.52 -4.04 5.60
N GLY D 549 33.67 -3.04 6.47
CA GLY D 549 34.84 -2.19 6.34
C GLY D 549 34.60 -0.85 5.68
N HIS D 550 33.39 -0.57 5.24
CA HIS D 550 33.03 0.72 4.66
C HIS D 550 32.31 1.62 5.64
N GLU D 551 31.97 1.08 6.81
CA GLU D 551 31.21 1.79 7.83
C GLU D 551 32.01 2.98 8.34
N SER D 552 31.32 4.09 8.62
CA SER D 552 31.99 5.28 9.11
C SER D 552 32.49 5.10 10.55
N HIS D 553 31.85 4.25 11.34
CA HIS D 553 32.23 4.08 12.73
C HIS D 553 32.04 2.61 13.10
N LEU D 554 32.87 2.13 14.04
CA LEU D 554 32.68 0.78 14.54
C LEU D 554 31.31 0.62 15.19
N SER D 555 30.74 1.71 15.71
CA SER D 555 29.38 1.64 16.22
C SER D 555 28.38 1.24 15.15
N LEU D 556 28.70 1.42 13.88
CA LEU D 556 27.74 1.02 12.86
C LEU D 556 27.98 -0.37 12.29
N CYS D 557 29.14 -0.96 12.53
CA CYS D 557 29.20 -2.31 11.98
C CYS D 557 28.37 -3.25 12.86
N PRO D 558 27.56 -4.13 12.25
CA PRO D 558 26.93 -5.22 13.01
C PRO D 558 27.92 -6.07 13.80
N VAL D 559 27.48 -6.46 15.00
CA VAL D 559 28.18 -7.37 15.89
C VAL D 559 27.36 -8.62 16.13
N ALA D 560 28.03 -9.78 16.10
CA ALA D 560 27.34 -11.00 16.51
C ALA D 560 27.95 -11.47 17.83
N PRO D 561 27.14 -11.94 18.78
CA PRO D 561 27.71 -12.54 19.99
C PRO D 561 28.50 -13.81 19.71
N ARG D 562 29.66 -13.90 20.35
CA ARG D 562 30.46 -15.12 20.27
C ARG D 562 29.65 -16.29 20.80
N PRO D 563 29.54 -17.39 20.06
CA PRO D 563 29.02 -18.62 20.67
C PRO D 563 29.91 -19.04 21.82
N GLU D 564 29.30 -19.64 22.85
CA GLU D 564 29.93 -20.02 24.10
C GLU D 564 31.38 -20.46 23.93
N GLY D 565 32.30 -19.68 24.51
CA GLY D 565 33.72 -19.96 24.45
C GLY D 565 34.52 -18.87 25.15
N THR D 566 35.47 -19.29 25.96
CA THR D 566 36.40 -18.38 26.65
C THR D 566 37.67 -18.09 25.85
N CYS D 567 37.85 -16.82 25.50
CA CYS D 567 39.10 -16.30 25.00
C CYS D 567 39.95 -15.88 26.19
N SER D 568 41.27 -16.05 26.06
CA SER D 568 42.18 -15.56 27.07
C SER D 568 43.09 -14.50 26.47
N HIS D 569 43.66 -13.68 27.37
CA HIS D 569 44.51 -12.59 26.96
C HIS D 569 45.76 -13.04 26.20
N SER D 570 46.15 -14.32 26.33
CA SER D 570 47.20 -14.85 25.46
C SER D 570 46.82 -14.80 23.99
N ARG D 571 45.56 -14.55 23.68
CA ARG D 571 45.09 -14.46 22.30
C ARG D 571 44.56 -13.07 21.98
N ASP D 572 44.90 -12.06 22.80
CA ASP D 572 44.47 -10.71 22.51
C ASP D 572 45.06 -10.22 21.18
N VAL D 573 44.20 -9.65 20.35
CA VAL D 573 44.62 -9.12 19.06
C VAL D 573 45.28 -7.77 19.21
N GLY D 574 46.34 -7.53 18.45
CA GLY D 574 46.96 -6.22 18.35
C GLY D 574 46.98 -5.78 16.90
N VAL D 575 46.89 -4.48 16.65
CA VAL D 575 46.97 -3.98 15.29
C VAL D 575 47.95 -2.81 15.19
N VAL D 576 48.69 -2.78 14.09
CA VAL D 576 49.42 -1.57 13.68
C VAL D 576 48.89 -1.14 12.32
N CYS D 577 48.44 0.10 12.23
CA CYS D 577 48.05 0.71 10.96
C CYS D 577 49.11 1.72 10.52
N SER D 578 48.93 2.24 9.30
CA SER D 578 49.95 2.96 8.53
C SER D 578 50.28 4.41 8.92
N ARG D 579 49.54 5.15 9.74
CA ARG D 579 49.91 6.55 9.80
C ARG D 579 50.90 6.80 10.92
N TYR D 580 51.86 7.68 10.63
CA TYR D 580 52.75 8.35 11.59
C TYR D 580 52.23 9.72 11.98
N THR D 581 51.99 9.92 13.28
CA THR D 581 51.36 11.10 13.82
C THR D 581 52.29 11.95 14.68
N GLU D 582 53.47 11.43 15.06
CA GLU D 582 54.35 12.13 16.00
C GLU D 582 55.27 13.06 15.22
N ILE D 583 54.73 14.22 14.87
CA ILE D 583 55.45 15.33 14.25
C ILE D 583 55.16 16.57 15.07
N ARG D 584 56.16 17.45 15.24
CA ARG D 584 55.90 18.66 16.01
C ARG D 584 56.65 19.85 15.43
N LEU D 585 56.15 21.02 15.76
CA LEU D 585 56.79 22.31 15.54
C LEU D 585 57.49 22.77 16.80
N VAL D 586 58.72 23.25 16.66
CA VAL D 586 59.54 23.69 17.78
C VAL D 586 59.98 25.13 17.55
N ASN D 587 60.06 25.88 18.65
CA ASN D 587 60.49 27.28 18.70
C ASN D 587 59.59 28.18 17.88
N GLY D 588 58.34 27.77 17.68
CA GLY D 588 57.32 28.68 17.19
C GLY D 588 56.84 29.64 18.25
N LYS D 589 56.27 30.76 17.80
CA LYS D 589 55.52 31.60 18.72
C LYS D 589 54.18 30.97 19.08
N THR D 590 53.64 30.12 18.20
CA THR D 590 52.45 29.33 18.44
C THR D 590 52.86 27.88 18.23
N PRO D 591 52.12 26.91 18.77
CA PRO D 591 52.44 25.50 18.44
C PRO D 591 52.24 25.11 16.98
N CYS D 592 51.64 25.96 16.14
CA CYS D 592 51.39 25.62 14.74
C CYS D 592 52.31 26.36 13.78
N GLU D 593 53.38 26.97 14.28
CA GLU D 593 54.45 27.46 13.43
C GLU D 593 55.74 27.07 14.13
N GLY D 594 56.80 26.92 13.36
CA GLY D 594 58.09 26.66 13.96
C GLY D 594 58.96 25.89 12.99
N ARG D 595 60.13 25.50 13.49
CA ARG D 595 60.93 24.54 12.77
C ARG D 595 60.24 23.18 12.92
N VAL D 596 60.17 22.43 11.83
CA VAL D 596 59.59 21.09 11.86
C VAL D 596 60.59 20.06 12.39
N GLU D 597 60.23 19.40 13.49
CA GLU D 597 60.94 18.26 14.02
C GLU D 597 60.07 16.99 13.98
N LEU D 598 60.70 15.90 13.57
CA LEU D 598 60.08 14.58 13.53
C LEU D 598 60.78 13.71 14.55
N LYS D 599 60.03 12.86 15.23
CA LYS D 599 60.61 11.85 16.10
C LYS D 599 60.70 10.52 15.36
N THR D 600 61.92 10.05 15.16
CA THR D 600 62.20 8.74 14.62
C THR D 600 63.26 8.09 15.50
N LEU D 601 63.16 6.76 15.63
CA LEU D 601 64.06 6.00 16.50
C LEU D 601 64.10 6.58 17.91
N GLY D 602 62.96 7.12 18.35
CA GLY D 602 62.83 7.74 19.66
C GLY D 602 63.40 9.13 19.80
N ALA D 603 64.03 9.69 18.78
CA ALA D 603 64.66 11.01 18.89
C ALA D 603 63.98 12.01 17.97
N TRP D 604 63.73 13.21 18.50
CA TRP D 604 63.28 14.34 17.73
C TRP D 604 64.44 14.96 16.95
N GLY D 605 64.20 15.32 15.69
CA GLY D 605 65.21 15.99 14.91
C GLY D 605 64.59 16.89 13.87
N SER D 606 65.37 17.91 13.48
CA SER D 606 64.94 18.85 12.46
C SER D 606 64.90 18.22 11.07
N LEU D 607 63.84 18.50 10.33
CA LEU D 607 63.72 18.08 8.95
C LEU D 607 64.56 18.99 8.06
N CYS D 608 65.22 18.41 7.07
CA CYS D 608 65.95 19.22 6.12
C CYS D 608 64.98 19.99 5.22
N ASN D 609 65.35 21.23 4.90
CA ASN D 609 64.58 22.11 4.03
C ASN D 609 64.92 21.99 2.56
N SER D 610 65.76 21.04 2.16
CA SER D 610 66.21 21.00 0.77
C SER D 610 65.04 20.83 -0.19
N HIS D 611 63.97 20.18 0.25
CA HIS D 611 62.77 20.02 -0.57
C HIS D 611 61.53 20.42 0.21
N TRP D 612 61.68 21.06 1.36
CA TRP D 612 60.56 21.44 2.21
C TRP D 612 59.91 22.69 1.61
N ASP D 613 58.75 22.49 0.99
CA ASP D 613 58.04 23.57 0.35
C ASP D 613 56.84 24.01 1.18
N ILE D 614 56.09 24.96 0.63
CA ILE D 614 54.95 25.56 1.33
C ILE D 614 53.74 24.65 1.33
N GLU D 615 53.62 23.77 0.33
CA GLU D 615 52.53 22.79 0.31
C GLU D 615 52.62 21.79 1.46
N ASP D 616 53.81 21.21 1.67
CA ASP D 616 54.04 20.37 2.84
C ASP D 616 53.72 21.10 4.14
N ALA D 617 54.23 22.33 4.28
CA ALA D 617 53.96 23.10 5.49
C ALA D 617 52.48 23.41 5.64
N HIS D 618 51.80 23.62 4.51
CA HIS D 618 50.37 23.88 4.51
C HIS D 618 49.62 22.68 5.06
N VAL D 619 49.94 21.50 4.55
CA VAL D 619 49.33 20.27 5.04
C VAL D 619 49.57 20.09 6.54
N LEU D 620 50.80 20.33 7.01
CA LEU D 620 51.03 20.18 8.45
C LEU D 620 50.22 21.16 9.29
N CYS D 621 50.24 22.44 8.93
CA CYS D 621 49.44 23.44 9.68
C CYS D 621 47.94 23.18 9.58
N GLN D 622 47.47 22.72 8.42
CA GLN D 622 46.07 22.38 8.26
C GLN D 622 45.73 21.24 9.20
N GLN D 623 46.58 20.22 9.25
CA GLN D 623 46.38 19.12 10.18
C GLN D 623 46.25 19.68 11.60
N LEU D 624 47.06 20.71 11.91
CA LEU D 624 47.05 21.41 13.20
C LEU D 624 45.89 22.41 13.34
N LYS D 625 44.98 22.47 12.35
CA LYS D 625 43.85 23.40 12.31
C LYS D 625 44.22 24.89 12.38
N CYS D 626 45.31 25.28 11.72
CA CYS D 626 45.76 26.68 11.72
C CYS D 626 45.54 27.37 10.38
N GLY D 627 44.73 26.78 9.50
CA GLY D 627 44.50 27.36 8.19
C GLY D 627 45.66 27.22 7.22
N VAL D 628 45.93 28.29 6.48
CA VAL D 628 46.95 28.26 5.42
C VAL D 628 48.32 28.68 5.94
N ALA D 629 49.33 28.14 5.25
CA ALA D 629 50.71 28.55 5.41
C ALA D 629 50.93 29.93 4.79
N LEU D 630 51.56 30.83 5.56
CA LEU D 630 51.87 32.16 5.06
C LEU D 630 53.28 32.27 4.52
N SER D 631 54.25 31.59 5.12
CA SER D 631 55.61 31.62 4.62
C SER D 631 56.38 30.43 5.17
N THR D 632 57.43 30.04 4.45
CA THR D 632 58.42 29.07 4.91
C THR D 632 59.78 29.77 5.05
N PRO D 633 60.01 30.47 6.15
CA PRO D 633 61.28 31.21 6.31
C PRO D 633 62.48 30.28 6.20
N GLY D 634 63.39 30.63 5.28
CA GLY D 634 64.65 29.93 5.18
C GLY D 634 65.58 30.22 6.34
N GLY D 635 66.44 29.25 6.64
CA GLY D 635 67.44 29.38 7.66
C GLY D 635 66.93 29.12 9.07
N ALA D 636 67.90 28.94 9.98
CA ALA D 636 67.63 28.65 11.38
C ALA D 636 67.16 29.87 12.14
N ARG D 637 66.19 30.61 11.58
CA ARG D 637 65.70 31.82 12.22
C ARG D 637 65.19 31.52 13.62
N PHE D 638 64.67 30.32 13.86
CA PHE D 638 64.24 29.89 15.18
C PHE D 638 65.31 29.06 15.86
N GLY D 639 66.54 29.14 15.37
CA GLY D 639 67.64 28.30 15.79
C GLY D 639 67.64 26.95 15.10
N LYS D 640 68.85 26.36 15.07
CA LYS D 640 69.08 25.07 14.42
C LYS D 640 68.62 23.90 15.27
N GLY D 641 68.46 24.10 16.58
CA GLY D 641 68.34 22.99 17.49
C GLY D 641 69.68 22.37 17.80
N ASN D 642 69.73 21.66 18.92
CA ASN D 642 70.96 21.00 19.34
C ASN D 642 71.02 19.53 18.98
N GLY D 643 70.05 19.03 18.21
CA GLY D 643 69.96 17.62 17.91
C GLY D 643 70.38 17.29 16.49
N GLN D 644 70.24 16.01 16.17
CA GLN D 644 70.42 15.54 14.79
C GLN D 644 69.37 16.13 13.86
N ILE D 645 69.78 16.37 12.62
CA ILE D 645 68.91 16.82 11.54
C ILE D 645 68.43 15.61 10.72
N TRP D 646 67.11 15.42 10.67
CA TRP D 646 66.54 14.37 9.82
C TRP D 646 66.52 14.76 8.35
N ARG D 647 67.05 13.86 7.52
CA ARG D 647 67.16 13.99 6.08
C ARG D 647 66.05 13.22 5.37
N HIS D 648 64.91 13.09 6.04
CA HIS D 648 63.73 12.44 5.47
C HIS D 648 63.14 13.27 4.34
N MET D 649 62.90 12.61 3.20
CA MET D 649 62.26 13.22 2.04
C MET D 649 60.82 12.76 1.91
N PHE D 650 59.90 13.68 2.20
CA PHE D 650 58.47 13.55 1.93
C PHE D 650 58.15 13.89 0.48
N HIS D 651 57.09 13.27 -0.05
CA HIS D 651 56.66 13.50 -1.43
C HIS D 651 55.15 13.71 -1.44
N CYS D 652 54.69 14.69 -0.69
CA CYS D 652 53.26 14.98 -0.62
C CYS D 652 52.76 15.58 -1.92
N THR D 653 51.48 15.39 -2.19
CA THR D 653 50.79 16.13 -3.23
C THR D 653 50.20 17.43 -2.72
N GLY D 654 50.18 17.63 -1.40
CA GLY D 654 49.56 18.78 -0.76
C GLY D 654 48.10 18.61 -0.42
N THR D 655 47.49 17.47 -0.77
CA THR D 655 46.09 17.20 -0.49
C THR D 655 45.90 16.21 0.64
N GLU D 656 46.98 15.59 1.12
CA GLU D 656 46.91 14.64 2.22
C GLU D 656 46.51 15.31 3.53
N GLN D 657 45.79 14.54 4.35
CA GLN D 657 45.34 14.98 5.66
C GLN D 657 46.40 14.81 6.75
N HIS D 658 47.34 13.89 6.56
CA HIS D 658 48.36 13.60 7.57
C HIS D 658 49.72 13.40 6.92
N MET D 659 50.77 13.79 7.64
CA MET D 659 52.14 13.61 7.16
C MET D 659 52.45 12.15 6.89
N GLY D 660 51.82 11.23 7.63
CA GLY D 660 51.99 9.82 7.40
C GLY D 660 51.34 9.29 6.15
N ASP D 661 50.48 10.08 5.50
CA ASP D 661 49.93 9.64 4.22
C ASP D 661 50.85 9.97 3.03
N CYS D 662 51.83 10.85 3.21
CA CYS D 662 52.74 11.12 2.10
C CYS D 662 53.77 10.01 1.97
N PRO D 663 54.16 9.67 0.74
CA PRO D 663 55.33 8.79 0.56
C PRO D 663 56.57 9.39 1.20
N VAL D 664 57.34 8.54 1.87
CA VAL D 664 58.55 8.96 2.58
C VAL D 664 59.71 8.09 2.10
N THR D 665 60.83 8.73 1.78
CA THR D 665 62.09 8.05 1.49
C THR D 665 63.17 8.58 2.43
N ALA D 666 63.84 7.68 3.15
CA ALA D 666 65.01 8.07 3.92
C ALA D 666 66.29 7.33 3.55
N LEU D 667 66.21 6.19 2.87
CA LEU D 667 67.42 5.47 2.48
C LEU D 667 68.24 6.30 1.49
N GLY D 668 69.54 6.41 1.76
CA GLY D 668 70.44 7.10 0.86
C GLY D 668 70.26 8.59 0.76
N ALA D 669 69.37 9.17 1.57
CA ALA D 669 69.07 10.58 1.47
C ALA D 669 70.31 11.45 1.72
N SER D 670 70.47 12.48 0.89
CA SER D 670 71.63 13.35 0.99
C SER D 670 71.65 14.05 2.34
N LEU D 671 72.86 14.45 2.76
CA LEU D 671 73.02 15.20 4.00
C LEU D 671 72.34 16.56 3.97
N CYS D 672 72.39 17.28 5.10
CA CYS D 672 71.82 18.61 5.25
C CYS D 672 72.77 19.46 6.10
N PRO D 673 73.28 20.57 5.56
CA PRO D 673 74.07 21.48 6.40
C PRO D 673 73.29 21.99 7.61
N SER D 674 74.03 22.18 8.71
CA SER D 674 73.42 22.51 10.00
C SER D 674 72.62 23.81 10.01
N GLU D 675 72.82 24.71 9.05
CA GLU D 675 72.09 25.97 9.06
C GLU D 675 70.89 25.98 8.13
N GLN D 676 70.70 24.94 7.33
CA GLN D 676 69.62 24.92 6.34
C GLN D 676 68.43 24.11 6.87
N VAL D 677 67.85 24.56 7.98
CA VAL D 677 66.70 23.85 8.55
C VAL D 677 65.40 24.54 8.17
N ALA D 678 64.39 23.74 7.89
CA ALA D 678 63.05 24.19 7.53
C ALA D 678 62.31 24.86 8.68
N SER D 679 61.60 25.95 8.38
CA SER D 679 60.75 26.60 9.37
C SER D 679 59.54 27.15 8.63
N VAL D 680 58.43 27.34 9.35
CA VAL D 680 57.21 27.83 8.73
C VAL D 680 56.42 28.72 9.69
N ILE D 681 55.75 29.74 9.13
CA ILE D 681 54.70 30.46 9.84
C ILE D 681 53.41 30.35 9.05
N CYS D 682 52.42 29.64 9.57
CA CYS D 682 51.10 29.60 8.94
C CYS D 682 50.17 30.63 9.57
N SER D 683 49.08 30.91 8.86
CA SER D 683 48.05 31.83 9.36
C SER D 683 47.44 31.29 10.65
N MET D 822 62.91 1.98 -7.28
CA MET D 822 63.38 0.96 -6.35
C MET D 822 62.67 -0.36 -6.62
N SER D 823 63.42 -1.45 -6.60
CA SER D 823 62.82 -2.77 -6.71
C SER D 823 63.56 -3.70 -5.76
N LEU D 824 62.88 -4.71 -5.25
CA LEU D 824 63.52 -5.62 -4.30
C LEU D 824 63.52 -7.02 -4.89
N ARG D 825 64.60 -7.76 -4.63
CA ARG D 825 64.61 -9.17 -4.98
C ARG D 825 65.55 -9.93 -4.07
N LEU D 826 65.36 -11.24 -4.04
CA LEU D 826 66.35 -12.17 -3.53
C LEU D 826 66.94 -12.84 -4.77
N THR D 827 68.26 -12.82 -4.88
CA THR D 827 68.95 -13.49 -5.96
C THR D 827 69.66 -14.74 -5.47
N SER D 828 69.34 -15.85 -6.11
CA SER D 828 69.99 -17.14 -5.97
C SER D 828 70.45 -17.52 -7.37
N GLU D 829 71.66 -18.05 -7.51
CA GLU D 829 72.03 -18.56 -8.82
C GLU D 829 71.64 -20.01 -9.03
N ALA D 830 71.44 -20.78 -7.95
CA ALA D 830 71.36 -22.22 -8.10
C ALA D 830 69.97 -22.78 -7.81
N SER D 831 69.08 -22.01 -7.19
CA SER D 831 67.77 -22.54 -6.81
C SER D 831 66.71 -21.56 -7.27
N ARG D 832 65.57 -22.09 -7.70
CA ARG D 832 64.31 -21.35 -7.83
C ARG D 832 63.58 -21.12 -6.50
N GLU D 833 64.04 -20.12 -5.74
CA GLU D 833 63.43 -19.87 -4.42
C GLU D 833 63.32 -18.36 -4.24
N ALA D 834 62.10 -17.83 -4.40
CA ALA D 834 61.87 -16.41 -4.24
C ALA D 834 62.08 -15.91 -2.82
N CYS D 835 62.13 -16.80 -1.82
CA CYS D 835 62.15 -16.35 -0.44
C CYS D 835 63.44 -16.69 0.31
N ALA D 836 64.50 -17.08 -0.38
CA ALA D 836 65.79 -17.23 0.25
C ALA D 836 66.85 -16.71 -0.71
N GLY D 837 67.76 -15.88 -0.24
CA GLY D 837 68.76 -15.40 -1.19
C GLY D 837 69.54 -14.19 -0.72
N ARG D 838 70.30 -13.67 -1.68
CA ARG D 838 71.01 -12.40 -1.53
C ARG D 838 70.05 -11.25 -1.74
N LEU D 839 70.10 -10.26 -0.85
CA LEU D 839 69.21 -9.11 -0.94
C LEU D 839 69.73 -8.13 -1.99
N GLU D 840 68.96 -7.93 -3.05
CA GLU D 840 69.34 -7.00 -4.11
C GLU D 840 68.24 -5.95 -4.25
N VAL D 841 68.66 -4.70 -4.43
CA VAL D 841 67.76 -3.60 -4.73
C VAL D 841 68.07 -3.08 -6.13
N PHE D 842 67.04 -2.86 -6.93
CA PHE D 842 67.18 -2.11 -8.16
C PHE D 842 67.07 -0.64 -7.81
N TYR D 843 68.09 0.13 -8.19
CA TYR D 843 68.12 1.58 -8.03
C TYR D 843 69.03 2.20 -9.08
N ASN D 844 68.63 3.38 -9.54
CA ASN D 844 69.38 4.14 -10.55
C ASN D 844 69.77 3.25 -11.72
N GLY D 845 68.83 2.41 -12.13
CA GLY D 845 68.99 1.61 -13.33
C GLY D 845 69.75 0.32 -13.16
N ALA D 846 70.22 -0.02 -11.96
CA ALA D 846 70.95 -1.26 -11.79
C ALA D 846 70.59 -1.94 -10.48
N TRP D 847 70.67 -3.26 -10.48
CA TRP D 847 70.55 -4.05 -9.27
C TRP D 847 71.86 -4.03 -8.50
N GLY D 848 71.77 -3.91 -7.18
CA GLY D 848 72.94 -4.04 -6.35
C GLY D 848 72.65 -4.61 -4.98
N THR D 849 73.72 -5.15 -4.37
CA THR D 849 73.64 -5.77 -3.06
C THR D 849 73.51 -4.71 -1.96
N VAL D 850 73.01 -5.14 -0.81
CA VAL D 850 73.06 -4.36 0.41
C VAL D 850 74.23 -4.87 1.25
N GLY D 851 75.00 -3.95 1.84
CA GLY D 851 76.13 -4.35 2.64
C GLY D 851 75.71 -4.90 3.99
N LYS D 852 76.40 -5.96 4.41
CA LYS D 852 76.08 -6.64 5.67
C LYS D 852 76.49 -5.82 6.88
N SER D 853 75.57 -5.01 7.42
CA SER D 853 75.91 -4.14 8.53
C SER D 853 74.70 -3.47 9.18
N SER D 854 74.63 -3.52 10.51
CA SER D 854 73.57 -2.94 11.33
C SER D 854 72.15 -3.42 11.01
N MET D 855 71.96 -4.44 10.18
CA MET D 855 70.60 -4.90 9.96
C MET D 855 70.08 -5.64 11.18
N SER D 856 68.91 -5.23 11.65
CA SER D 856 68.21 -5.80 12.78
C SER D 856 67.13 -6.74 12.30
N GLU D 857 66.66 -7.58 13.22
CA GLU D 857 65.49 -8.40 12.92
C GLU D 857 64.28 -7.57 12.56
N THR D 858 64.18 -6.34 13.07
CA THR D 858 63.14 -5.43 12.60
C THR D 858 63.30 -5.13 11.12
N THR D 859 64.52 -4.84 10.69
CA THR D 859 64.80 -4.64 9.26
C THR D 859 64.50 -5.88 8.44
N VAL D 860 64.87 -7.06 8.95
CA VAL D 860 64.54 -8.29 8.24
C VAL D 860 63.03 -8.48 8.13
N GLY D 861 62.31 -8.19 9.20
CA GLY D 861 60.87 -8.22 9.12
C GLY D 861 60.32 -7.28 8.08
N VAL D 862 60.84 -6.06 8.01
CA VAL D 862 60.43 -5.13 6.97
C VAL D 862 60.67 -5.65 5.56
N VAL D 863 61.88 -6.15 5.28
CA VAL D 863 62.14 -6.68 3.94
C VAL D 863 61.23 -7.86 3.61
N CYS D 864 61.12 -8.83 4.51
CA CYS D 864 60.27 -10.00 4.28
C CYS D 864 58.79 -9.66 4.19
N ARG D 865 58.31 -8.68 4.94
CA ARG D 865 56.93 -8.25 4.77
C ARG D 865 56.74 -7.61 3.41
N GLN D 866 57.64 -6.69 3.04
CA GLN D 866 57.50 -6.08 1.72
C GLN D 866 57.60 -7.16 0.65
N LEU D 867 58.46 -8.16 0.86
CA LEU D 867 58.55 -9.29 -0.04
C LEU D 867 57.46 -10.32 0.26
N GLY D 868 56.66 -10.10 1.30
CA GLY D 868 55.66 -11.07 1.74
C GLY D 868 56.14 -12.40 2.27
N CYS D 869 57.33 -12.49 2.86
CA CYS D 869 57.79 -13.82 3.30
C CYS D 869 57.41 -14.19 4.73
N ALA D 870 57.78 -13.39 5.72
CA ALA D 870 57.43 -13.69 7.11
C ALA D 870 57.72 -12.47 7.97
N ASP D 871 57.40 -12.59 9.26
CA ASP D 871 57.71 -11.53 10.20
C ASP D 871 59.20 -11.53 10.56
N LYS D 872 59.83 -12.70 10.53
CA LYS D 872 61.19 -12.84 11.01
C LYS D 872 61.97 -13.71 10.04
N GLY D 873 63.29 -13.74 10.22
CA GLY D 873 64.14 -14.62 9.46
C GLY D 873 65.55 -14.57 10.01
N LYS D 874 66.40 -15.43 9.47
CA LYS D 874 67.77 -15.55 9.94
C LYS D 874 68.72 -15.23 8.79
N ILE D 875 69.85 -14.64 9.15
CA ILE D 875 70.92 -14.40 8.20
C ILE D 875 71.77 -15.66 8.05
N ASN D 876 71.78 -16.20 6.84
CA ASN D 876 72.56 -17.35 6.45
C ASN D 876 74.00 -16.95 6.21
N PRO D 877 74.94 -17.88 6.37
CA PRO D 877 76.28 -17.66 5.85
C PRO D 877 76.22 -17.54 4.34
N ALA D 878 76.98 -16.60 3.79
CA ALA D 878 77.04 -16.46 2.36
C ALA D 878 77.66 -17.69 1.71
N SER D 879 77.14 -18.03 0.54
CA SER D 879 77.67 -19.12 -0.28
C SER D 879 79.03 -18.73 -0.85
N LEU D 880 80.07 -19.45 -0.45
CA LEU D 880 81.42 -19.21 -0.94
C LEU D 880 81.55 -19.49 -2.43
N ASP D 881 80.58 -20.17 -3.03
CA ASP D 881 80.66 -20.62 -4.41
C ASP D 881 80.33 -19.54 -5.42
N LYS D 882 80.14 -18.29 -4.99
CA LYS D 882 79.77 -17.23 -5.92
C LYS D 882 81.01 -16.35 -6.09
N ALA D 883 81.49 -16.25 -7.33
CA ALA D 883 82.66 -15.44 -7.64
C ALA D 883 82.35 -14.02 -8.08
N MET D 884 81.09 -13.64 -8.21
CA MET D 884 80.75 -12.33 -8.76
C MET D 884 80.56 -11.26 -7.68
N SER D 885 81.39 -10.22 -7.76
CA SER D 885 81.30 -9.03 -6.93
C SER D 885 80.16 -8.13 -7.41
N ILE D 886 79.28 -7.73 -6.50
CA ILE D 886 78.15 -6.88 -6.91
C ILE D 886 78.26 -5.44 -6.42
N PRO D 887 77.78 -4.50 -7.23
CA PRO D 887 77.65 -3.11 -6.77
C PRO D 887 76.71 -3.04 -5.57
N MET D 888 77.15 -2.37 -4.53
CA MET D 888 76.29 -2.01 -3.42
C MET D 888 75.94 -0.54 -3.52
N TRP D 889 74.68 -0.22 -3.22
CA TRP D 889 74.16 1.14 -3.30
C TRP D 889 74.09 1.82 -1.96
N VAL D 890 73.74 1.09 -0.90
CA VAL D 890 73.49 1.69 0.41
C VAL D 890 73.74 0.61 1.45
N ASP D 891 74.20 1.03 2.63
CA ASP D 891 74.33 0.12 3.76
C ASP D 891 73.89 0.80 5.04
N ASN D 892 73.94 0.03 6.14
CA ASN D 892 73.60 0.53 7.47
C ASN D 892 72.18 1.07 7.53
N VAL D 893 71.25 0.44 6.82
CA VAL D 893 69.89 0.95 6.81
C VAL D 893 69.22 0.56 8.12
N GLN D 894 68.85 1.55 8.94
CA GLN D 894 68.22 1.23 10.21
C GLN D 894 66.88 1.95 10.33
N CYS D 895 65.82 1.22 10.25
CA CYS D 895 64.41 1.50 10.45
C CYS D 895 63.89 1.03 11.79
N PRO D 896 63.12 1.86 12.48
CA PRO D 896 62.30 1.38 13.60
C PRO D 896 61.26 0.35 13.19
N LYS D 897 60.64 -0.22 14.21
CA LYS D 897 59.39 -0.96 14.06
C LYS D 897 58.23 -0.04 13.71
N GLY D 898 57.46 -0.47 12.72
CA GLY D 898 56.36 0.28 12.18
C GLY D 898 56.40 0.33 10.66
N PRO D 899 57.47 0.84 10.06
CA PRO D 899 57.49 0.94 8.60
C PRO D 899 57.30 -0.41 7.93
N ASP D 900 56.54 -0.40 6.83
CA ASP D 900 56.29 -1.58 6.02
C ASP D 900 57.24 -1.73 4.83
N THR D 901 57.87 -0.64 4.41
CA THR D 901 58.76 -0.63 3.25
C THR D 901 60.13 -0.08 3.63
N LEU D 902 61.17 -0.65 2.99
CA LEU D 902 62.53 -0.17 3.19
C LEU D 902 62.70 1.30 2.85
N TRP D 903 61.86 1.86 1.97
CA TRP D 903 62.02 3.26 1.63
C TRP D 903 61.90 4.13 2.86
N GLN D 904 61.12 3.67 3.84
CA GLN D 904 60.94 4.41 5.08
C GLN D 904 62.08 4.20 6.05
N CYS D 905 63.05 3.33 5.74
CA CYS D 905 64.06 3.01 6.73
C CYS D 905 65.25 3.96 6.55
N PRO D 906 65.64 4.70 7.60
CA PRO D 906 66.85 5.53 7.57
C PRO D 906 68.11 4.74 7.23
N SER D 907 69.00 5.35 6.45
CA SER D 907 70.26 4.69 6.14
C SER D 907 71.40 5.70 5.94
N SER D 908 72.57 5.14 5.61
CA SER D 908 73.68 5.84 5.00
C SER D 908 73.31 6.39 3.62
N PRO D 909 74.03 7.41 3.15
CA PRO D 909 73.87 7.87 1.77
C PRO D 909 74.16 6.77 0.75
N TRP D 910 73.62 6.97 -0.44
CA TRP D 910 73.92 6.15 -1.61
C TRP D 910 75.41 6.14 -1.95
N GLU D 911 76.04 4.96 -1.91
CA GLU D 911 77.43 4.80 -2.34
C GLU D 911 77.58 3.48 -3.06
N LYS D 912 77.91 3.55 -4.36
CA LYS D 912 78.21 2.41 -5.23
C LYS D 912 79.61 1.86 -4.94
N ARG D 913 79.71 0.75 -4.22
CA ARG D 913 81.01 0.10 -4.05
C ARG D 913 80.93 -1.38 -4.42
N LEU D 914 82.08 -1.97 -4.71
CA LEU D 914 82.16 -3.41 -4.96
C LEU D 914 82.13 -4.18 -3.66
N ALA D 915 81.17 -5.09 -3.52
CA ALA D 915 81.18 -5.99 -2.36
C ALA D 915 82.22 -7.08 -2.53
N SER D 916 82.91 -7.39 -1.43
CA SER D 916 83.57 -8.68 -1.30
C SER D 916 82.53 -9.79 -1.10
N PRO D 917 82.83 -11.01 -1.54
CA PRO D 917 81.91 -12.13 -1.29
C PRO D 917 81.58 -12.33 0.19
N SER D 918 82.49 -12.00 1.08
CA SER D 918 82.22 -12.12 2.52
C SER D 918 81.25 -11.06 3.02
N GLU D 919 81.11 -9.93 2.33
CA GLU D 919 80.18 -8.89 2.75
C GLU D 919 78.75 -9.07 2.22
N GLU D 920 78.53 -9.93 1.22
CA GLU D 920 77.18 -10.12 0.72
C GLU D 920 76.28 -10.70 1.82
N THR D 921 75.10 -10.12 1.97
CA THR D 921 74.07 -10.62 2.87
C THR D 921 73.16 -11.64 2.18
N TRP D 922 73.24 -12.90 2.61
CA TRP D 922 72.25 -13.90 2.24
C TRP D 922 71.36 -14.12 3.45
N ILE D 923 70.05 -14.02 3.26
CA ILE D 923 69.14 -14.28 4.36
C ILE D 923 68.08 -15.29 3.94
N THR D 924 67.57 -16.07 4.90
CA THR D 924 66.33 -16.78 4.71
C THR D 924 65.30 -16.43 5.78
N CYS D 925 64.20 -15.80 5.38
CA CYS D 925 63.00 -15.69 6.20
C CYS D 925 62.31 -17.05 6.31
N ASP D 926 61.66 -17.28 7.44
CA ASP D 926 60.91 -18.51 7.59
C ASP D 926 59.81 -18.61 6.53
N ASN D 927 59.24 -19.81 6.43
CA ASN D 927 58.17 -20.09 5.48
C ASN D 927 56.90 -19.30 5.75
N LYS D 928 56.22 -18.96 4.64
CA LYS D 928 54.88 -18.40 4.58
C LYS D 928 53.80 -19.35 5.07
N ILE D 929 54.13 -20.59 5.42
CA ILE D 929 53.16 -21.57 5.88
C ILE D 929 53.62 -22.13 7.21
N ARG D 930 52.66 -22.30 8.13
CA ARG D 930 52.92 -22.86 9.43
C ARG D 930 51.79 -23.79 9.85
N LEU D 931 52.12 -24.69 10.77
CA LEU D 931 51.16 -25.53 11.46
C LEU D 931 50.98 -25.01 12.88
N GLN D 932 49.74 -24.83 13.29
CA GLN D 932 49.48 -24.38 14.64
C GLN D 932 48.77 -25.46 15.46
N GLU D 933 49.03 -25.43 16.76
CA GLU D 933 48.35 -26.20 17.81
C GLU D 933 48.41 -27.70 17.58
N GLY D 934 49.28 -28.17 16.69
CA GLY D 934 49.50 -29.59 16.55
C GLY D 934 50.57 -30.11 17.49
N PRO D 935 50.61 -31.43 17.70
CA PRO D 935 51.61 -31.99 18.61
C PRO D 935 53.02 -31.89 18.08
N THR D 936 53.19 -31.69 16.77
CA THR D 936 54.48 -31.58 16.11
C THR D 936 54.43 -30.39 15.16
N SER D 937 55.60 -29.97 14.71
CA SER D 937 55.67 -28.89 13.72
C SER D 937 55.11 -29.31 12.35
N CYS D 938 54.83 -30.59 12.12
CA CYS D 938 54.27 -31.02 10.85
C CYS D 938 52.87 -31.61 10.99
N SER D 939 52.20 -31.35 12.10
CA SER D 939 50.79 -31.66 12.23
C SER D 939 50.15 -30.44 12.88
N GLY D 940 48.93 -30.14 12.51
CA GLY D 940 48.28 -28.99 13.09
C GLY D 940 47.32 -28.37 12.10
N ARG D 941 46.65 -27.32 12.57
CA ARG D 941 45.86 -26.49 11.69
C ARG D 941 46.79 -25.76 10.74
N VAL D 942 46.42 -25.70 9.47
CA VAL D 942 47.22 -25.04 8.43
C VAL D 942 46.95 -23.53 8.40
N GLU D 943 47.99 -22.74 8.67
CA GLU D 943 47.89 -21.29 8.52
C GLU D 943 48.91 -20.82 7.49
N ILE D 944 48.47 -19.90 6.63
CA ILE D 944 49.30 -19.33 5.56
C ILE D 944 49.31 -17.82 5.69
N TRP D 945 50.46 -17.22 5.40
CA TRP D 945 50.62 -15.76 5.46
C TRP D 945 50.38 -15.15 4.08
N HIS D 946 49.30 -14.39 3.94
CA HIS D 946 49.05 -13.71 2.68
C HIS D 946 48.38 -12.38 2.95
N GLY D 947 48.59 -11.43 2.04
CA GLY D 947 47.96 -10.14 2.15
C GLY D 947 48.25 -9.39 3.43
N GLY D 948 49.35 -9.73 4.10
CA GLY D 948 49.67 -9.11 5.35
C GLY D 948 48.99 -9.68 6.57
N SER D 949 48.29 -10.81 6.45
CA SER D 949 47.71 -11.45 7.61
C SER D 949 47.87 -12.97 7.52
N TRP D 950 47.84 -13.62 8.67
CA TRP D 950 47.68 -15.07 8.72
C TRP D 950 46.24 -15.42 8.42
N GLY D 951 46.04 -16.54 7.72
CA GLY D 951 44.71 -17.05 7.50
C GLY D 951 44.69 -18.56 7.31
N THR D 952 43.47 -19.09 7.30
CA THR D 952 43.27 -20.53 7.32
C THR D 952 42.91 -21.04 5.92
N VAL D 953 42.78 -22.36 5.81
CA VAL D 953 42.37 -23.02 4.58
C VAL D 953 41.07 -23.78 4.84
N CYS D 954 40.09 -23.57 3.97
CA CYS D 954 38.83 -24.30 4.06
C CYS D 954 39.08 -25.76 3.64
N ASP D 955 38.38 -26.69 4.31
CA ASP D 955 38.52 -28.11 3.99
C ASP D 955 37.79 -28.52 2.72
N ASP D 956 37.09 -27.60 2.08
CA ASP D 956 36.52 -27.80 0.77
C ASP D 956 37.59 -28.23 -0.24
N SER D 957 37.40 -29.42 -0.83
CA SER D 957 38.37 -30.11 -1.67
C SER D 957 39.65 -30.53 -0.97
N TRP D 958 39.78 -30.24 0.31
CA TRP D 958 41.00 -30.56 1.04
C TRP D 958 41.25 -32.07 1.04
N ASP D 959 42.40 -32.47 0.51
CA ASP D 959 42.67 -33.89 0.43
C ASP D 959 44.07 -34.25 0.93
N LEU D 960 44.44 -35.52 0.78
CA LEU D 960 45.71 -35.98 1.31
C LEU D 960 46.90 -35.47 0.49
N ASP D 961 46.68 -35.20 -0.80
CA ASP D 961 47.73 -34.66 -1.64
C ASP D 961 48.05 -33.19 -1.36
N ASP D 962 47.03 -32.38 -1.06
CA ASP D 962 47.28 -31.02 -0.60
C ASP D 962 48.11 -30.99 0.68
N ALA D 963 47.68 -31.76 1.69
CA ALA D 963 48.44 -31.85 2.92
C ALA D 963 49.84 -32.41 2.69
N GLN D 964 49.95 -33.36 1.75
CA GLN D 964 51.25 -33.92 1.42
C GLN D 964 52.19 -32.89 0.84
N VAL D 965 51.67 -32.04 -0.05
CA VAL D 965 52.47 -30.95 -0.59
C VAL D 965 52.90 -29.96 0.49
N VAL D 966 51.98 -29.51 1.35
CA VAL D 966 52.40 -28.55 2.38
C VAL D 966 53.46 -29.13 3.31
N CYS D 967 53.23 -30.32 3.89
CA CYS D 967 54.23 -30.89 4.80
C CYS D 967 55.54 -31.19 4.07
N GLN D 968 55.47 -31.76 2.86
CA GLN D 968 56.65 -32.06 2.06
C GLN D 968 57.44 -30.79 1.79
N GLN D 969 56.75 -29.69 1.53
CA GLN D 969 57.46 -28.43 1.30
C GLN D 969 58.24 -28.09 2.56
N LEU D 970 57.69 -28.43 3.73
CA LEU D 970 58.36 -28.27 5.01
C LEU D 970 59.37 -29.40 5.25
N GLY D 971 59.48 -30.35 4.32
CA GLY D 971 60.27 -31.57 4.37
C GLY D 971 59.91 -32.67 5.33
N CYS D 972 58.73 -32.66 5.92
CA CYS D 972 58.20 -33.86 6.58
C CYS D 972 57.76 -34.89 5.54
N GLY D 973 57.76 -36.15 5.95
CA GLY D 973 57.36 -37.24 5.09
C GLY D 973 55.90 -37.34 4.71
N PRO D 974 55.49 -38.52 4.22
CA PRO D 974 54.12 -38.69 3.71
C PRO D 974 53.01 -38.30 4.68
N ALA D 975 51.93 -37.79 4.08
CA ALA D 975 50.69 -37.49 4.78
C ALA D 975 49.98 -38.74 5.30
N LEU D 976 49.61 -38.74 6.58
CA LEU D 976 48.82 -39.81 7.15
C LEU D 976 47.33 -39.53 7.17
N LYS D 977 46.92 -38.33 7.53
CA LYS D 977 45.52 -37.95 7.60
C LYS D 977 45.35 -36.49 7.24
N ALA D 978 44.26 -36.20 6.54
CA ALA D 978 43.73 -34.84 6.40
C ALA D 978 42.52 -34.72 7.32
N PHE D 979 42.66 -33.91 8.36
CA PHE D 979 41.60 -33.66 9.32
C PHE D 979 40.81 -32.43 8.90
N LYS D 980 39.54 -32.41 9.28
CA LYS D 980 38.61 -31.35 8.96
C LYS D 980 38.03 -30.77 10.26
N GLU D 981 37.17 -29.76 10.09
CA GLU D 981 36.35 -29.18 11.17
C GLU D 981 37.22 -28.67 12.33
N ALA D 982 38.37 -28.10 11.99
CA ALA D 982 39.29 -27.50 12.97
C ALA D 982 39.69 -28.47 14.09
N GLU D 983 40.00 -29.70 13.69
CA GLU D 983 40.39 -30.75 14.63
C GLU D 983 41.45 -30.26 15.63
N PHE D 984 42.38 -29.42 15.16
CA PHE D 984 43.44 -28.83 15.97
C PHE D 984 43.08 -27.43 16.48
N GLY D 985 41.81 -27.16 16.73
CA GLY D 985 41.34 -25.84 17.09
C GLY D 985 41.01 -24.95 15.90
N GLN D 986 40.16 -23.95 16.19
CA GLN D 986 39.78 -22.93 15.22
C GLN D 986 40.95 -21.99 14.94
N GLY D 987 41.05 -21.56 13.69
CA GLY D 987 42.02 -20.54 13.32
C GLY D 987 41.49 -19.14 13.45
N THR D 988 42.15 -18.21 12.76
CA THR D 988 41.88 -16.79 12.94
C THR D 988 42.04 -16.07 11.61
N GLY D 989 41.35 -14.94 11.48
CA GLY D 989 41.47 -14.08 10.32
C GLY D 989 40.79 -14.60 9.07
N PRO D 990 41.29 -14.13 7.92
CA PRO D 990 40.67 -14.47 6.64
C PRO D 990 40.90 -15.93 6.30
N ILE D 991 39.90 -16.55 5.67
CA ILE D 991 40.11 -17.83 5.00
C ILE D 991 40.63 -17.52 3.61
N TRP D 992 41.94 -17.61 3.43
CA TRP D 992 42.58 -17.12 2.20
C TRP D 992 42.28 -18.00 1.00
N LEU D 993 42.21 -19.32 1.20
CA LEU D 993 42.03 -20.25 0.09
C LEU D 993 40.86 -21.18 0.35
N ASN D 994 40.08 -21.40 -0.70
CA ASN D 994 38.97 -22.34 -0.69
C ASN D 994 39.00 -23.12 -2.00
N GLU D 995 38.53 -24.36 -1.94
CA GLU D 995 38.57 -25.30 -3.06
C GLU D 995 39.98 -25.46 -3.63
N VAL D 996 40.94 -25.67 -2.73
CA VAL D 996 42.31 -25.97 -3.14
C VAL D 996 42.32 -27.31 -3.85
N LYS D 997 42.94 -27.37 -5.04
CA LYS D 997 42.93 -28.58 -5.85
C LYS D 997 44.31 -28.88 -6.45
N CYS D 998 45.27 -29.17 -5.57
CA CYS D 998 46.59 -29.57 -6.03
C CYS D 998 46.51 -30.92 -6.74
N LYS D 999 47.54 -31.21 -7.54
CA LYS D 999 47.74 -32.54 -8.09
C LYS D 999 48.70 -33.38 -7.25
N GLY D 1000 49.31 -32.80 -6.23
CA GLY D 1000 50.27 -33.45 -5.39
C GLY D 1000 51.69 -33.46 -5.92
N ASN D 1001 51.94 -32.84 -7.07
CA ASN D 1001 53.28 -32.78 -7.64
C ASN D 1001 53.74 -31.34 -7.82
N GLU D 1002 52.92 -30.37 -7.44
CA GLU D 1002 53.31 -28.98 -7.40
C GLU D 1002 54.38 -28.74 -6.35
N SER D 1003 55.24 -27.76 -6.61
CA SER D 1003 56.25 -27.39 -5.64
C SER D 1003 55.67 -26.61 -4.46
N SER D 1004 54.52 -25.98 -4.65
CA SER D 1004 54.05 -25.00 -3.68
C SER D 1004 52.54 -24.85 -3.82
N LEU D 1005 51.88 -24.60 -2.69
CA LEU D 1005 50.44 -24.40 -2.69
C LEU D 1005 50.01 -23.19 -3.52
N TRP D 1006 50.88 -22.19 -3.66
CA TRP D 1006 50.59 -21.07 -4.55
C TRP D 1006 50.48 -21.48 -6.00
N ASP D 1007 51.04 -22.63 -6.38
CA ASP D 1007 50.98 -23.10 -7.75
C ASP D 1007 49.73 -23.93 -8.05
N CYS D 1008 48.94 -24.27 -7.03
CA CYS D 1008 47.75 -25.08 -7.21
C CYS D 1008 46.56 -24.23 -7.66
N PRO D 1009 45.72 -24.77 -8.55
CA PRO D 1009 44.41 -24.17 -8.83
C PRO D 1009 43.58 -24.03 -7.55
N ALA D 1010 43.03 -22.83 -7.34
CA ALA D 1010 42.16 -22.58 -6.21
C ALA D 1010 41.15 -21.51 -6.59
N ARG D 1011 40.16 -21.32 -5.72
CA ARG D 1011 39.31 -20.13 -5.81
C ARG D 1011 40.12 -18.86 -5.64
N ARG D 1012 39.48 -17.73 -5.93
CA ARG D 1012 40.13 -16.44 -5.77
C ARG D 1012 40.58 -16.23 -4.33
N TRP D 1013 41.77 -15.67 -4.18
CA TRP D 1013 42.33 -15.37 -2.87
C TRP D 1013 41.42 -14.51 -2.02
N GLY D 1014 41.21 -14.92 -0.77
CA GLY D 1014 40.38 -14.17 0.17
C GLY D 1014 38.89 -14.20 -0.04
N HIS D 1015 38.39 -14.90 -1.04
CA HIS D 1015 36.95 -15.09 -1.20
C HIS D 1015 36.58 -16.48 -0.71
N SER D 1016 36.08 -16.56 0.52
CA SER D 1016 35.60 -17.82 1.06
C SER D 1016 34.20 -17.66 1.63
N GLU D 1017 33.35 -18.65 1.37
CA GLU D 1017 32.09 -18.81 2.07
C GLU D 1017 32.22 -19.62 3.36
N CYS D 1018 33.39 -20.18 3.63
CA CYS D 1018 33.53 -21.06 4.78
C CYS D 1018 33.68 -20.23 6.05
N GLY D 1019 33.29 -20.83 7.18
CA GLY D 1019 33.69 -20.33 8.48
C GLY D 1019 34.90 -21.06 9.04
N HIS D 1020 35.41 -20.52 10.14
CA HIS D 1020 36.52 -21.14 10.83
C HIS D 1020 36.16 -22.51 11.40
N LYS D 1021 34.86 -22.81 11.48
CA LYS D 1021 34.43 -24.17 11.79
C LYS D 1021 34.94 -25.17 10.76
N GLU D 1022 35.18 -24.71 9.54
CA GLU D 1022 35.65 -25.54 8.44
C GLU D 1022 37.15 -25.46 8.22
N ASP D 1023 37.92 -25.07 9.24
CA ASP D 1023 39.37 -24.97 9.09
C ASP D 1023 40.02 -26.35 8.92
N ALA D 1024 40.77 -26.50 7.83
CA ALA D 1024 41.48 -27.74 7.49
C ALA D 1024 42.71 -27.95 8.38
N ALA D 1025 42.99 -29.21 8.70
CA ALA D 1025 44.14 -29.58 9.53
C ALA D 1025 44.80 -30.82 8.94
N VAL D 1026 46.08 -31.05 9.26
CA VAL D 1026 46.76 -32.26 8.77
C VAL D 1026 47.57 -32.96 9.85
N ASN D 1027 47.77 -34.27 9.68
CA ASN D 1027 48.83 -35.00 10.40
C ASN D 1027 49.57 -35.89 9.39
N CYS D 1028 50.82 -35.56 9.08
CA CYS D 1028 51.62 -36.38 8.17
C CYS D 1028 52.68 -37.12 8.99
N THR D 1029 53.33 -38.11 8.37
CA THR D 1029 54.53 -38.66 9.00
C THR D 1029 55.63 -37.61 8.98
N LYS E 260 -68.26 2.47 -22.62
CA LYS E 260 -67.01 2.92 -22.02
C LYS E 260 -66.97 4.44 -21.95
N GLY E 261 -66.22 5.05 -22.87
CA GLY E 261 -66.12 6.49 -22.93
C GLY E 261 -66.43 7.06 -24.29
N ALA E 262 -65.50 7.83 -24.86
CA ALA E 262 -65.70 8.49 -26.15
C ALA E 262 -65.06 7.66 -27.26
N ASP E 263 -65.69 6.50 -27.53
CA ASP E 263 -65.37 5.68 -28.69
C ASP E 263 -63.92 5.20 -28.72
N LEU E 264 -63.66 4.04 -28.12
CA LEU E 264 -62.32 3.48 -28.02
C LEU E 264 -62.27 2.19 -28.83
N SER E 265 -61.17 2.00 -29.56
CA SER E 265 -60.92 0.69 -30.18
C SER E 265 -59.43 0.44 -30.30
N LEU E 266 -59.04 -0.83 -30.22
CA LEU E 266 -57.65 -1.25 -30.38
C LEU E 266 -57.49 -2.12 -31.62
N ARG E 267 -56.43 -1.88 -32.39
CA ARG E 267 -56.07 -2.72 -33.52
C ARG E 267 -54.56 -2.85 -33.62
N LEU E 268 -54.12 -3.89 -34.31
CA LEU E 268 -52.74 -4.04 -34.77
C LEU E 268 -52.61 -3.68 -36.24
N VAL E 269 -51.49 -3.03 -36.59
CA VAL E 269 -51.20 -2.59 -37.95
C VAL E 269 -49.83 -3.09 -38.36
N ASP E 270 -49.71 -3.46 -39.64
CA ASP E 270 -48.47 -3.93 -40.27
C ASP E 270 -47.92 -5.17 -39.56
N GLY E 271 -48.83 -5.95 -39.01
CA GLY E 271 -48.48 -7.22 -38.40
C GLY E 271 -48.15 -8.31 -39.40
N VAL E 272 -47.51 -9.36 -38.87
CA VAL E 272 -47.42 -10.61 -39.61
C VAL E 272 -48.80 -11.27 -39.64
N THR E 273 -49.61 -11.06 -38.60
CA THR E 273 -50.99 -11.52 -38.54
C THR E 273 -51.86 -10.34 -38.09
N GLU E 274 -53.18 -10.53 -38.16
CA GLU E 274 -54.09 -9.53 -37.61
C GLU E 274 -53.98 -9.35 -36.10
N CYS E 275 -53.29 -10.24 -35.38
CA CYS E 275 -53.13 -10.12 -33.94
C CYS E 275 -51.67 -9.90 -33.55
N SER E 276 -50.86 -9.45 -34.49
CA SER E 276 -49.55 -8.91 -34.21
C SER E 276 -49.40 -7.63 -35.01
N GLY E 277 -48.50 -6.78 -34.58
CA GLY E 277 -48.17 -5.57 -35.29
C GLY E 277 -48.01 -4.45 -34.30
N ARG E 278 -47.85 -3.23 -34.84
CA ARG E 278 -47.85 -2.06 -33.98
C ARG E 278 -49.27 -1.82 -33.51
N LEU E 279 -49.43 -1.50 -32.22
CA LEU E 279 -50.74 -1.29 -31.63
C LEU E 279 -51.18 0.16 -31.80
N GLU E 280 -52.35 0.35 -32.40
CA GLU E 280 -52.97 1.64 -32.56
C GLU E 280 -54.35 1.65 -31.91
N VAL E 281 -54.65 2.73 -31.20
CA VAL E 281 -55.95 2.94 -30.57
C VAL E 281 -56.67 4.05 -31.33
N ARG E 282 -57.91 3.77 -31.71
CA ARG E 282 -58.84 4.77 -32.20
C ARG E 282 -59.54 5.43 -31.01
N PHE E 283 -59.47 6.76 -30.99
CA PHE E 283 -60.10 7.62 -30.01
C PHE E 283 -60.84 8.73 -30.75
N GLN E 284 -62.15 8.84 -30.50
CA GLN E 284 -63.01 9.85 -31.11
C GLN E 284 -62.89 9.84 -32.63
N GLY E 285 -62.66 8.67 -33.21
CA GLY E 285 -62.60 8.52 -34.64
C GLY E 285 -61.21 8.50 -35.24
N GLU E 286 -60.18 8.96 -34.53
CA GLU E 286 -58.85 8.99 -35.10
C GLU E 286 -57.97 7.91 -34.50
N TRP E 287 -57.12 7.30 -35.33
CA TRP E 287 -56.17 6.32 -34.85
C TRP E 287 -54.85 6.98 -34.48
N GLY E 288 -54.24 6.50 -33.39
CA GLY E 288 -52.89 6.93 -33.06
C GLY E 288 -52.21 5.79 -32.32
N THR E 289 -50.91 5.93 -32.12
CA THR E 289 -50.18 4.82 -31.52
C THR E 289 -50.00 5.06 -30.02
N ILE E 290 -49.40 4.06 -29.34
CA ILE E 290 -49.03 4.13 -27.94
C ILE E 290 -47.53 3.92 -27.81
N CYS E 291 -46.90 4.66 -26.92
CA CYS E 291 -45.49 4.47 -26.63
C CYS E 291 -45.31 3.24 -25.74
N ASP E 292 -44.18 2.55 -25.93
CA ASP E 292 -43.78 1.34 -25.21
C ASP E 292 -43.13 1.62 -23.87
N ASP E 293 -43.10 2.89 -23.47
CA ASP E 293 -42.68 3.27 -22.13
C ASP E 293 -43.50 2.51 -21.11
N GLY E 294 -42.82 1.66 -20.33
CA GLY E 294 -43.41 0.78 -19.34
C GLY E 294 -44.14 -0.44 -19.88
N TRP E 295 -44.10 -0.65 -21.20
CA TRP E 295 -44.83 -1.75 -21.84
C TRP E 295 -44.24 -3.08 -21.38
N ASP E 296 -45.05 -3.93 -20.74
CA ASP E 296 -44.53 -5.17 -20.17
C ASP E 296 -45.34 -6.38 -20.65
N SER E 297 -45.00 -7.55 -20.11
CA SER E 297 -45.66 -8.79 -20.52
C SER E 297 -47.11 -8.88 -20.07
N TYR E 298 -47.49 -8.19 -19.01
CA TYR E 298 -48.91 -8.16 -18.63
C TYR E 298 -49.70 -7.31 -19.62
N ASP E 299 -49.12 -6.21 -20.07
CA ASP E 299 -49.76 -5.37 -21.08
C ASP E 299 -49.92 -6.14 -22.39
N ALA E 300 -48.85 -6.80 -22.84
CA ALA E 300 -48.91 -7.63 -24.04
C ALA E 300 -49.93 -8.76 -23.89
N ALA E 301 -50.00 -9.38 -22.71
CA ALA E 301 -50.98 -10.43 -22.47
C ALA E 301 -52.41 -9.92 -22.54
N VAL E 302 -52.67 -8.74 -21.98
CA VAL E 302 -53.99 -8.12 -22.09
C VAL E 302 -54.32 -7.83 -23.55
N ALA E 303 -53.37 -7.26 -24.30
CA ALA E 303 -53.61 -6.98 -25.71
C ALA E 303 -53.92 -8.26 -26.49
N CYS E 304 -53.09 -9.28 -26.34
CA CYS E 304 -53.31 -10.55 -27.02
C CYS E 304 -54.67 -11.15 -26.66
N LYS E 305 -55.02 -11.12 -25.37
CA LYS E 305 -56.32 -11.61 -24.90
C LYS E 305 -57.47 -10.84 -25.52
N GLN E 306 -57.36 -9.52 -25.63
CA GLN E 306 -58.45 -8.73 -26.21
C GLN E 306 -58.71 -9.08 -27.67
N LEU E 307 -57.66 -9.38 -28.44
CA LEU E 307 -57.91 -9.81 -29.81
C LEU E 307 -58.42 -11.25 -29.92
N GLY E 308 -58.44 -12.00 -28.83
CA GLY E 308 -58.80 -13.41 -28.82
C GLY E 308 -57.80 -14.40 -29.40
N CYS E 309 -56.55 -14.03 -29.51
CA CYS E 309 -55.47 -14.92 -29.97
C CYS E 309 -54.85 -15.68 -28.82
N PRO E 310 -54.17 -16.80 -29.12
CA PRO E 310 -53.48 -17.53 -28.06
C PRO E 310 -52.44 -16.65 -27.39
N THR E 311 -52.37 -16.79 -26.07
CA THR E 311 -51.51 -16.00 -25.19
C THR E 311 -50.43 -16.84 -24.55
N ALA E 312 -50.20 -18.04 -25.10
CA ALA E 312 -49.17 -18.91 -24.55
C ALA E 312 -47.80 -18.28 -24.71
N VAL E 313 -47.57 -17.58 -25.83
CA VAL E 313 -46.32 -16.87 -26.04
C VAL E 313 -46.65 -15.48 -26.57
N THR E 314 -46.14 -14.46 -25.89
CA THR E 314 -46.44 -13.07 -26.22
C THR E 314 -45.14 -12.28 -26.25
N ALA E 315 -44.77 -11.77 -27.43
CA ALA E 315 -43.61 -10.90 -27.52
C ALA E 315 -44.05 -9.45 -27.59
N ILE E 316 -43.22 -8.59 -27.03
CA ILE E 316 -43.31 -7.16 -27.24
C ILE E 316 -42.50 -6.76 -28.48
N GLY E 317 -42.80 -5.57 -28.99
CA GLY E 317 -42.02 -4.94 -30.03
C GLY E 317 -42.71 -4.97 -31.38
N ARG E 318 -42.12 -4.22 -32.32
CA ARG E 318 -42.68 -3.98 -33.65
C ARG E 318 -41.84 -4.73 -34.68
N VAL E 319 -42.35 -5.86 -35.17
CA VAL E 319 -41.73 -6.62 -36.23
C VAL E 319 -42.36 -6.21 -37.55
N ASN E 320 -41.54 -5.68 -38.46
CA ASN E 320 -41.94 -5.10 -39.73
C ASN E 320 -42.97 -3.97 -39.60
N ALA E 321 -43.35 -3.63 -38.38
CA ALA E 321 -44.31 -2.56 -38.16
C ALA E 321 -43.60 -1.21 -38.25
N SER E 322 -44.16 -0.29 -39.02
CA SER E 322 -43.59 1.04 -39.15
C SER E 322 -43.69 1.79 -37.82
N LYS E 323 -43.07 2.96 -37.78
CA LYS E 323 -43.32 3.90 -36.69
C LYS E 323 -44.69 4.55 -36.88
N GLY E 324 -45.43 4.69 -35.78
CA GLY E 324 -46.69 5.40 -35.83
C GLY E 324 -46.52 6.88 -36.13
N PHE E 325 -47.65 7.56 -36.19
CA PHE E 325 -47.66 9.02 -36.36
C PHE E 325 -48.80 9.63 -35.57
N GLY E 326 -48.63 10.91 -35.24
CA GLY E 326 -49.66 11.67 -34.56
C GLY E 326 -49.61 11.55 -33.04
N HIS E 327 -50.76 11.26 -32.45
CA HIS E 327 -50.93 11.27 -31.01
C HIS E 327 -50.43 9.99 -30.35
N ILE E 328 -49.86 10.15 -29.16
CA ILE E 328 -49.68 9.07 -28.20
C ILE E 328 -50.72 9.27 -27.10
N TRP E 329 -51.70 8.37 -27.05
CA TRP E 329 -52.89 8.51 -26.21
C TRP E 329 -52.65 8.01 -24.79
N LEU E 330 -51.91 6.93 -24.63
CA LEU E 330 -51.64 6.33 -23.33
C LEU E 330 -50.14 6.32 -23.09
N ASP E 331 -49.77 6.55 -21.83
CA ASP E 331 -48.39 6.53 -21.40
C ASP E 331 -48.30 5.84 -20.04
N SER E 332 -47.18 5.17 -19.82
CA SER E 332 -46.94 4.40 -18.61
C SER E 332 -48.08 3.43 -18.32
N VAL E 333 -48.48 2.70 -19.36
CA VAL E 333 -49.47 1.65 -19.18
C VAL E 333 -48.90 0.58 -18.26
N SER E 334 -49.67 0.21 -17.25
CA SER E 334 -49.25 -0.82 -16.29
C SER E 334 -50.47 -1.68 -15.98
N CYS E 335 -50.56 -2.82 -16.63
CA CYS E 335 -51.66 -3.74 -16.42
C CYS E 335 -51.28 -4.78 -15.37
N GLN E 336 -52.30 -5.34 -14.72
CA GLN E 336 -52.16 -6.52 -13.87
C GLN E 336 -52.46 -7.82 -14.60
N GLY E 337 -52.91 -7.74 -15.85
CA GLY E 337 -53.21 -8.89 -16.66
C GLY E 337 -54.65 -9.32 -16.62
N HIS E 338 -55.46 -8.71 -15.75
CA HIS E 338 -56.86 -9.07 -15.59
C HIS E 338 -57.77 -8.08 -16.28
N GLU E 339 -57.24 -6.91 -16.62
CA GLU E 339 -58.02 -5.86 -17.26
C GLU E 339 -58.63 -6.37 -18.57
N PRO E 340 -59.89 -6.01 -18.86
CA PRO E 340 -60.50 -6.48 -20.11
C PRO E 340 -60.07 -5.69 -21.33
N ALA E 341 -59.49 -4.49 -21.15
CA ALA E 341 -59.04 -3.70 -22.27
C ALA E 341 -57.87 -2.81 -21.83
N ILE E 342 -57.01 -2.49 -22.80
CA ILE E 342 -55.79 -1.76 -22.52
C ILE E 342 -56.08 -0.39 -21.94
N TRP E 343 -57.16 0.25 -22.41
CA TRP E 343 -57.58 1.54 -21.88
C TRP E 343 -58.26 1.45 -20.52
N GLN E 344 -58.31 0.27 -19.91
CA GLN E 344 -58.73 0.14 -18.53
C GLN E 344 -57.56 -0.03 -17.57
N CYS E 345 -56.35 -0.18 -18.09
CA CYS E 345 -55.13 -0.14 -17.29
C CYS E 345 -54.83 1.30 -16.84
N LYS E 346 -53.92 1.40 -15.88
CA LYS E 346 -53.38 2.68 -15.43
C LYS E 346 -52.57 3.40 -16.49
N HIS E 347 -52.75 4.72 -16.55
CA HIS E 347 -52.09 5.62 -17.48
C HIS E 347 -52.12 7.01 -16.84
N HIS E 348 -51.28 7.91 -17.33
CA HIS E 348 -51.40 9.30 -16.89
C HIS E 348 -52.65 10.00 -17.39
N GLU E 349 -52.74 10.26 -18.69
CA GLU E 349 -53.95 10.83 -19.30
C GLU E 349 -53.86 10.58 -20.81
N TRP E 350 -54.69 11.29 -21.58
CA TRP E 350 -54.75 11.11 -23.02
C TRP E 350 -54.24 12.31 -23.81
N GLY E 351 -53.33 12.04 -24.74
CA GLY E 351 -52.65 12.97 -25.62
C GLY E 351 -51.54 13.79 -25.02
N LYS E 352 -51.27 13.68 -23.72
CA LYS E 352 -50.15 14.36 -23.08
C LYS E 352 -49.01 13.37 -22.88
N HIS E 353 -47.92 13.55 -23.61
CA HIS E 353 -46.82 12.59 -23.51
C HIS E 353 -45.50 13.25 -23.84
N TYR E 354 -44.43 12.58 -23.41
CA TYR E 354 -43.07 12.88 -23.84
C TYR E 354 -42.49 11.85 -24.80
N CYS E 355 -43.26 10.82 -25.16
CA CYS E 355 -42.72 9.74 -25.97
C CYS E 355 -42.54 10.20 -27.41
N ASN E 356 -41.63 9.56 -28.14
CA ASN E 356 -41.56 9.73 -29.58
C ASN E 356 -41.99 8.45 -30.29
N HIS E 357 -42.29 8.59 -31.58
CA HIS E 357 -42.75 7.45 -32.38
C HIS E 357 -41.68 6.38 -32.62
N ASN E 358 -40.45 6.54 -32.11
CA ASN E 358 -39.52 5.43 -32.06
C ASN E 358 -39.80 4.45 -30.93
N GLU E 359 -40.52 4.89 -29.91
CA GLU E 359 -40.88 4.10 -28.74
C GLU E 359 -42.30 3.55 -28.83
N ASP E 360 -42.86 3.47 -30.03
CA ASP E 360 -44.18 2.87 -30.18
C ASP E 360 -44.16 1.37 -29.91
N ALA E 361 -45.04 0.96 -28.99
CA ALA E 361 -45.25 -0.43 -28.62
C ALA E 361 -45.82 -1.27 -29.76
N GLY E 362 -45.41 -2.53 -29.79
CA GLY E 362 -45.94 -3.50 -30.72
C GLY E 362 -46.01 -4.85 -30.03
N VAL E 363 -46.80 -5.77 -30.61
CA VAL E 363 -46.91 -7.10 -30.03
C VAL E 363 -46.86 -8.15 -31.14
N THR E 364 -46.40 -9.36 -30.77
CA THR E 364 -46.59 -10.57 -31.55
C THR E 364 -47.15 -11.68 -30.67
N CYS E 365 -48.35 -12.16 -30.98
CA CYS E 365 -49.02 -13.17 -30.18
C CYS E 365 -48.91 -14.51 -30.91
N SER E 366 -48.43 -15.54 -30.20
CA SER E 366 -48.14 -16.84 -30.79
C SER E 366 -48.55 -17.95 -29.83
N ASP E 367 -48.88 -19.10 -30.43
CA ASP E 367 -49.17 -20.35 -29.76
C ASP E 367 -47.94 -21.23 -29.52
N GLY E 368 -46.74 -20.78 -29.88
CA GLY E 368 -45.57 -21.62 -29.69
C GLY E 368 -45.17 -22.52 -30.84
N SER E 369 -45.98 -22.66 -31.88
CA SER E 369 -45.63 -23.60 -32.94
C SER E 369 -44.56 -23.10 -33.92
N ASP E 370 -44.25 -21.79 -33.97
CA ASP E 370 -43.31 -21.28 -34.95
C ASP E 370 -41.93 -20.84 -34.45
N LEU E 371 -41.78 -20.49 -33.19
CA LEU E 371 -40.46 -20.15 -32.63
C LEU E 371 -39.51 -21.35 -32.69
N GLU E 372 -38.43 -21.17 -33.46
CA GLU E 372 -37.31 -22.11 -33.55
C GLU E 372 -36.01 -21.50 -33.06
N LEU E 373 -35.16 -22.34 -32.49
CA LEU E 373 -33.83 -21.97 -32.01
C LEU E 373 -32.80 -22.97 -32.56
N ARG E 374 -31.69 -22.45 -33.07
CA ARG E 374 -30.60 -23.27 -33.58
C ARG E 374 -29.28 -22.55 -33.39
N LEU E 375 -28.20 -23.31 -33.34
CA LEU E 375 -26.84 -22.79 -33.39
C LEU E 375 -26.31 -22.93 -34.80
N ARG E 376 -25.71 -21.87 -35.34
CA ARG E 376 -25.09 -21.95 -36.65
C ARG E 376 -23.65 -21.50 -36.60
N GLY E 377 -22.81 -22.16 -37.39
CA GLY E 377 -21.45 -21.72 -37.66
C GLY E 377 -20.41 -22.09 -36.63
N GLY E 378 -20.75 -22.89 -35.63
CA GLY E 378 -19.77 -23.34 -34.67
C GLY E 378 -19.29 -24.77 -34.82
N GLY E 379 -19.46 -25.34 -36.01
CA GLY E 379 -18.99 -26.68 -36.29
C GLY E 379 -19.89 -27.80 -35.80
N SER E 380 -20.79 -27.52 -34.86
CA SER E 380 -21.80 -28.49 -34.46
C SER E 380 -23.12 -27.76 -34.19
N ARG E 381 -24.19 -28.53 -34.03
CA ARG E 381 -25.48 -27.95 -33.64
C ARG E 381 -25.50 -27.38 -32.23
N CYS E 382 -24.47 -27.63 -31.42
CA CYS E 382 -24.46 -27.19 -30.03
C CYS E 382 -23.36 -26.18 -29.74
N ALA E 383 -22.74 -25.64 -30.78
CA ALA E 383 -21.84 -24.51 -30.62
C ALA E 383 -22.00 -23.66 -31.86
N GLY E 384 -21.90 -22.37 -31.67
CA GLY E 384 -21.97 -21.43 -32.77
C GLY E 384 -22.67 -20.17 -32.32
N THR E 385 -22.98 -19.33 -33.31
CA THR E 385 -23.84 -18.19 -33.07
C THR E 385 -25.25 -18.69 -32.81
N VAL E 386 -25.90 -18.10 -31.82
CA VAL E 386 -27.28 -18.42 -31.50
C VAL E 386 -28.19 -17.73 -32.52
N GLU E 387 -28.79 -18.53 -33.40
CA GLU E 387 -29.77 -18.05 -34.36
C GLU E 387 -31.16 -18.47 -33.89
N VAL E 388 -32.11 -17.57 -34.03
CA VAL E 388 -33.51 -17.79 -33.71
C VAL E 388 -34.31 -17.49 -34.98
N GLU E 389 -35.41 -18.21 -35.14
CA GLU E 389 -36.37 -17.93 -36.20
C GLU E 389 -37.74 -17.75 -35.55
N ILE E 390 -38.29 -16.55 -35.71
CA ILE E 390 -39.56 -16.18 -35.09
C ILE E 390 -40.46 -15.68 -36.21
N GLN E 391 -41.63 -16.31 -36.36
CA GLN E 391 -42.55 -16.02 -37.45
C GLN E 391 -41.85 -16.11 -38.80
N ARG E 392 -40.96 -17.11 -38.93
CA ARG E 392 -40.12 -17.35 -40.10
C ARG E 392 -39.13 -16.22 -40.39
N LEU E 393 -38.91 -15.32 -39.44
CA LEU E 393 -37.87 -14.30 -39.55
C LEU E 393 -36.65 -14.71 -38.73
N LEU E 394 -35.52 -14.85 -39.40
CA LEU E 394 -34.25 -15.15 -38.74
C LEU E 394 -33.66 -13.92 -38.06
N GLY E 395 -33.14 -14.14 -36.85
CA GLY E 395 -32.33 -13.15 -36.15
C GLY E 395 -31.40 -13.84 -35.19
N LYS E 396 -30.63 -13.05 -34.44
CA LYS E 396 -29.64 -13.60 -33.52
C LYS E 396 -29.87 -13.00 -32.14
N VAL E 397 -29.46 -13.73 -31.11
CA VAL E 397 -29.52 -13.18 -29.75
C VAL E 397 -28.32 -12.27 -29.54
N CYS E 398 -28.58 -11.07 -29.07
CA CYS E 398 -27.55 -10.12 -28.71
C CYS E 398 -26.85 -10.43 -27.39
N ASP E 399 -25.56 -10.16 -27.35
CA ASP E 399 -24.71 -10.39 -26.19
C ASP E 399 -24.93 -9.36 -25.09
N ARG E 400 -25.68 -8.30 -25.38
CA ARG E 400 -26.10 -7.30 -24.40
C ARG E 400 -26.99 -7.95 -23.37
N GLY E 401 -26.55 -8.03 -22.10
CA GLY E 401 -27.35 -8.75 -21.14
C GLY E 401 -27.11 -10.25 -21.15
N TRP E 402 -26.15 -10.72 -21.94
CA TRP E 402 -25.84 -12.14 -22.09
C TRP E 402 -24.92 -12.58 -20.96
N GLY E 403 -25.44 -13.44 -20.09
CA GLY E 403 -24.66 -14.01 -19.00
C GLY E 403 -24.63 -15.52 -19.06
N LEU E 404 -24.09 -16.16 -18.02
CA LEU E 404 -24.12 -17.62 -17.97
C LEU E 404 -25.53 -18.19 -17.86
N LYS E 405 -26.47 -17.45 -17.28
CA LYS E 405 -27.84 -17.98 -17.18
C LYS E 405 -28.50 -18.10 -18.55
N GLU E 406 -28.42 -17.05 -19.36
CA GLU E 406 -28.98 -17.09 -20.71
C GLU E 406 -28.26 -18.12 -21.58
N ALA E 407 -26.93 -18.16 -21.52
CA ALA E 407 -26.22 -19.16 -22.29
C ALA E 407 -26.60 -20.56 -21.83
N ASP E 408 -26.77 -20.75 -20.52
CA ASP E 408 -27.13 -22.06 -20.00
C ASP E 408 -28.55 -22.48 -20.39
N VAL E 409 -29.50 -21.56 -20.40
CA VAL E 409 -30.84 -21.87 -20.92
C VAL E 409 -30.78 -22.29 -22.39
N VAL E 410 -30.02 -21.56 -23.21
CA VAL E 410 -29.89 -21.92 -24.62
C VAL E 410 -29.24 -23.30 -24.76
N CYS E 411 -28.15 -23.53 -24.05
CA CYS E 411 -27.48 -24.83 -24.07
C CYS E 411 -28.40 -25.96 -23.62
N ARG E 412 -29.22 -25.70 -22.61
CA ARG E 412 -30.16 -26.68 -22.08
C ARG E 412 -31.24 -27.02 -23.10
N GLN E 413 -31.77 -26.01 -23.78
CA GLN E 413 -32.79 -26.27 -24.80
C GLN E 413 -32.29 -27.23 -25.87
N LEU E 414 -31.02 -27.15 -26.24
CA LEU E 414 -30.52 -28.08 -27.26
C LEU E 414 -30.13 -29.43 -26.65
N GLY E 415 -30.29 -29.61 -25.35
CA GLY E 415 -29.87 -30.81 -24.64
C GLY E 415 -28.39 -31.11 -24.71
N CYS E 416 -27.56 -30.07 -24.71
CA CYS E 416 -26.11 -30.19 -24.80
C CYS E 416 -25.43 -29.91 -23.45
N GLY E 417 -26.19 -29.88 -22.37
CA GLY E 417 -25.69 -29.58 -21.05
C GLY E 417 -25.51 -28.11 -20.74
N SER E 418 -24.39 -27.73 -20.12
CA SER E 418 -24.22 -26.33 -19.75
C SER E 418 -23.27 -25.60 -20.69
N ALA E 419 -23.47 -24.28 -20.75
CA ALA E 419 -22.58 -23.39 -21.47
C ALA E 419 -21.26 -23.23 -20.73
N LEU E 420 -20.16 -23.52 -21.42
CA LEU E 420 -18.83 -23.36 -20.87
C LEU E 420 -18.14 -22.07 -21.28
N LYS E 421 -18.36 -21.61 -22.52
CA LYS E 421 -17.64 -20.43 -23.01
C LYS E 421 -18.48 -19.65 -24.01
N THR E 422 -18.42 -18.33 -23.90
CA THR E 422 -18.81 -17.45 -24.98
C THR E 422 -17.51 -17.10 -25.69
N SER E 423 -17.26 -17.86 -26.74
CA SER E 423 -16.12 -17.80 -27.63
C SER E 423 -16.63 -17.85 -29.05
N TYR E 424 -15.98 -17.13 -29.97
CA TYR E 424 -16.20 -17.46 -31.36
C TYR E 424 -15.10 -18.33 -31.93
N GLN E 425 -15.52 -19.19 -32.86
CA GLN E 425 -14.70 -20.14 -33.60
C GLN E 425 -14.76 -19.77 -35.08
N VAL E 426 -13.61 -19.51 -35.68
CA VAL E 426 -13.60 -19.06 -37.08
C VAL E 426 -14.06 -20.21 -37.99
N TYR E 427 -15.21 -19.98 -38.62
CA TYR E 427 -15.85 -20.89 -39.57
C TYR E 427 -16.50 -20.04 -40.64
N SER E 428 -17.46 -20.61 -41.37
CA SER E 428 -18.33 -19.82 -42.23
C SER E 428 -19.05 -18.75 -41.42
N LYS E 429 -19.02 -17.52 -41.91
CA LYS E 429 -19.73 -16.40 -41.28
C LYS E 429 -21.12 -16.24 -41.88
N ILE E 430 -22.07 -15.87 -41.03
CA ILE E 430 -23.49 -15.81 -41.39
C ILE E 430 -23.85 -14.38 -41.75
N GLN E 431 -24.72 -14.22 -42.74
CA GLN E 431 -25.30 -12.92 -43.08
C GLN E 431 -25.83 -12.22 -41.83
N ALA E 432 -25.43 -10.95 -41.64
CA ALA E 432 -25.98 -10.17 -40.55
C ALA E 432 -27.50 -10.14 -40.67
N THR E 433 -28.18 -10.66 -39.65
CA THR E 433 -29.57 -10.32 -39.37
C THR E 433 -29.76 -8.94 -38.75
N ASN E 434 -30.64 -8.14 -39.37
CA ASN E 434 -30.92 -6.78 -38.94
C ASN E 434 -31.87 -6.73 -37.76
N THR E 435 -32.40 -7.88 -37.35
CA THR E 435 -33.42 -8.01 -36.31
C THR E 435 -32.79 -8.74 -35.12
N TRP E 436 -32.93 -8.16 -33.94
CA TRP E 436 -32.27 -8.65 -32.74
C TRP E 436 -33.29 -8.96 -31.64
N LEU E 437 -33.01 -10.04 -30.91
CA LEU E 437 -33.71 -10.40 -29.69
C LEU E 437 -32.92 -9.99 -28.46
N PHE E 438 -33.55 -9.22 -27.57
CA PHE E 438 -32.95 -8.87 -26.29
C PHE E 438 -33.62 -9.64 -25.16
N LEU E 439 -32.83 -10.30 -24.33
CA LEU E 439 -33.33 -10.97 -23.15
C LEU E 439 -32.85 -10.16 -21.95
N SER E 440 -33.76 -9.73 -21.07
CA SER E 440 -33.19 -8.95 -19.97
C SER E 440 -32.65 -9.84 -18.86
N SER E 441 -33.36 -10.92 -18.50
CA SER E 441 -32.84 -11.99 -17.64
C SER E 441 -33.87 -13.06 -17.32
N CYS E 442 -33.42 -14.31 -17.29
CA CYS E 442 -34.07 -15.47 -16.71
C CYS E 442 -33.36 -15.93 -15.44
N ASN E 443 -34.11 -16.63 -14.59
CA ASN E 443 -33.56 -17.28 -13.41
C ASN E 443 -32.67 -18.47 -13.77
N GLY E 444 -32.87 -19.11 -14.92
CA GLY E 444 -32.06 -20.27 -15.24
C GLY E 444 -32.70 -21.62 -15.03
N ASN E 445 -33.86 -21.70 -14.40
CA ASN E 445 -34.49 -22.99 -14.22
C ASN E 445 -35.53 -23.22 -15.31
N GLU E 446 -35.65 -22.26 -16.22
CA GLU E 446 -36.57 -22.33 -17.35
C GLU E 446 -36.17 -23.47 -18.28
N THR E 447 -37.15 -24.04 -18.96
CA THR E 447 -36.86 -25.08 -19.93
C THR E 447 -36.45 -24.51 -21.28
N SER E 448 -36.89 -23.28 -21.61
CA SER E 448 -36.57 -22.67 -22.88
C SER E 448 -36.22 -21.20 -22.66
N LEU E 449 -35.32 -20.70 -23.51
CA LEU E 449 -35.02 -19.26 -23.51
C LEU E 449 -36.26 -18.42 -23.73
N TRP E 450 -37.24 -18.92 -24.48
CA TRP E 450 -38.45 -18.13 -24.67
C TRP E 450 -39.27 -18.07 -23.41
N ASP E 451 -39.02 -19.01 -22.48
CA ASP E 451 -39.68 -19.02 -21.19
C ASP E 451 -39.01 -18.04 -20.25
N CYS E 452 -37.85 -17.53 -20.63
CA CYS E 452 -37.20 -16.49 -19.87
C CYS E 452 -38.11 -15.26 -20.03
N LYS E 453 -38.25 -14.48 -18.95
CA LYS E 453 -39.21 -13.39 -18.97
C LYS E 453 -38.73 -12.14 -19.71
N ASN E 454 -39.71 -11.41 -20.27
CA ASN E 454 -39.59 -10.04 -20.78
C ASN E 454 -38.57 -9.90 -21.90
N TRP E 455 -38.40 -10.96 -22.69
CA TRP E 455 -37.56 -10.89 -23.89
C TRP E 455 -38.19 -10.01 -24.97
N GLN E 456 -37.33 -9.24 -25.64
CA GLN E 456 -37.69 -8.29 -26.70
C GLN E 456 -37.25 -8.79 -28.06
N TRP E 457 -38.18 -8.83 -29.01
CA TRP E 457 -37.91 -9.21 -30.40
C TRP E 457 -37.93 -8.00 -31.33
N GLY E 458 -36.77 -7.63 -31.85
CA GLY E 458 -36.55 -6.51 -32.74
C GLY E 458 -36.84 -5.11 -32.20
N GLY E 459 -36.84 -4.17 -33.14
CA GLY E 459 -37.03 -2.75 -32.83
C GLY E 459 -35.81 -2.00 -32.34
N LEU E 460 -35.48 -2.22 -31.08
CA LEU E 460 -34.33 -1.60 -30.43
C LEU E 460 -33.01 -2.08 -31.06
N THR E 461 -32.01 -1.21 -31.01
CA THR E 461 -30.65 -1.55 -31.42
C THR E 461 -29.93 -1.97 -30.15
N CYS E 462 -29.28 -3.14 -30.21
CA CYS E 462 -28.37 -3.57 -29.16
C CYS E 462 -27.15 -2.69 -28.89
N ASP E 463 -26.16 -2.77 -29.77
CA ASP E 463 -24.92 -2.00 -29.64
C ASP E 463 -24.06 -2.47 -30.81
N HIS E 464 -23.17 -1.63 -31.33
CA HIS E 464 -22.40 -2.04 -32.49
C HIS E 464 -21.56 -3.31 -32.29
N TYR E 465 -21.34 -3.80 -31.05
CA TYR E 465 -20.71 -5.10 -30.90
C TYR E 465 -21.86 -6.10 -30.87
N GLU E 466 -21.77 -7.16 -31.65
CA GLU E 466 -22.81 -8.20 -31.66
C GLU E 466 -22.16 -9.57 -31.88
N GLU E 467 -22.99 -10.52 -32.34
CA GLU E 467 -22.63 -11.89 -32.72
C GLU E 467 -22.05 -12.69 -31.54
N ALA E 468 -22.90 -12.88 -30.54
CA ALA E 468 -22.59 -13.76 -29.41
C ALA E 468 -22.45 -15.19 -29.92
N LYS E 469 -21.29 -15.80 -29.70
CA LYS E 469 -21.11 -17.20 -30.02
C LYS E 469 -20.72 -18.00 -28.78
N ILE E 470 -21.11 -19.27 -28.76
CA ILE E 470 -20.92 -20.13 -27.60
C ILE E 470 -20.35 -21.49 -27.99
N THR E 471 -19.49 -22.01 -27.11
CA THR E 471 -19.15 -23.43 -27.04
C THR E 471 -19.57 -24.02 -25.70
N CYS E 472 -20.49 -24.98 -25.74
CA CYS E 472 -20.94 -25.74 -24.59
C CYS E 472 -20.12 -27.01 -24.39
N SER E 473 -20.27 -27.58 -23.19
CA SER E 473 -19.57 -28.79 -22.81
C SER E 473 -19.92 -29.97 -23.68
N ALA E 474 -21.04 -29.92 -24.41
CA ALA E 474 -21.34 -30.93 -25.41
C ALA E 474 -21.24 -30.27 -26.78
N HIS E 475 -20.01 -30.15 -27.26
CA HIS E 475 -19.66 -29.70 -28.60
C HIS E 475 -18.84 -30.78 -29.28
N ARG E 476 -17.82 -31.25 -28.57
CA ARG E 476 -17.04 -32.42 -28.93
C ARG E 476 -16.92 -33.20 -27.64
N GLU E 477 -17.42 -34.43 -27.63
CA GLU E 477 -17.37 -35.22 -26.42
C GLU E 477 -16.44 -36.40 -26.65
N PRO E 478 -15.36 -36.47 -25.90
CA PRO E 478 -14.46 -37.61 -25.98
C PRO E 478 -14.96 -38.78 -25.15
N ARG E 479 -14.46 -39.96 -25.53
CA ARG E 479 -14.48 -41.12 -24.67
C ARG E 479 -13.29 -41.99 -25.05
N LEU E 480 -12.90 -42.84 -24.11
CA LEU E 480 -11.91 -43.88 -24.35
C LEU E 480 -12.57 -45.24 -24.36
N VAL E 481 -12.28 -46.01 -25.41
CA VAL E 481 -12.90 -47.32 -25.65
C VAL E 481 -11.82 -48.39 -25.78
N GLY E 482 -12.09 -49.56 -25.19
CA GLY E 482 -11.26 -50.72 -25.42
C GLY E 482 -10.01 -50.89 -24.59
N GLY E 483 -9.77 -50.05 -23.60
CA GLY E 483 -8.70 -50.33 -22.66
C GLY E 483 -9.12 -51.23 -21.50
N ASP E 484 -8.11 -51.78 -20.83
CA ASP E 484 -8.33 -52.69 -19.71
C ASP E 484 -8.81 -51.99 -18.45
N ILE E 485 -8.61 -50.68 -18.35
CA ILE E 485 -9.11 -49.89 -17.23
C ILE E 485 -9.82 -48.68 -17.80
N PRO E 486 -10.78 -48.11 -17.07
CA PRO E 486 -11.55 -46.97 -17.63
C PRO E 486 -10.68 -45.79 -18.02
N CYS E 487 -9.51 -45.61 -17.43
CA CYS E 487 -8.61 -44.51 -17.79
C CYS E 487 -7.60 -44.89 -18.88
N SER E 488 -7.88 -45.94 -19.66
CA SER E 488 -7.02 -46.34 -20.77
C SER E 488 -7.84 -46.82 -21.95
N GLY E 489 -7.45 -46.41 -23.16
CA GLY E 489 -8.11 -46.88 -24.36
C GLY E 489 -7.87 -45.96 -25.55
N ARG E 490 -8.43 -46.37 -26.69
CA ARG E 490 -8.51 -45.50 -27.86
C ARG E 490 -9.44 -44.30 -27.63
N VAL E 491 -8.98 -43.13 -28.06
CA VAL E 491 -9.76 -41.91 -28.01
C VAL E 491 -10.72 -41.86 -29.21
N GLU E 492 -12.02 -41.76 -28.93
CA GLU E 492 -13.02 -41.44 -29.95
C GLU E 492 -13.74 -40.18 -29.50
N VAL E 493 -13.93 -39.22 -30.40
CA VAL E 493 -14.67 -38.00 -30.09
C VAL E 493 -15.93 -37.89 -30.96
N LYS E 494 -17.05 -37.64 -30.31
CA LYS E 494 -18.31 -37.30 -30.98
C LYS E 494 -18.30 -35.80 -31.25
N HIS E 495 -18.38 -35.44 -32.52
CA HIS E 495 -18.54 -34.04 -32.94
C HIS E 495 -19.85 -33.91 -33.69
N GLY E 496 -20.74 -33.10 -33.16
CA GLY E 496 -22.13 -33.15 -33.56
C GLY E 496 -22.77 -34.39 -32.98
N ASP E 497 -23.41 -35.19 -33.81
CA ASP E 497 -24.04 -36.43 -33.36
C ASP E 497 -23.27 -37.67 -33.80
N THR E 498 -22.11 -37.49 -34.43
CA THR E 498 -21.34 -38.61 -34.97
C THR E 498 -20.06 -38.78 -34.15
N TRP E 499 -19.77 -40.02 -33.77
CA TRP E 499 -18.49 -40.37 -33.21
C TRP E 499 -17.47 -40.61 -34.32
N GLY E 500 -16.26 -40.13 -34.11
CA GLY E 500 -15.16 -40.45 -35.01
C GLY E 500 -13.88 -40.68 -34.24
N SER E 501 -13.01 -41.50 -34.81
CA SER E 501 -11.67 -41.67 -34.28
C SER E 501 -10.81 -40.46 -34.62
N ILE E 502 -9.73 -40.30 -33.86
CA ILE E 502 -8.70 -39.30 -34.15
C ILE E 502 -7.41 -40.03 -34.52
N CYS E 503 -6.72 -39.51 -35.51
CA CYS E 503 -5.42 -40.03 -35.90
C CYS E 503 -4.36 -39.72 -34.85
N ASP E 504 -3.40 -40.63 -34.73
CA ASP E 504 -2.29 -40.47 -33.80
C ASP E 504 -1.43 -39.25 -34.12
N SER E 505 -1.43 -38.79 -35.37
CA SER E 505 -0.76 -37.55 -35.70
C SER E 505 -1.53 -36.31 -35.24
N ASP E 506 -2.82 -36.44 -34.97
CA ASP E 506 -3.68 -35.30 -34.71
C ASP E 506 -4.01 -35.14 -33.23
N PHE E 507 -3.28 -35.85 -32.36
CA PHE E 507 -3.60 -35.92 -30.93
C PHE E 507 -2.29 -35.79 -30.16
N SER E 508 -2.06 -34.61 -29.59
CA SER E 508 -0.78 -34.37 -28.93
C SER E 508 -0.78 -34.90 -27.50
N LEU E 509 0.39 -34.83 -26.87
CA LEU E 509 0.51 -35.16 -25.46
C LEU E 509 -0.30 -34.19 -24.61
N GLU E 510 -0.32 -32.92 -25.00
CA GLU E 510 -1.10 -31.91 -24.30
C GLU E 510 -2.60 -32.18 -24.40
N ALA E 511 -3.07 -32.57 -25.59
CA ALA E 511 -4.47 -32.95 -25.73
C ALA E 511 -4.84 -34.17 -24.89
N ALA E 512 -3.96 -35.17 -24.83
CA ALA E 512 -4.21 -36.31 -23.94
C ALA E 512 -4.22 -35.89 -22.48
N SER E 513 -3.36 -34.94 -22.10
CA SER E 513 -3.37 -34.40 -20.75
C SER E 513 -4.69 -33.71 -20.43
N VAL E 514 -5.15 -32.87 -21.36
CA VAL E 514 -6.46 -32.22 -21.21
C VAL E 514 -7.56 -33.26 -21.09
N LEU E 515 -7.56 -34.28 -21.94
CA LEU E 515 -8.58 -35.32 -21.86
C LEU E 515 -8.59 -36.04 -20.51
N CYS E 516 -7.42 -36.50 -20.05
CA CYS E 516 -7.36 -37.20 -18.77
C CYS E 516 -7.71 -36.29 -17.59
N ARG E 517 -7.42 -34.99 -17.68
CA ARG E 517 -7.86 -34.11 -16.60
C ARG E 517 -9.37 -33.94 -16.67
N GLU E 518 -9.89 -33.70 -17.87
CA GLU E 518 -11.33 -33.56 -18.05
C GLU E 518 -12.05 -34.84 -17.64
N LEU E 519 -11.51 -35.99 -18.04
CA LEU E 519 -12.06 -37.27 -17.61
C LEU E 519 -11.74 -37.59 -16.16
N GLN E 520 -11.03 -36.69 -15.48
CA GLN E 520 -10.59 -36.89 -14.10
C GLN E 520 -9.80 -38.18 -13.93
N CYS E 521 -8.97 -38.50 -14.92
CA CYS E 521 -8.14 -39.70 -14.91
C CYS E 521 -6.70 -39.41 -14.52
N GLY E 522 -6.41 -38.18 -14.11
CA GLY E 522 -5.08 -37.84 -13.61
C GLY E 522 -4.17 -37.37 -14.72
N THR E 523 -2.94 -37.89 -14.73
CA THR E 523 -1.96 -37.50 -15.72
C THR E 523 -1.84 -38.53 -16.84
N VAL E 524 -1.44 -38.05 -18.01
CA VAL E 524 -1.15 -38.92 -19.14
C VAL E 524 0.08 -39.77 -18.82
N VAL E 525 -0.07 -41.08 -18.99
CA VAL E 525 1.04 -42.01 -18.81
C VAL E 525 1.70 -42.37 -20.13
N SER E 526 0.90 -42.63 -21.16
CA SER E 526 1.50 -42.95 -22.45
C SER E 526 0.53 -42.64 -23.57
N ILE E 527 1.12 -42.27 -24.71
CA ILE E 527 0.42 -42.20 -25.99
C ILE E 527 0.92 -43.34 -26.86
N LEU E 528 0.00 -44.02 -27.53
CA LEU E 528 0.29 -45.24 -28.26
C LEU E 528 -0.29 -45.10 -29.66
N GLY E 529 0.59 -45.06 -30.67
CA GLY E 529 0.17 -45.06 -32.04
C GLY E 529 -0.11 -46.46 -32.56
N GLY E 530 -0.37 -46.53 -33.86
CA GLY E 530 -0.43 -47.80 -34.55
C GLY E 530 -1.60 -48.68 -34.15
N ALA E 531 -2.75 -48.09 -33.82
CA ALA E 531 -3.94 -48.85 -33.44
C ALA E 531 -3.66 -49.81 -32.29
N HIS E 532 -2.85 -49.36 -31.32
CA HIS E 532 -2.41 -50.24 -30.24
C HIS E 532 -3.58 -50.90 -29.52
N PHE E 533 -4.72 -50.21 -29.44
CA PHE E 533 -5.93 -50.77 -28.84
C PHE E 533 -6.88 -51.34 -29.89
N GLY E 534 -6.38 -51.65 -31.07
CA GLY E 534 -7.20 -52.03 -32.19
C GLY E 534 -7.64 -50.85 -33.03
N GLU E 535 -7.93 -51.15 -34.29
CA GLU E 535 -8.45 -50.15 -35.22
C GLU E 535 -9.86 -49.71 -34.82
N GLY E 536 -10.11 -48.41 -34.93
CA GLY E 536 -11.46 -47.89 -34.82
C GLY E 536 -12.30 -48.27 -36.03
N ASN E 537 -13.54 -47.82 -35.99
CA ASN E 537 -14.47 -48.03 -37.10
C ASN E 537 -15.24 -46.76 -37.46
N GLY E 538 -15.36 -46.53 -38.76
CA GLY E 538 -16.16 -45.43 -39.27
C GLY E 538 -15.34 -44.19 -39.60
N GLN E 539 -15.75 -43.04 -39.07
CA GLN E 539 -15.19 -41.76 -39.46
C GLN E 539 -13.94 -41.45 -38.66
N ILE E 540 -12.97 -40.83 -39.33
CA ILE E 540 -11.81 -40.21 -38.68
C ILE E 540 -11.95 -38.70 -38.80
N TRP E 541 -11.83 -38.02 -37.66
CA TRP E 541 -11.89 -36.56 -37.63
C TRP E 541 -10.69 -35.96 -38.36
N ALA E 542 -10.97 -35.04 -39.28
CA ALA E 542 -9.94 -34.33 -40.03
C ALA E 542 -9.52 -33.00 -39.41
N GLU E 543 -9.43 -32.93 -38.08
CA GLU E 543 -9.11 -31.69 -37.40
C GLU E 543 -8.00 -31.96 -36.39
N GLU E 544 -7.00 -31.09 -36.37
CA GLU E 544 -5.96 -31.18 -35.35
C GLU E 544 -6.31 -30.25 -34.19
N PHE E 545 -6.25 -30.76 -32.97
CA PHE E 545 -6.48 -29.89 -31.83
C PHE E 545 -5.16 -29.23 -31.45
N GLN E 546 -4.99 -27.93 -31.75
CA GLN E 546 -3.72 -27.32 -31.37
C GLN E 546 -3.82 -26.59 -30.03
N CYS E 547 -4.30 -27.30 -29.02
CA CYS E 547 -4.37 -26.78 -27.66
C CYS E 547 -2.98 -26.74 -27.04
N GLU E 548 -2.77 -25.79 -26.13
CA GLU E 548 -1.57 -25.75 -25.31
C GLU E 548 -1.51 -26.74 -24.15
N GLY E 549 -2.61 -27.32 -23.70
CA GLY E 549 -2.52 -28.34 -22.67
C GLY E 549 -2.85 -27.92 -21.26
N HIS E 550 -3.13 -26.63 -21.03
CA HIS E 550 -3.56 -26.15 -19.73
C HIS E 550 -5.06 -25.94 -19.72
N GLU E 551 -5.67 -26.09 -20.89
CA GLU E 551 -7.09 -25.87 -21.11
C GLU E 551 -7.93 -26.87 -20.32
N SER E 552 -9.06 -26.38 -19.78
CA SER E 552 -9.93 -27.26 -19.01
C SER E 552 -10.69 -28.27 -19.86
N HIS E 553 -11.00 -27.96 -21.13
CA HIS E 553 -11.78 -28.89 -21.92
C HIS E 553 -11.32 -28.85 -23.38
N LEU E 554 -11.45 -30.00 -24.05
CA LEU E 554 -11.18 -30.05 -25.48
C LEU E 554 -12.10 -29.16 -26.29
N SER E 555 -13.31 -28.88 -25.79
CA SER E 555 -14.18 -27.93 -26.48
C SER E 555 -13.58 -26.54 -26.59
N LEU E 556 -12.62 -26.20 -25.73
CA LEU E 556 -11.98 -24.89 -25.82
C LEU E 556 -10.69 -24.96 -26.61
N CYS E 557 -10.19 -26.16 -26.93
CA CYS E 557 -8.97 -26.26 -27.71
C CYS E 557 -9.25 -25.81 -29.13
N PRO E 558 -8.37 -24.97 -29.71
CA PRO E 558 -8.40 -24.70 -31.15
C PRO E 558 -8.33 -25.95 -32.02
N VAL E 559 -9.06 -25.93 -33.12
CA VAL E 559 -9.02 -26.97 -34.15
C VAL E 559 -8.48 -26.34 -35.43
N ALA E 560 -7.58 -27.06 -36.10
CA ALA E 560 -7.03 -26.73 -37.40
C ALA E 560 -7.54 -27.70 -38.47
N PRO E 561 -7.82 -27.18 -39.66
CA PRO E 561 -8.16 -28.03 -40.80
C PRO E 561 -7.04 -28.95 -41.25
N ARG E 562 -7.43 -30.19 -41.55
CA ARG E 562 -6.52 -31.18 -42.11
C ARG E 562 -5.87 -30.68 -43.40
N PRO E 563 -4.55 -30.76 -43.52
CA PRO E 563 -3.88 -30.55 -44.82
C PRO E 563 -4.30 -31.54 -45.91
N GLU E 564 -5.37 -32.32 -45.64
CA GLU E 564 -5.91 -33.40 -46.46
C GLU E 564 -5.10 -34.68 -46.45
N GLY E 565 -4.52 -35.01 -45.31
CA GLY E 565 -3.75 -36.24 -45.18
C GLY E 565 -4.74 -37.36 -44.88
N THR E 566 -4.59 -38.49 -45.55
CA THR E 566 -5.46 -39.61 -45.23
C THR E 566 -4.82 -40.47 -44.13
N CYS E 567 -5.49 -40.51 -42.99
CA CYS E 567 -5.28 -41.42 -41.88
C CYS E 567 -6.11 -42.69 -42.05
N SER E 568 -5.55 -43.81 -41.60
CA SER E 568 -6.28 -45.06 -41.56
C SER E 568 -6.41 -45.49 -40.10
N HIS E 569 -7.40 -46.35 -39.83
CA HIS E 569 -7.63 -46.81 -38.47
C HIS E 569 -6.44 -47.55 -37.89
N SER E 570 -5.53 -48.04 -38.74
CA SER E 570 -4.25 -48.56 -38.27
C SER E 570 -3.41 -47.51 -37.57
N ARG E 571 -3.78 -46.22 -37.65
CA ARG E 571 -3.06 -45.15 -36.99
C ARG E 571 -3.90 -44.44 -35.92
N ASP E 572 -4.97 -45.08 -35.45
CA ASP E 572 -5.79 -44.52 -34.38
C ASP E 572 -4.97 -44.37 -33.09
N VAL E 573 -5.09 -43.20 -32.45
CA VAL E 573 -4.35 -42.92 -31.23
C VAL E 573 -4.99 -43.61 -30.02
N GLY E 574 -4.14 -44.10 -29.13
CA GLY E 574 -4.58 -44.63 -27.85
C GLY E 574 -3.87 -43.88 -26.73
N VAL E 575 -4.54 -43.76 -25.59
CA VAL E 575 -3.93 -43.11 -24.43
C VAL E 575 -4.09 -44.00 -23.20
N VAL E 576 -3.07 -44.02 -22.36
CA VAL E 576 -3.15 -44.56 -21.00
C VAL E 576 -2.84 -43.45 -20.01
N CYS E 577 -3.77 -43.22 -19.08
CA CYS E 577 -3.60 -42.30 -17.96
C CYS E 577 -3.39 -43.05 -16.65
N SER E 578 -3.02 -42.30 -15.62
CA SER E 578 -2.50 -42.82 -14.35
C SER E 578 -3.48 -43.37 -13.33
N ARG E 579 -4.80 -43.15 -13.41
CA ARG E 579 -5.57 -43.55 -12.23
C ARG E 579 -6.15 -44.95 -12.33
N TYR E 580 -6.12 -45.64 -11.19
CA TYR E 580 -6.91 -46.83 -10.87
C TYR E 580 -8.15 -46.44 -10.06
N THR E 581 -9.32 -46.77 -10.60
CA THR E 581 -10.61 -46.33 -10.06
C THR E 581 -11.46 -47.47 -9.49
N GLU E 582 -11.09 -48.73 -9.72
CA GLU E 582 -11.90 -49.89 -9.36
C GLU E 582 -11.57 -50.32 -7.93
N ILE E 583 -12.19 -49.61 -6.98
CA ILE E 583 -12.13 -49.91 -5.55
C ILE E 583 -13.55 -50.02 -5.03
N ARG E 584 -13.79 -50.95 -4.10
CA ARG E 584 -15.15 -51.08 -3.55
C ARG E 584 -15.13 -51.44 -2.07
N LEU E 585 -16.26 -51.15 -1.43
CA LEU E 585 -16.58 -51.59 -0.08
C LEU E 585 -17.49 -52.82 -0.14
N VAL E 586 -17.17 -53.84 0.65
CA VAL E 586 -17.94 -55.08 0.66
C VAL E 586 -18.39 -55.41 2.07
N ASN E 587 -19.60 -55.98 2.18
CA ASN E 587 -20.21 -56.44 3.43
C ASN E 587 -20.44 -55.31 4.44
N GLY E 588 -20.55 -54.06 3.99
CA GLY E 588 -21.06 -53.03 4.84
C GLY E 588 -22.56 -53.12 5.03
N LYS E 589 -23.04 -52.53 6.13
CA LYS E 589 -24.48 -52.30 6.24
C LYS E 589 -24.94 -51.15 5.36
N THR E 590 -24.05 -50.23 5.03
CA THR E 590 -24.27 -49.13 4.11
C THR E 590 -23.24 -49.20 3.00
N PRO E 591 -23.49 -48.57 1.84
CA PRO E 591 -22.45 -48.49 0.81
C PRO E 591 -21.23 -47.67 1.24
N CYS E 592 -21.29 -46.98 2.38
CA CYS E 592 -20.21 -46.14 2.84
C CYS E 592 -19.48 -46.75 4.02
N GLU E 593 -19.73 -48.02 4.31
CA GLU E 593 -18.92 -48.78 5.25
C GLU E 593 -18.71 -50.18 4.69
N GLY E 594 -17.63 -50.80 5.14
CA GLY E 594 -17.37 -52.19 4.81
C GLY E 594 -15.89 -52.49 4.83
N ARG E 595 -15.58 -53.73 4.48
CA ARG E 595 -14.20 -54.11 4.20
C ARG E 595 -13.79 -53.51 2.86
N VAL E 596 -12.57 -52.99 2.80
CA VAL E 596 -12.04 -52.45 1.57
C VAL E 596 -11.55 -53.60 0.70
N GLU E 597 -12.12 -53.73 -0.49
CA GLU E 597 -11.63 -54.66 -1.49
C GLU E 597 -11.14 -53.88 -2.71
N LEU E 598 -9.99 -54.29 -3.22
CA LEU E 598 -9.38 -53.70 -4.40
C LEU E 598 -9.37 -54.73 -5.52
N LYS E 599 -9.64 -54.28 -6.74
CA LYS E 599 -9.48 -55.14 -7.92
C LYS E 599 -8.13 -54.86 -8.57
N THR E 600 -7.26 -55.86 -8.59
CA THR E 600 -6.01 -55.79 -9.32
C THR E 600 -5.85 -57.08 -10.12
N LEU E 601 -5.21 -56.95 -11.28
CA LEU E 601 -5.03 -58.08 -12.21
C LEU E 601 -6.36 -58.76 -12.52
N GLY E 602 -7.43 -57.97 -12.54
CA GLY E 602 -8.77 -58.47 -12.79
C GLY E 602 -9.46 -59.16 -11.63
N ALA E 603 -8.80 -59.32 -10.49
CA ALA E 603 -9.40 -60.03 -9.37
C ALA E 603 -9.57 -59.09 -8.19
N TRP E 604 -10.74 -59.17 -7.55
CA TRP E 604 -10.98 -58.49 -6.29
C TRP E 604 -10.32 -59.23 -5.12
N GLY E 605 -9.69 -58.47 -4.23
CA GLY E 605 -9.09 -59.02 -3.03
C GLY E 605 -9.08 -57.99 -1.91
N SER E 606 -9.04 -58.50 -0.67
CA SER E 606 -8.99 -57.61 0.48
C SER E 606 -7.63 -56.92 0.59
N LEU E 607 -7.65 -55.62 0.88
CA LEU E 607 -6.42 -54.87 1.14
C LEU E 607 -5.88 -55.15 2.53
N CYS E 608 -4.56 -55.27 2.63
CA CYS E 608 -3.91 -55.41 3.92
C CYS E 608 -3.91 -54.10 4.71
N ASN E 609 -4.09 -54.22 6.02
CA ASN E 609 -4.09 -53.09 6.94
C ASN E 609 -2.70 -52.77 7.51
N SER E 610 -1.63 -53.43 7.05
CA SER E 610 -0.33 -53.25 7.71
C SER E 610 0.15 -51.80 7.65
N HIS E 611 -0.26 -51.05 6.64
CA HIS E 611 0.05 -49.63 6.50
C HIS E 611 -1.28 -48.99 6.22
N TRP E 612 -2.03 -48.74 7.30
CA TRP E 612 -3.37 -48.20 7.22
C TRP E 612 -3.50 -47.10 8.26
N ASP E 613 -4.40 -46.15 7.99
CA ASP E 613 -4.61 -45.03 8.90
C ASP E 613 -5.89 -44.30 8.51
N ILE E 614 -6.17 -43.22 9.23
CA ILE E 614 -7.41 -42.47 9.02
C ILE E 614 -7.33 -41.58 7.78
N GLU E 615 -6.14 -41.14 7.40
CA GLU E 615 -5.98 -40.36 6.17
C GLU E 615 -6.27 -41.20 4.92
N ASP E 616 -5.72 -42.41 4.86
CA ASP E 616 -6.09 -43.34 3.80
C ASP E 616 -7.59 -43.59 3.76
N ALA E 617 -8.20 -43.84 4.93
CA ALA E 617 -9.64 -44.05 4.97
C ALA E 617 -10.40 -42.80 4.56
N HIS E 618 -9.86 -41.62 4.87
CA HIS E 618 -10.47 -40.36 4.48
C HIS E 618 -10.49 -40.22 2.96
N VAL E 619 -9.34 -40.47 2.33
CA VAL E 619 -9.24 -40.45 0.88
C VAL E 619 -10.21 -41.44 0.25
N LEU E 620 -10.31 -42.64 0.82
CA LEU E 620 -11.24 -43.64 0.32
C LEU E 620 -12.69 -43.18 0.44
N CYS E 621 -13.06 -42.63 1.59
CA CYS E 621 -14.41 -42.14 1.81
C CYS E 621 -14.74 -40.98 0.86
N GLN E 622 -13.78 -40.09 0.63
CA GLN E 622 -13.96 -38.97 -0.30
C GLN E 622 -14.13 -39.44 -1.74
N GLN E 623 -13.24 -40.32 -2.22
CA GLN E 623 -13.39 -40.83 -3.59
C GLN E 623 -14.74 -41.48 -3.80
N LEU E 624 -15.23 -42.21 -2.81
CA LEU E 624 -16.54 -42.84 -2.89
C LEU E 624 -17.67 -41.86 -2.61
N LYS E 625 -17.35 -40.57 -2.44
CA LYS E 625 -18.32 -39.53 -2.10
C LYS E 625 -19.09 -39.86 -0.83
N CYS E 626 -18.38 -40.42 0.15
CA CYS E 626 -18.99 -40.82 1.42
C CYS E 626 -18.58 -39.90 2.57
N GLY E 627 -18.00 -38.74 2.27
CA GLY E 627 -17.56 -37.83 3.31
C GLY E 627 -16.32 -38.32 4.01
N VAL E 628 -16.29 -38.16 5.34
CA VAL E 628 -15.13 -38.52 6.16
C VAL E 628 -15.26 -39.93 6.67
N ALA E 629 -14.10 -40.53 6.92
CA ALA E 629 -14.00 -41.79 7.63
C ALA E 629 -14.33 -41.57 9.10
N LEU E 630 -15.21 -42.41 9.64
CA LEU E 630 -15.59 -42.32 11.05
C LEU E 630 -14.78 -43.27 11.91
N SER E 631 -14.42 -44.44 11.39
CA SER E 631 -13.61 -45.38 12.14
C SER E 631 -12.99 -46.36 11.15
N THR E 632 -11.87 -46.94 11.57
CA THR E 632 -11.24 -48.06 10.89
C THR E 632 -11.27 -49.28 11.80
N PRO E 633 -12.40 -49.99 11.85
CA PRO E 633 -12.52 -51.13 12.76
C PRO E 633 -11.42 -52.15 12.49
N GLY E 634 -10.67 -52.49 13.54
CA GLY E 634 -9.74 -53.58 13.45
C GLY E 634 -10.44 -54.91 13.37
N GLY E 635 -9.81 -55.88 12.73
CA GLY E 635 -10.37 -57.20 12.64
C GLY E 635 -11.39 -57.30 11.51
N ALA E 636 -11.73 -58.55 11.19
CA ALA E 636 -12.67 -58.84 10.12
C ALA E 636 -14.10 -58.51 10.52
N ARG E 637 -14.32 -57.31 11.07
CA ARG E 637 -15.66 -56.92 11.51
C ARG E 637 -16.67 -57.02 10.38
N PHE E 638 -16.23 -56.77 9.14
CA PHE E 638 -17.07 -56.95 7.96
C PHE E 638 -16.77 -58.26 7.27
N GLY E 639 -16.13 -59.18 7.98
CA GLY E 639 -15.61 -60.41 7.44
C GLY E 639 -14.27 -60.23 6.75
N LYS E 640 -13.54 -61.35 6.66
CA LYS E 640 -12.21 -61.36 6.06
C LYS E 640 -12.27 -61.39 4.54
N GLY E 641 -13.40 -61.80 3.98
CA GLY E 641 -13.49 -62.14 2.58
C GLY E 641 -12.92 -63.52 2.30
N ASN E 642 -13.35 -64.09 1.18
CA ASN E 642 -12.92 -65.42 0.74
C ASN E 642 -11.81 -65.36 -0.30
N GLY E 643 -11.27 -64.18 -0.59
CA GLY E 643 -10.32 -64.00 -1.65
C GLY E 643 -8.89 -63.80 -1.17
N GLN E 644 -8.02 -63.54 -2.13
CA GLN E 644 -6.64 -63.17 -1.84
C GLN E 644 -6.60 -61.84 -1.10
N ILE E 645 -5.63 -61.70 -0.21
CA ILE E 645 -5.39 -60.44 0.48
C ILE E 645 -4.34 -59.68 -0.32
N TRP E 646 -4.71 -58.50 -0.80
CA TRP E 646 -3.77 -57.62 -1.47
C TRP E 646 -2.88 -56.94 -0.45
N ARG E 647 -1.57 -57.02 -0.68
CA ARG E 647 -0.57 -56.47 0.22
C ARG E 647 -0.04 -55.11 -0.26
N HIS E 648 -0.86 -54.37 -0.99
CA HIS E 648 -0.49 -53.03 -1.42
C HIS E 648 -0.49 -52.09 -0.23
N MET E 649 0.60 -51.36 -0.06
CA MET E 649 0.74 -50.33 0.97
C MET E 649 0.63 -48.97 0.30
N PHE E 650 -0.48 -48.29 0.56
CA PHE E 650 -0.63 -46.89 0.17
C PHE E 650 0.07 -45.98 1.15
N HIS E 651 0.53 -44.83 0.65
CA HIS E 651 1.25 -43.85 1.46
C HIS E 651 0.70 -42.45 1.17
N CYS E 652 -0.60 -42.29 1.40
CA CYS E 652 -1.28 -41.03 1.17
C CYS E 652 -0.86 -39.97 2.17
N THR E 653 -1.01 -38.71 1.76
CA THR E 653 -0.94 -37.57 2.66
C THR E 653 -2.30 -37.23 3.26
N GLY E 654 -3.37 -37.83 2.73
CA GLY E 654 -4.73 -37.55 3.11
C GLY E 654 -5.41 -36.45 2.33
N THR E 655 -4.69 -35.80 1.40
CA THR E 655 -5.25 -34.73 0.59
C THR E 655 -5.56 -35.17 -0.83
N GLU E 656 -5.13 -36.35 -1.24
CA GLU E 656 -5.41 -36.85 -2.57
C GLU E 656 -6.90 -37.11 -2.75
N GLN E 657 -7.37 -36.90 -3.98
CA GLN E 657 -8.76 -37.12 -4.32
C GLN E 657 -9.07 -38.58 -4.66
N HIS E 658 -8.07 -39.35 -5.10
CA HIS E 658 -8.30 -40.73 -5.48
C HIS E 658 -7.16 -41.61 -5.02
N MET E 659 -7.50 -42.86 -4.66
CA MET E 659 -6.48 -43.81 -4.23
C MET E 659 -5.45 -44.05 -5.32
N GLY E 660 -5.84 -43.94 -6.60
CA GLY E 660 -4.83 -44.10 -7.63
C GLY E 660 -3.87 -42.93 -7.74
N ASP E 661 -4.18 -41.82 -7.07
CA ASP E 661 -3.27 -40.69 -6.99
C ASP E 661 -2.27 -40.85 -5.85
N CYS E 662 -2.53 -41.77 -4.93
CA CYS E 662 -1.68 -42.07 -3.78
C CYS E 662 -0.48 -42.93 -4.21
N PRO E 663 0.69 -42.69 -3.62
CA PRO E 663 1.80 -43.64 -3.78
C PRO E 663 1.41 -45.05 -3.33
N VAL E 664 1.81 -46.04 -4.13
CA VAL E 664 1.51 -47.44 -3.88
C VAL E 664 2.82 -48.23 -3.90
N THR E 665 3.02 -49.08 -2.90
CA THR E 665 4.13 -50.04 -2.89
C THR E 665 3.56 -51.44 -2.75
N ALA E 666 3.92 -52.33 -3.66
CA ALA E 666 3.59 -53.74 -3.50
C ALA E 666 4.79 -54.68 -3.50
N LEU E 667 5.95 -54.26 -3.99
CA LEU E 667 7.12 -55.12 -3.98
C LEU E 667 7.58 -55.48 -2.58
N GLY E 668 7.81 -56.76 -2.33
CA GLY E 668 8.35 -57.23 -1.07
C GLY E 668 7.46 -57.09 0.15
N ALA E 669 6.21 -56.69 -0.02
CA ALA E 669 5.34 -56.45 1.13
C ALA E 669 5.17 -57.73 1.95
N SER E 670 5.23 -57.55 3.28
CA SER E 670 5.15 -58.65 4.22
C SER E 670 3.81 -59.38 4.11
N LEU E 671 3.82 -60.63 4.55
CA LEU E 671 2.60 -61.44 4.58
C LEU E 671 1.59 -60.83 5.55
N CYS E 672 0.38 -60.61 5.05
CA CYS E 672 -0.71 -60.06 5.84
C CYS E 672 -1.48 -61.17 6.55
N PRO E 673 -1.53 -61.19 7.88
CA PRO E 673 -2.39 -62.16 8.56
C PRO E 673 -3.85 -62.03 8.14
N SER E 674 -4.53 -63.18 8.12
CA SER E 674 -5.89 -63.26 7.61
C SER E 674 -6.89 -62.37 8.34
N GLU E 675 -6.57 -61.92 9.56
CA GLU E 675 -7.48 -61.09 10.33
C GLU E 675 -7.17 -59.61 10.24
N GLN E 676 -6.07 -59.24 9.57
CA GLN E 676 -5.62 -57.85 9.50
C GLN E 676 -6.05 -57.22 8.18
N VAL E 677 -7.38 -57.18 7.97
CA VAL E 677 -7.94 -56.60 6.75
C VAL E 677 -8.43 -55.18 7.01
N ALA E 678 -8.24 -54.31 6.02
CA ALA E 678 -8.67 -52.92 6.10
C ALA E 678 -10.19 -52.82 6.09
N SER E 679 -10.73 -51.90 6.91
CA SER E 679 -12.16 -51.66 6.90
C SER E 679 -12.41 -50.18 7.19
N VAL E 680 -13.57 -49.69 6.77
CA VAL E 680 -13.93 -48.28 6.96
C VAL E 680 -15.41 -48.12 7.23
N ILE E 681 -15.75 -47.11 8.04
CA ILE E 681 -17.10 -46.61 8.18
C ILE E 681 -17.04 -45.14 7.79
N CYS E 682 -17.69 -44.75 6.69
CA CYS E 682 -17.69 -43.33 6.41
C CYS E 682 -18.93 -42.65 6.97
N SER E 683 -18.85 -41.33 7.12
CA SER E 683 -20.01 -40.56 7.57
C SER E 683 -21.18 -40.64 6.61
N GLY E 684 -20.91 -40.79 5.31
CA GLY E 684 -21.89 -40.81 4.26
C GLY E 684 -22.56 -39.49 3.90
N ASN E 685 -22.20 -38.38 4.54
CA ASN E 685 -22.77 -37.07 4.22
C ASN E 685 -21.68 -36.10 3.78
N GLN E 686 -21.77 -35.64 2.53
CA GLN E 686 -20.78 -34.69 2.02
C GLN E 686 -20.82 -33.33 2.72
N SER E 687 -20.75 -33.30 4.05
CA SER E 687 -20.80 -32.03 4.79
C SER E 687 -19.88 -32.12 6.00
N GLN E 688 -19.35 -33.31 6.21
CA GLN E 688 -18.41 -33.65 7.27
C GLN E 688 -16.98 -33.53 6.73
N THR E 689 -16.19 -32.68 7.37
CA THR E 689 -14.78 -32.52 7.03
C THR E 689 -13.92 -32.99 8.21
N LEU E 690 -12.61 -32.75 8.11
CA LEU E 690 -11.71 -32.97 9.24
C LEU E 690 -12.10 -32.27 10.53
N GLN E 718 4.75 -30.69 8.09
CA GLN E 718 5.06 -31.72 7.11
C GLN E 718 6.54 -31.76 6.73
N LEU E 719 7.03 -32.97 6.45
CA LEU E 719 8.41 -33.25 6.06
C LEU E 719 8.42 -33.96 4.70
N ARG E 720 9.32 -33.55 3.81
CA ARG E 720 9.49 -34.25 2.54
C ARG E 720 10.95 -34.35 2.16
N LEU E 721 11.23 -35.33 1.29
CA LEU E 721 12.52 -35.52 0.65
C LEU E 721 12.44 -35.13 -0.82
N VAL E 722 13.38 -34.30 -1.25
CA VAL E 722 13.39 -33.75 -2.60
C VAL E 722 14.64 -34.24 -3.34
N ASN E 723 14.47 -34.50 -4.64
CA ASN E 723 15.57 -34.83 -5.55
C ASN E 723 16.26 -36.15 -5.22
N GLY E 724 15.66 -37.03 -4.42
CA GLY E 724 16.41 -38.25 -4.26
C GLY E 724 16.02 -39.38 -5.18
N GLY E 725 15.17 -39.12 -6.18
CA GLY E 725 14.77 -40.15 -7.09
C GLY E 725 13.76 -41.11 -6.51
N GLY E 726 13.28 -40.83 -5.32
CA GLY E 726 12.23 -41.63 -4.69
C GLY E 726 11.84 -40.97 -3.39
N ARG E 727 10.78 -41.51 -2.79
CA ARG E 727 10.26 -40.93 -1.56
C ARG E 727 11.25 -41.02 -0.41
N CYS E 728 12.21 -41.94 -0.47
CA CYS E 728 13.08 -42.23 0.65
C CYS E 728 14.52 -41.76 0.45
N ALA E 729 14.79 -40.90 -0.52
CA ALA E 729 16.09 -40.27 -0.56
C ALA E 729 15.99 -38.85 -1.07
N GLY E 730 16.85 -37.98 -0.55
CA GLY E 730 16.90 -36.63 -1.04
C GLY E 730 17.29 -35.66 0.04
N ARG E 731 17.33 -34.39 -0.35
CA ARG E 731 17.47 -33.31 0.60
C ARG E 731 16.22 -33.23 1.46
N VAL E 732 16.43 -33.07 2.76
CA VAL E 732 15.35 -32.99 3.72
C VAL E 732 14.82 -31.56 3.75
N GLU E 733 13.53 -31.40 3.46
CA GLU E 733 12.89 -30.09 3.57
C GLU E 733 11.67 -30.24 4.47
N ILE E 734 11.51 -29.28 5.38
CA ILE E 734 10.38 -29.31 6.30
C ILE E 734 9.49 -28.11 6.01
N TYR E 735 8.19 -28.35 5.90
CA TYR E 735 7.20 -27.29 5.87
C TYR E 735 6.84 -27.02 7.32
N HIS E 736 7.24 -25.83 7.79
CA HIS E 736 6.97 -25.32 9.13
C HIS E 736 6.73 -23.82 9.02
N GLU E 737 5.85 -23.31 9.88
CA GLU E 737 5.49 -21.89 9.92
C GLU E 737 5.21 -21.32 8.53
N GLY E 738 4.59 -22.13 7.68
CA GLY E 738 4.19 -21.68 6.36
C GLY E 738 5.28 -21.68 5.30
N SER E 739 6.48 -22.16 5.61
CA SER E 739 7.54 -22.18 4.61
C SER E 739 8.34 -23.48 4.70
N TRP E 740 8.85 -23.89 3.54
CA TRP E 740 9.82 -24.97 3.46
C TRP E 740 11.21 -24.47 3.87
N GLY E 741 11.92 -25.26 4.66
CA GLY E 741 13.28 -24.93 5.02
C GLY E 741 14.13 -26.17 5.21
N THR E 742 15.45 -25.95 5.26
CA THR E 742 16.43 -27.03 5.24
C THR E 742 16.98 -27.29 6.63
N ILE E 743 17.80 -28.33 6.75
CA ILE E 743 18.53 -28.63 7.96
C ILE E 743 20.03 -28.50 7.70
N CYS E 744 20.75 -27.91 8.65
CA CYS E 744 22.21 -27.84 8.59
C CYS E 744 22.85 -29.20 8.90
N ASP E 745 24.02 -29.44 8.30
CA ASP E 745 24.75 -30.67 8.56
C ASP E 745 25.58 -30.61 9.84
N ASP E 746 25.58 -29.47 10.54
CA ASP E 746 26.22 -29.38 11.85
C ASP E 746 25.55 -30.29 12.86
N SER E 747 26.35 -31.17 13.47
CA SER E 747 25.90 -32.27 14.33
C SER E 747 25.00 -33.29 13.63
N TRP E 748 24.84 -33.20 12.31
CA TRP E 748 23.97 -34.12 11.60
C TRP E 748 24.56 -35.53 11.68
N ASP E 749 23.87 -36.42 12.38
CA ASP E 749 24.38 -37.77 12.57
C ASP E 749 23.37 -38.82 12.10
N LEU E 750 23.76 -40.09 12.25
CA LEU E 750 22.92 -41.22 11.87
C LEU E 750 21.66 -41.34 12.72
N SER E 751 21.68 -40.86 13.97
CA SER E 751 20.48 -40.92 14.79
C SER E 751 19.42 -39.92 14.32
N ASP E 752 19.86 -38.74 13.89
CA ASP E 752 18.94 -37.78 13.31
C ASP E 752 18.36 -38.30 12.01
N ALA E 753 19.20 -38.82 11.13
CA ALA E 753 18.71 -39.43 9.90
C ALA E 753 17.77 -40.59 10.20
N HIS E 754 18.06 -41.35 11.25
CA HIS E 754 17.18 -42.44 11.64
C HIS E 754 15.82 -41.95 12.09
N VAL E 755 15.79 -40.82 12.79
CA VAL E 755 14.51 -40.20 13.16
C VAL E 755 13.74 -39.77 11.92
N VAL E 756 14.43 -39.15 10.96
CA VAL E 756 13.77 -38.75 9.72
C VAL E 756 13.23 -39.96 8.96
N CYS E 757 14.06 -40.98 8.76
CA CYS E 757 13.64 -42.17 8.02
C CYS E 757 12.48 -42.89 8.71
N ARG E 758 12.52 -43.02 10.03
CA ARG E 758 11.41 -43.61 10.76
C ARG E 758 10.13 -42.78 10.67
N GLN E 759 10.25 -41.45 10.79
CA GLN E 759 9.08 -40.59 10.72
C GLN E 759 8.37 -40.70 9.36
N LEU E 760 9.12 -40.93 8.29
CA LEU E 760 8.54 -41.10 6.97
C LEU E 760 8.20 -42.54 6.63
N GLY E 761 8.42 -43.47 7.56
CA GLY E 761 8.23 -44.87 7.24
C GLY E 761 9.20 -45.44 6.23
N CYS E 762 10.37 -44.83 6.07
CA CYS E 762 11.32 -45.22 5.05
C CYS E 762 12.32 -46.25 5.55
N GLY E 763 12.04 -46.87 6.70
CA GLY E 763 12.95 -47.84 7.28
C GLY E 763 14.14 -47.22 7.95
N GLU E 764 15.29 -47.88 7.83
CA GLU E 764 16.51 -47.43 8.50
C GLU E 764 17.25 -46.41 7.63
N ALA E 765 17.93 -45.49 8.29
CA ALA E 765 18.83 -44.59 7.60
C ALA E 765 20.08 -45.34 7.16
N ILE E 766 20.43 -45.21 5.88
CA ILE E 766 21.65 -45.81 5.38
C ILE E 766 22.77 -44.78 5.29
N ASN E 767 22.46 -43.54 4.90
CA ASN E 767 23.52 -42.54 4.80
C ASN E 767 22.94 -41.19 5.17
N ALA E 768 23.67 -40.47 6.02
CA ALA E 768 23.42 -39.06 6.34
C ALA E 768 24.44 -38.25 5.57
N THR E 769 24.02 -37.65 4.46
CA THR E 769 24.91 -36.92 3.59
C THR E 769 24.91 -35.46 4.00
N GLY E 770 26.09 -34.87 4.18
CA GLY E 770 26.22 -33.44 4.35
C GLY E 770 26.69 -32.72 3.11
N SER E 771 27.09 -31.47 3.31
CA SER E 771 27.76 -30.66 2.29
C SER E 771 26.96 -30.54 1.01
N ALA E 772 25.63 -30.42 1.15
CA ALA E 772 24.72 -30.27 0.01
C ALA E 772 24.90 -31.36 -1.04
N HIS E 773 25.07 -32.60 -0.59
CA HIS E 773 25.30 -33.71 -1.53
C HIS E 773 24.25 -33.75 -2.64
N PHE E 774 23.01 -33.38 -2.33
CA PHE E 774 21.92 -33.33 -3.30
C PHE E 774 21.71 -31.93 -3.86
N GLY E 775 22.70 -31.06 -3.74
CA GLY E 775 22.55 -29.67 -4.07
C GLY E 775 22.04 -28.85 -2.89
N GLU E 776 22.31 -27.54 -2.97
CA GLU E 776 21.84 -26.59 -1.98
C GLU E 776 20.32 -26.47 -2.01
N GLY E 777 19.72 -26.39 -0.82
CA GLY E 777 18.32 -26.09 -0.68
C GLY E 777 18.08 -24.60 -0.78
N THR E 778 16.82 -24.21 -0.55
CA THR E 778 16.45 -22.80 -0.60
C THR E 778 15.59 -22.44 0.62
N GLY E 779 15.79 -21.21 1.08
CA GLY E 779 15.00 -20.62 2.13
C GLY E 779 15.69 -20.65 3.49
N PRO E 780 14.89 -20.62 4.55
CA PRO E 780 15.46 -20.65 5.90
C PRO E 780 16.06 -22.00 6.25
N ILE E 781 17.09 -21.96 7.09
CA ILE E 781 17.52 -23.12 7.86
C ILE E 781 16.83 -23.02 9.22
N TRP E 782 15.91 -23.93 9.51
CA TRP E 782 15.06 -23.77 10.69
C TRP E 782 15.75 -24.23 11.96
N LEU E 783 16.48 -25.34 11.90
CA LEU E 783 17.06 -25.98 13.06
C LEU E 783 18.52 -26.31 12.77
N ASP E 784 19.34 -26.26 13.81
CA ASP E 784 20.77 -26.47 13.64
C ASP E 784 21.31 -27.13 14.90
N GLU E 785 22.45 -27.82 14.71
CA GLU E 785 23.12 -28.57 15.76
C GLU E 785 22.18 -29.59 16.42
N MET E 786 21.51 -30.35 15.57
CA MET E 786 20.56 -31.38 15.98
C MET E 786 21.25 -32.52 16.75
N LYS E 787 20.71 -32.87 17.92
CA LYS E 787 21.24 -33.93 18.76
C LYS E 787 20.08 -34.81 19.23
N CYS E 788 19.41 -35.43 18.28
CA CYS E 788 18.35 -36.37 18.58
C CYS E 788 18.93 -37.59 19.28
N ASN E 789 18.19 -38.12 20.26
CA ASN E 789 18.48 -39.42 20.84
C ASN E 789 17.94 -40.56 20.00
N GLY E 790 17.19 -40.26 18.96
CA GLY E 790 16.55 -41.23 18.10
C GLY E 790 15.23 -41.76 18.58
N LYS E 791 14.69 -41.23 19.69
CA LYS E 791 13.41 -41.69 20.20
C LYS E 791 12.33 -40.63 20.07
N GLU E 792 12.68 -39.41 19.68
CA GLU E 792 11.71 -38.34 19.54
C GLU E 792 10.77 -38.61 18.37
N SER E 793 9.48 -38.35 18.59
CA SER E 793 8.51 -38.55 17.53
C SER E 793 8.53 -37.43 16.50
N ARG E 794 9.05 -36.27 16.86
CA ARG E 794 9.08 -35.12 15.97
C ARG E 794 10.44 -34.43 16.06
N ILE E 795 10.92 -33.95 14.91
CA ILE E 795 12.26 -33.36 14.83
C ILE E 795 12.39 -32.15 15.77
N TRP E 796 11.33 -31.35 15.92
CA TRP E 796 11.44 -30.23 16.85
C TRP E 796 11.34 -30.64 18.31
N GLN E 797 11.15 -31.91 18.62
CA GLN E 797 11.30 -32.31 20.01
C GLN E 797 12.73 -32.66 20.36
N CYS E 798 13.60 -32.84 19.37
CA CYS E 798 15.01 -33.06 19.63
C CYS E 798 15.63 -31.78 20.20
N HIS E 799 16.69 -31.94 20.98
CA HIS E 799 17.45 -30.78 21.40
C HIS E 799 18.10 -30.09 20.22
N SER E 800 17.85 -28.80 20.07
CA SER E 800 18.43 -28.01 18.99
C SER E 800 18.70 -26.62 19.54
N HIS E 801 19.40 -25.80 18.76
CA HIS E 801 19.54 -24.41 19.14
C HIS E 801 18.22 -23.64 19.13
N GLY E 802 17.17 -24.19 18.54
CA GLY E 802 15.90 -23.52 18.44
C GLY E 802 15.63 -23.01 17.02
N TRP E 803 14.36 -22.74 16.75
CA TRP E 803 13.92 -22.35 15.42
C TRP E 803 14.59 -21.08 14.89
N GLY E 804 15.20 -21.20 13.72
CA GLY E 804 15.88 -20.17 12.96
C GLY E 804 17.19 -19.63 13.50
N GLN E 805 17.70 -20.09 14.64
CA GLN E 805 18.99 -19.60 15.12
C GLN E 805 20.07 -20.56 14.64
N GLN E 806 20.73 -20.18 13.54
CA GLN E 806 21.68 -21.02 12.85
C GLN E 806 22.71 -20.13 12.19
N ASN E 807 23.93 -20.67 12.00
CA ASN E 807 25.01 -19.96 11.33
C ASN E 807 25.43 -20.61 10.02
N CYS E 808 24.63 -21.54 9.50
CA CYS E 808 25.05 -22.31 8.34
C CYS E 808 24.60 -21.63 7.05
N ARG E 809 25.08 -22.16 5.92
CA ARG E 809 24.58 -21.80 4.60
C ARG E 809 24.12 -23.04 3.87
N HIS E 810 23.37 -22.82 2.78
CA HIS E 810 22.83 -23.94 2.02
C HIS E 810 23.88 -24.87 1.43
N LYS E 811 25.14 -24.45 1.31
CA LYS E 811 26.17 -25.42 0.96
C LYS E 811 26.35 -26.54 1.98
N GLU E 812 25.89 -26.36 3.22
CA GLU E 812 25.99 -27.41 4.23
C GLU E 812 24.65 -28.08 4.52
N ASP E 813 23.67 -27.93 3.64
CA ASP E 813 22.38 -28.57 3.88
C ASP E 813 22.50 -30.09 3.85
N ALA E 814 21.98 -30.72 4.89
CA ALA E 814 21.97 -32.17 5.06
C ALA E 814 20.87 -32.84 4.24
N GLY E 815 21.15 -34.07 3.83
CA GLY E 815 20.20 -34.89 3.11
C GLY E 815 20.34 -36.31 3.61
N VAL E 816 19.39 -37.15 3.23
CA VAL E 816 19.46 -38.55 3.65
C VAL E 816 19.17 -39.50 2.50
N ILE E 817 19.70 -40.71 2.61
CA ILE E 817 19.25 -41.86 1.82
C ILE E 817 18.94 -43.01 2.78
N CYS E 818 17.69 -43.48 2.76
CA CYS E 818 17.23 -44.55 3.61
C CYS E 818 17.23 -45.88 2.86
N SER E 819 17.01 -46.95 3.63
CA SER E 819 17.10 -48.32 3.13
C SER E 819 16.01 -48.67 2.13
N GLU E 820 14.85 -48.04 2.21
CA GLU E 820 13.79 -48.27 1.23
C GLU E 820 13.96 -47.49 -0.08
N PHE E 821 15.06 -46.79 -0.31
CA PHE E 821 15.31 -46.23 -1.62
C PHE E 821 15.57 -47.30 -2.67
N MET E 822 14.75 -47.31 -3.72
CA MET E 822 14.85 -48.25 -4.83
C MET E 822 15.22 -47.48 -6.10
N SER E 823 16.14 -48.05 -6.89
CA SER E 823 16.47 -47.45 -8.18
C SER E 823 16.69 -48.54 -9.23
N LEU E 824 16.44 -48.21 -10.49
CA LEU E 824 16.54 -49.17 -11.58
C LEU E 824 17.60 -48.73 -12.58
N ARG E 825 18.33 -49.69 -13.15
CA ARG E 825 19.24 -49.43 -14.26
C ARG E 825 19.38 -50.68 -15.11
N LEU E 826 19.88 -50.49 -16.32
CA LEU E 826 20.40 -51.56 -17.16
C LEU E 826 21.92 -51.44 -17.17
N THR E 827 22.60 -52.53 -16.84
CA THR E 827 24.05 -52.62 -16.91
C THR E 827 24.46 -53.49 -18.08
N SER E 828 25.29 -52.94 -18.96
CA SER E 828 25.91 -53.67 -20.06
C SER E 828 27.42 -53.59 -19.95
N GLU E 829 28.07 -54.72 -20.21
CA GLU E 829 29.53 -54.77 -20.29
C GLU E 829 30.05 -54.48 -21.70
N ALA E 830 29.20 -54.67 -22.72
CA ALA E 830 29.66 -54.71 -24.11
C ALA E 830 29.19 -53.51 -24.92
N SER E 831 28.24 -52.72 -24.42
CA SER E 831 27.65 -51.64 -25.16
C SER E 831 27.68 -50.38 -24.30
N ARG E 832 27.87 -49.23 -24.94
CA ARG E 832 27.56 -47.93 -24.35
C ARG E 832 26.07 -47.61 -24.32
N GLU E 833 25.19 -48.57 -24.64
CA GLU E 833 23.76 -48.29 -24.69
C GLU E 833 23.23 -48.34 -23.27
N ALA E 834 22.95 -47.16 -22.70
CA ALA E 834 22.45 -47.10 -21.33
C ALA E 834 21.10 -47.77 -21.17
N CYS E 835 20.38 -48.05 -22.25
CA CYS E 835 19.01 -48.53 -22.15
C CYS E 835 18.88 -49.96 -22.67
N ALA E 836 20.00 -50.66 -22.81
CA ALA E 836 19.99 -52.08 -23.12
C ALA E 836 21.05 -52.73 -22.23
N GLY E 837 20.67 -53.81 -21.59
CA GLY E 837 21.57 -54.51 -20.69
C GLY E 837 20.80 -55.46 -19.82
N ARG E 838 21.50 -55.98 -18.81
CA ARG E 838 20.85 -56.75 -17.77
C ARG E 838 20.20 -55.76 -16.80
N LEU E 839 18.95 -56.02 -16.44
CA LEU E 839 18.20 -55.16 -15.52
C LEU E 839 18.57 -55.41 -14.06
N GLU E 840 19.13 -54.38 -13.42
CA GLU E 840 19.51 -54.44 -12.02
C GLU E 840 18.76 -53.35 -11.26
N VAL E 841 18.29 -53.70 -10.07
CA VAL E 841 17.67 -52.75 -9.15
C VAL E 841 18.56 -52.60 -7.93
N PHE E 842 18.79 -51.36 -7.51
CA PHE E 842 19.36 -51.09 -6.21
C PHE E 842 18.23 -51.08 -5.20
N TYR E 843 18.37 -51.91 -4.17
CA TYR E 843 17.44 -51.97 -3.05
C TYR E 843 18.18 -52.47 -1.82
N ASN E 844 17.79 -51.93 -0.67
CA ASN E 844 18.38 -52.29 0.63
C ASN E 844 19.90 -52.29 0.54
N GLY E 845 20.43 -51.27 -0.14
CA GLY E 845 21.84 -51.04 -0.18
C GLY E 845 22.62 -51.81 -1.22
N ALA E 846 21.98 -52.66 -2.02
CA ALA E 846 22.74 -53.41 -3.01
C ALA E 846 22.00 -53.51 -4.33
N TRP E 847 22.77 -53.58 -5.41
CA TRP E 847 22.24 -53.88 -6.75
C TRP E 847 22.03 -55.37 -6.93
N GLY E 848 20.92 -55.73 -7.57
CA GLY E 848 20.72 -57.12 -7.95
C GLY E 848 19.91 -57.29 -9.22
N THR E 849 20.09 -58.45 -9.84
CA THR E 849 19.39 -58.78 -11.08
C THR E 849 17.92 -59.09 -10.82
N VAL E 850 17.11 -58.95 -11.86
CA VAL E 850 15.74 -59.46 -11.88
C VAL E 850 15.68 -60.78 -12.63
N GLY E 851 14.93 -61.73 -12.08
CA GLY E 851 14.80 -63.04 -12.70
C GLY E 851 13.90 -63.00 -13.92
N LYS E 852 14.30 -63.75 -14.96
CA LYS E 852 13.56 -63.75 -16.21
C LYS E 852 12.22 -64.47 -16.10
N SER E 853 12.07 -65.34 -15.10
CA SER E 853 10.87 -66.13 -14.93
C SER E 853 9.61 -65.25 -14.90
N SER E 854 8.60 -65.66 -15.67
CA SER E 854 7.31 -64.98 -15.80
C SER E 854 7.40 -63.54 -16.28
N MET E 855 8.56 -63.06 -16.71
CA MET E 855 8.65 -61.70 -17.22
C MET E 855 8.00 -61.67 -18.61
N SER E 856 7.07 -60.76 -18.80
CA SER E 856 6.32 -60.57 -20.05
C SER E 856 6.85 -59.43 -20.93
N GLU E 857 6.41 -59.48 -22.19
CA GLU E 857 6.62 -58.38 -23.13
C GLU E 857 5.99 -57.08 -22.65
N THR E 858 4.94 -57.18 -21.83
CA THR E 858 4.41 -55.97 -21.17
C THR E 858 5.48 -55.35 -20.30
N THR E 859 6.20 -56.17 -19.54
CA THR E 859 7.33 -55.72 -18.75
C THR E 859 8.40 -55.08 -19.64
N VAL E 860 8.67 -55.67 -20.80
CA VAL E 860 9.62 -55.07 -21.74
C VAL E 860 9.15 -53.71 -22.22
N GLY E 861 7.85 -53.58 -22.52
CA GLY E 861 7.30 -52.28 -22.85
C GLY E 861 7.49 -51.26 -21.75
N VAL E 862 7.26 -51.68 -20.50
CA VAL E 862 7.51 -50.83 -19.34
C VAL E 862 8.97 -50.39 -19.28
N VAL E 863 9.89 -51.33 -19.46
CA VAL E 863 11.32 -50.98 -19.43
C VAL E 863 11.66 -49.97 -20.53
N CYS E 864 11.21 -50.22 -21.76
CA CYS E 864 11.51 -49.32 -22.86
C CYS E 864 10.87 -47.94 -22.71
N ARG E 865 9.66 -47.87 -22.17
CA ARG E 865 9.05 -46.57 -21.88
C ARG E 865 9.77 -45.84 -20.77
N GLN E 866 10.05 -46.53 -19.66
CA GLN E 866 10.73 -45.91 -18.54
C GLN E 866 12.09 -45.35 -18.92
N LEU E 867 12.83 -46.03 -19.81
CA LEU E 867 14.10 -45.46 -20.25
C LEU E 867 13.96 -44.41 -21.35
N GLY E 868 12.75 -44.18 -21.85
CA GLY E 868 12.56 -43.26 -22.97
C GLY E 868 13.21 -43.64 -24.28
N CYS E 869 13.41 -44.93 -24.53
CA CYS E 869 14.10 -45.36 -25.74
C CYS E 869 13.15 -45.65 -26.90
N ALA E 870 12.16 -46.51 -26.69
CA ALA E 870 11.19 -46.83 -27.73
C ALA E 870 10.03 -47.57 -27.09
N ASP E 871 9.04 -47.91 -27.92
CA ASP E 871 7.90 -48.69 -27.47
C ASP E 871 8.20 -50.17 -27.27
N LYS E 872 9.15 -50.75 -28.01
CA LYS E 872 9.34 -52.19 -27.99
C LYS E 872 10.83 -52.52 -27.93
N GLY E 873 11.10 -53.80 -27.67
CA GLY E 873 12.45 -54.33 -27.71
C GLY E 873 12.41 -55.84 -27.60
N LYS E 874 13.59 -56.44 -27.74
CA LYS E 874 13.77 -57.89 -27.74
C LYS E 874 14.68 -58.30 -26.60
N ILE E 875 14.43 -59.50 -26.07
CA ILE E 875 15.32 -60.10 -25.08
C ILE E 875 16.45 -60.75 -25.83
N ASN E 876 17.67 -60.26 -25.62
CA ASN E 876 18.84 -60.86 -26.22
C ASN E 876 19.27 -62.10 -25.43
N PRO E 877 19.94 -63.04 -26.08
CA PRO E 877 20.64 -64.07 -25.29
C PRO E 877 21.72 -63.37 -24.50
N ALA E 878 21.87 -63.76 -23.24
CA ALA E 878 22.93 -63.18 -22.42
C ALA E 878 24.33 -63.52 -22.91
N SER E 879 25.20 -62.54 -22.77
CA SER E 879 26.62 -62.72 -23.06
C SER E 879 27.22 -63.60 -21.96
N LEU E 880 27.68 -64.79 -22.33
CA LEU E 880 28.27 -65.68 -21.34
C LEU E 880 29.58 -65.15 -20.73
N ASP E 881 30.21 -64.13 -21.34
CA ASP E 881 31.54 -63.71 -20.91
C ASP E 881 31.47 -62.78 -19.69
N LYS E 882 31.17 -63.36 -18.53
CA LYS E 882 31.05 -62.57 -17.30
C LYS E 882 31.53 -63.48 -16.18
N ALA E 883 32.58 -63.06 -15.48
CA ALA E 883 33.14 -63.85 -14.37
C ALA E 883 32.58 -63.51 -12.99
N MET E 884 31.27 -63.39 -12.80
CA MET E 884 30.81 -62.95 -11.47
C MET E 884 29.31 -63.15 -11.34
N SER E 885 28.92 -63.95 -10.34
CA SER E 885 27.55 -64.20 -9.92
C SER E 885 26.97 -63.03 -9.13
N ILE E 886 25.78 -62.56 -9.54
CA ILE E 886 25.15 -61.42 -8.89
C ILE E 886 23.95 -61.83 -8.03
N PRO E 887 23.75 -61.15 -6.89
CA PRO E 887 22.52 -61.33 -6.12
C PRO E 887 21.29 -60.96 -6.92
N MET E 888 20.30 -61.85 -6.92
CA MET E 888 18.97 -61.55 -7.42
C MET E 888 18.05 -61.34 -6.23
N TRP E 889 17.15 -60.35 -6.37
CA TRP E 889 16.22 -59.96 -5.31
C TRP E 889 14.81 -60.51 -5.51
N VAL E 890 14.33 -60.57 -6.77
CA VAL E 890 12.93 -60.88 -7.04
C VAL E 890 12.84 -61.50 -8.44
N ASP E 891 11.85 -62.38 -8.61
CA ASP E 891 11.54 -62.93 -9.92
C ASP E 891 10.02 -62.97 -10.09
N ASN E 892 9.60 -63.45 -11.27
CA ASN E 892 8.18 -63.61 -11.61
C ASN E 892 7.41 -62.30 -11.50
N VAL E 893 8.05 -61.19 -11.85
CA VAL E 893 7.38 -59.91 -11.75
C VAL E 893 6.38 -59.73 -12.90
N GLN E 894 5.09 -59.66 -12.58
CA GLN E 894 4.09 -59.51 -13.62
C GLN E 894 3.23 -58.28 -13.36
N CYS E 895 3.40 -57.27 -14.16
CA CYS E 895 2.65 -56.01 -14.26
C CYS E 895 1.67 -56.02 -15.42
N PRO E 896 0.44 -55.56 -15.18
CA PRO E 896 -0.46 -55.18 -16.28
C PRO E 896 0.10 -54.06 -17.14
N LYS E 897 -0.62 -53.83 -18.23
CA LYS E 897 -0.51 -52.61 -19.03
C LYS E 897 -1.08 -51.41 -18.28
N GLY E 898 -0.32 -50.30 -18.30
CA GLY E 898 -0.64 -49.09 -17.59
C GLY E 898 0.54 -48.56 -16.80
N PRO E 899 1.10 -49.34 -15.87
CA PRO E 899 2.23 -48.82 -15.07
C PRO E 899 3.38 -48.40 -15.97
N ASP E 900 4.03 -47.30 -15.59
CA ASP E 900 5.19 -46.75 -16.29
C ASP E 900 6.53 -47.22 -15.75
N THR E 901 6.58 -47.69 -14.51
CA THR E 901 7.82 -48.10 -13.87
C THR E 901 7.71 -49.54 -13.36
N LEU E 902 8.84 -50.26 -13.45
CA LEU E 902 8.89 -51.62 -12.95
C LEU E 902 8.56 -51.65 -11.46
N TRP E 903 8.79 -50.54 -10.77
CA TRP E 903 8.51 -50.49 -9.34
C TRP E 903 7.04 -50.74 -9.09
N GLN E 904 6.20 -50.39 -10.05
CA GLN E 904 4.76 -50.58 -9.97
C GLN E 904 4.33 -51.99 -10.35
N CYS E 905 5.25 -52.86 -10.78
CA CYS E 905 4.86 -54.17 -11.30
C CYS E 905 4.84 -55.19 -10.17
N PRO E 906 3.73 -55.90 -9.96
CA PRO E 906 3.70 -57.00 -8.97
C PRO E 906 4.76 -58.06 -9.22
N SER E 907 5.34 -58.57 -8.12
CA SER E 907 6.33 -59.64 -8.21
C SER E 907 6.28 -60.54 -6.99
N SER E 908 7.19 -61.52 -6.97
CA SER E 908 7.58 -62.26 -5.78
C SER E 908 8.19 -61.36 -4.70
N PRO E 909 8.15 -61.83 -3.44
CA PRO E 909 8.87 -61.15 -2.35
C PRO E 909 10.37 -61.04 -2.60
N TRP E 910 10.98 -60.09 -1.89
CA TRP E 910 12.43 -59.94 -1.84
C TRP E 910 13.11 -61.21 -1.33
N GLU E 911 13.96 -61.81 -2.16
CA GLU E 911 14.79 -62.94 -1.73
C GLU E 911 16.15 -62.79 -2.39
N LYS E 912 17.19 -62.59 -1.57
CA LYS E 912 18.58 -62.53 -2.01
C LYS E 912 19.12 -63.92 -2.32
N ARG E 913 19.22 -64.28 -3.59
CA ARG E 913 19.85 -65.53 -3.99
C ARG E 913 20.92 -65.24 -5.04
N LEU E 914 21.87 -66.16 -5.20
CA LEU E 914 22.84 -66.04 -6.28
C LEU E 914 22.18 -66.46 -7.60
N ALA E 915 22.17 -65.56 -8.59
CA ALA E 915 21.72 -65.97 -9.92
C ALA E 915 22.79 -66.78 -10.62
N SER E 916 22.37 -67.81 -11.33
CA SER E 916 23.18 -68.37 -12.41
C SER E 916 23.21 -67.43 -13.62
N PRO E 917 24.29 -67.46 -14.39
CA PRO E 917 24.35 -66.64 -15.62
C PRO E 917 23.20 -66.90 -16.58
N SER E 918 22.66 -68.12 -16.59
CA SER E 918 21.53 -68.46 -17.44
C SER E 918 20.23 -67.81 -16.97
N GLU E 919 20.13 -67.44 -15.69
CA GLU E 919 18.93 -66.78 -15.20
C GLU E 919 18.96 -65.26 -15.40
N GLU E 920 20.12 -64.69 -15.70
CA GLU E 920 20.20 -63.25 -15.92
C GLU E 920 19.36 -62.88 -17.14
N THR E 921 18.55 -61.84 -17.00
CA THR E 921 17.82 -61.28 -18.14
C THR E 921 18.66 -60.19 -18.79
N TRP E 922 19.12 -60.43 -20.01
CA TRP E 922 19.70 -59.38 -20.83
C TRP E 922 18.70 -58.99 -21.92
N ILE E 923 18.43 -57.70 -22.04
CA ILE E 923 17.52 -57.21 -23.06
C ILE E 923 18.19 -56.12 -23.88
N THR E 924 17.77 -55.99 -25.14
CA THR E 924 18.04 -54.78 -25.92
C THR E 924 16.71 -54.20 -26.36
N CYS E 925 16.43 -52.98 -25.89
CA CYS E 925 15.35 -52.18 -26.45
C CYS E 925 15.66 -51.75 -27.87
N ASP E 926 14.62 -51.66 -28.70
CA ASP E 926 14.76 -51.13 -30.05
C ASP E 926 15.21 -49.68 -30.02
CHA HEM F . -2.85 24.66 -8.89
CHB HEM F . -5.13 24.90 -4.64
CHC HEM F . -8.93 22.70 -6.64
CHD HEM F . -7.05 23.57 -10.99
C1A HEM F . -3.11 24.74 -7.55
C2A HEM F . -2.10 24.81 -6.53
C3A HEM F . -2.71 24.87 -5.35
C4A HEM F . -4.15 24.85 -5.59
CMA HEM F . -2.04 24.96 -3.96
CAA HEM F . -0.58 24.79 -6.79
CBA HEM F . 0.06 26.16 -6.65
CGA HEM F . 1.56 26.02 -6.81
O1A HEM F . 2.07 24.87 -6.76
O2A HEM F . 2.25 27.06 -6.98
C1B HEM F . -6.33 24.26 -4.80
C2B HEM F . -7.25 23.91 -3.73
C3B HEM F . -8.30 23.30 -4.29
C4B HEM F . -8.08 23.25 -5.71
CMB HEM F . -6.97 24.24 -2.25
CAB HEM F . -9.58 22.71 -3.63
CBB HEM F . -9.83 22.72 -2.32
C1C HEM F . -8.68 22.64 -7.98
C2C HEM F . -9.36 21.79 -8.94
C3C HEM F . -8.84 22.03 -10.14
C4C HEM F . -7.82 23.05 -9.99
CMC HEM F . -10.48 20.80 -8.54
CAC HEM F . -9.18 21.41 -11.53
CBC HEM F . -10.10 20.46 -11.74
C1D HEM F . -5.73 23.89 -10.83
C2D HEM F . -4.73 24.05 -11.88
C3D HEM F . -3.57 24.35 -11.29
C4D HEM F . -3.79 24.39 -9.86
CMD HEM F . -4.96 23.92 -13.40
CAD HEM F . -2.23 24.63 -12.00
CBD HEM F . -1.21 23.57 -11.58
CGD HEM F . 0.15 24.19 -11.44
O1D HEM F . 1.11 23.45 -11.10
O2D HEM F . 0.27 25.41 -11.68
NA HEM F . -4.34 24.77 -6.95
NB HEM F . -6.87 23.85 -5.99
NC HEM F . -7.75 23.40 -8.66
ND HEM F . -5.12 24.10 -9.61
FE HEM F . -6.03 24.01 -7.81
CHA HEM G . -40.23 5.14 -1.43
CHB HEM G . -36.64 3.84 -4.41
CHC HEM G . -34.97 8.34 -4.07
CHD HEM G . -39.16 9.75 -2.13
C1A HEM G . -39.47 4.43 -2.33
C2A HEM G . -39.81 3.15 -2.91
C3A HEM G . -38.82 2.79 -3.73
C4A HEM G . -37.82 3.83 -3.70
CMA HEM G . -38.72 1.49 -4.56
CAA HEM G . -41.10 2.35 -2.62
CBA HEM G . -42.06 2.41 -3.80
CGA HEM G . -43.46 2.06 -3.34
O1A HEM G . -44.34 1.82 -4.21
O2A HEM G . -43.69 2.04 -2.10
C1B HEM G . -35.75 4.89 -4.39
C2B HEM G . -34.31 4.86 -4.52
C3B HEM G . -33.86 6.11 -4.45
C4B HEM G . -35.00 6.98 -4.23
CMB HEM G . -33.38 3.67 -4.82
CAB HEM G . -32.37 6.50 -4.59
CBB HEM G . -31.95 7.77 -4.68
C1C HEM G . -35.93 9.08 -3.40
C2C HEM G . -35.70 10.38 -2.80
C3C HEM G . -36.86 10.78 -2.26
C4C HEM G . -37.85 9.75 -2.52
CMC HEM G . -34.34 11.09 -2.83
CAC HEM G . -37.20 12.08 -1.49
CBC HEM G . -36.33 13.06 -1.23
C1D HEM G . -39.77 8.63 -1.64
C2D HEM G . -40.83 8.56 -0.64
C3D HEM G . -41.12 7.28 -0.45
C4D HEM G . -40.25 6.50 -1.32
CMD HEM G . -41.51 9.74 0.08
CAD HEM G . -42.17 6.71 0.51
CBD HEM G . -43.59 6.93 -0.03
CGD HEM G . -44.54 6.82 1.12
O1D HEM G . -45.77 6.91 0.87
O2D HEM G . -44.08 6.66 2.28
NA HEM G . -38.25 4.82 -2.84
NB HEM G . -36.13 6.21 -4.18
NC HEM G . -37.24 8.72 -3.22
ND HEM G . -39.45 7.36 -2.02
FE HEM G . -37.73 6.78 -3.04
C1 NAG H . -20.96 26.63 -25.67
C2 NAG H . -22.27 25.94 -26.08
C3 NAG H . -22.34 25.77 -27.59
C4 NAG H . -22.07 27.09 -28.29
C5 NAG H . -20.72 27.64 -27.80
C6 NAG H . -20.33 28.96 -28.43
C7 NAG H . -23.07 24.45 -24.28
C8 NAG H . -23.06 23.02 -23.78
N2 NAG H . -22.39 24.66 -25.41
O3 NAG H . -23.62 25.27 -27.90
O4 NAG H . -22.06 26.83 -29.67
O5 NAG H . -20.77 27.82 -26.40
O6 NAG H . -21.18 29.98 -27.95
O7 NAG H . -23.68 25.33 -23.68
C1 NAG I . -27.43 59.06 -10.72
C2 NAG I . -28.87 59.52 -10.46
C3 NAG I . -28.92 61.03 -10.27
C4 NAG I . -27.91 61.47 -9.22
C5 NAG I . -26.52 60.94 -9.60
C6 NAG I . -25.43 61.31 -8.62
C7 NAG I . -30.86 58.40 -11.35
C8 NAG I . -31.62 58.08 -12.62
N2 NAG I . -29.73 59.11 -11.53
O3 NAG I . -30.23 61.38 -9.91
O4 NAG I . -27.93 62.88 -9.17
O5 NAG I . -26.58 59.53 -9.70
O6 NAG I . -25.82 60.92 -7.32
O7 NAG I . -31.26 58.03 -10.26
CA CA J . -16.21 56.55 19.40
CA CA K . 0.44 30.39 25.78
C1 NAG L . -1.65 8.80 37.74
C2 NAG L . -2.96 8.19 38.27
C3 NAG L . -2.98 8.20 39.80
C4 NAG L . -1.73 7.50 40.33
C5 NAG L . -0.50 8.18 39.71
C6 NAG L . 0.80 7.54 40.16
C7 NAG L . -4.90 8.44 36.75
C8 NAG L . -4.59 7.06 36.24
N2 NAG L . -4.08 8.90 37.71
O3 NAG L . -4.16 7.55 40.22
O4 NAG L . -1.75 7.62 41.73
O5 NAG L . -0.57 8.11 38.31
O6 NAG L . 0.78 6.17 39.85
O7 NAG L . -5.84 9.08 36.31
C1 NAG M . 49.76 -38.52 13.86
C2 NAG M . 49.31 -38.59 15.32
C3 NAG M . 50.28 -39.49 16.07
C4 NAG M . 50.25 -40.87 15.45
C5 NAG M . 50.51 -40.78 13.95
C6 NAG M . 50.33 -42.12 13.26
C7 NAG M . 48.07 -36.78 16.44
C8 NAG M . 46.86 -37.69 16.32
N2 NAG M . 49.21 -37.29 15.93
O3 NAG M . 49.90 -39.51 17.43
O4 NAG M . 51.23 -41.66 16.10
O5 NAG M . 49.66 -39.82 13.33
O6 NAG M . 49.11 -42.70 13.68
O7 NAG M . 47.99 -35.68 16.95
CA CA N . -46.61 -1.93 -17.96
C1 NAG O . 26.38 -45.52 3.14
C2 NAG O . 27.49 -45.33 2.11
C3 NAG O . 28.01 -46.71 1.69
C4 NAG O . 28.42 -47.52 2.91
C5 NAG O . 27.28 -47.54 3.92
C6 NAG O . 27.59 -48.27 5.21
C7 NAG O . 27.61 -43.51 0.45
C8 NAG O . 28.86 -43.07 1.16
N2 NAG O . 27.02 -44.60 0.96
O3 NAG O . 29.08 -46.51 0.80
O4 NAG O . 28.75 -48.80 2.45
O5 NAG O . 26.89 -46.22 4.25
O6 NAG O . 26.57 -48.06 6.15
O7 NAG O . 27.19 -42.91 -0.52
#